data_4YEU
#
_entry.id   4YEU
#
_cell.length_a   132.440
_cell.length_b   217.960
_cell.length_c   229.590
_cell.angle_alpha   90.00
_cell.angle_beta   90.00
_cell.angle_gamma   90.00
#
_symmetry.space_group_name_H-M   'C 2 2 21'
#
_entity_poly.entity_id   1
_entity_poly.type   'polypeptide(L)'
_entity_poly.pdbx_seq_one_letter_code
;PVDVSVSIFINKIYGVNTLEQTYKVDGYIVAQWTGKPRKTPGDKPLIVENTQIERWINNGLWVPALEFINVVGSPDTGNK
RLMLFPDGRVIYNARFLGSFSNDMDFRLFPFDRQQFVLELEPFSYNNQQLRFSDIQVYTENIDNEEIDEWWIRGKASTHI
SDIRYDHLSSVQPNQNEFSRITVRIDAVRNYFSYIPNIILPMLFILFISWTAFWSTSYEANVTLVVSTLIAHIAFNILVE
TNLPKTPYMTYTGAIIFMIYLFYFVAVIEVTVQHYLKVESQPARAASITRASRIAFPVVFLLANIILAFLFF
;
_entity_poly.pdbx_strand_id   A,B,C,D,E
#
# COMPACT_ATOMS: atom_id res chain seq x y z
N PRO A 1 -12.86 38.10 -27.25
CA PRO A 1 -12.75 37.46 -25.94
C PRO A 1 -14.10 36.98 -25.41
N VAL A 2 -14.27 35.65 -25.36
CA VAL A 2 -15.51 35.02 -24.89
C VAL A 2 -15.54 35.00 -23.35
N ASP A 3 -16.55 35.67 -22.76
CA ASP A 3 -16.72 35.75 -21.31
C ASP A 3 -17.29 34.46 -20.72
N VAL A 4 -16.56 33.86 -19.75
CA VAL A 4 -16.93 32.61 -19.08
C VAL A 4 -17.16 32.82 -17.58
N SER A 5 -18.36 32.48 -17.09
CA SER A 5 -18.73 32.56 -15.67
C SER A 5 -18.45 31.21 -15.04
N VAL A 6 -17.43 31.15 -14.16
CA VAL A 6 -17.03 29.91 -13.50
C VAL A 6 -17.42 29.88 -12.03
N SER A 7 -18.30 28.93 -11.67
CA SER A 7 -18.78 28.73 -10.31
C SER A 7 -18.40 27.32 -9.88
N ILE A 8 -17.46 27.21 -8.90
CA ILE A 8 -16.96 25.93 -8.40
C ILE A 8 -17.52 25.63 -7.00
N PHE A 9 -18.17 24.48 -6.85
CA PHE A 9 -18.75 24.01 -5.61
C PHE A 9 -17.76 23.09 -4.92
N ILE A 10 -17.58 23.24 -3.60
CA ILE A 10 -16.65 22.41 -2.83
C ILE A 10 -17.44 21.52 -1.87
N ASN A 11 -17.21 20.20 -1.98
CA ASN A 11 -17.88 19.19 -1.15
C ASN A 11 -16.95 18.63 -0.09
N LYS A 12 -15.76 18.15 -0.51
CA LYS A 12 -14.80 17.51 0.38
C LYS A 12 -13.36 17.92 0.03
N ILE A 13 -12.53 18.09 1.07
CA ILE A 13 -11.09 18.36 0.99
C ILE A 13 -10.52 17.34 1.99
N TYR A 14 -10.21 16.14 1.48
CA TYR A 14 -9.74 15.02 2.30
C TYR A 14 -8.39 14.46 1.89
N GLY A 15 -7.76 13.75 2.84
CA GLY A 15 -6.47 13.08 2.66
C GLY A 15 -5.32 14.02 2.35
N VAL A 16 -4.85 14.74 3.37
CA VAL A 16 -3.73 15.68 3.23
C VAL A 16 -2.42 14.93 3.43
N ASN A 17 -1.65 14.72 2.33
CA ASN A 17 -0.37 14.02 2.40
C ASN A 17 0.73 14.96 2.87
N THR A 18 1.47 14.52 3.90
CA THR A 18 2.55 15.26 4.54
C THR A 18 3.88 15.24 3.77
N LEU A 19 4.02 14.32 2.79
CA LEU A 19 5.24 14.17 1.99
C LEU A 19 5.13 14.87 0.63
N GLU A 20 4.15 14.46 -0.19
CA GLU A 20 3.94 14.96 -1.56
C GLU A 20 3.23 16.32 -1.61
N GLN A 21 2.74 16.82 -0.45
CA GLN A 21 2.01 18.09 -0.28
C GLN A 21 0.74 18.10 -1.18
N THR A 22 0.05 16.95 -1.19
CA THR A 22 -1.17 16.70 -1.97
C THR A 22 -2.41 16.56 -1.08
N TYR A 23 -3.60 16.80 -1.67
CA TYR A 23 -4.91 16.70 -1.02
C TYR A 23 -6.00 16.49 -2.07
N LYS A 24 -6.92 15.54 -1.80
CA LYS A 24 -8.02 15.21 -2.71
C LYS A 24 -9.20 16.16 -2.52
N VAL A 25 -9.70 16.75 -3.63
CA VAL A 25 -10.82 17.69 -3.60
C VAL A 25 -11.97 17.21 -4.49
N ASP A 26 -13.18 17.16 -3.92
CA ASP A 26 -14.39 16.76 -4.63
C ASP A 26 -15.41 17.90 -4.65
N GLY A 27 -16.17 17.97 -5.74
CA GLY A 27 -17.22 18.96 -5.95
C GLY A 27 -17.76 19.00 -7.37
N TYR A 28 -18.23 20.18 -7.80
CA TYR A 28 -18.80 20.40 -9.11
C TYR A 28 -18.23 21.66 -9.75
N ILE A 29 -18.16 21.68 -11.09
CA ILE A 29 -17.67 22.84 -11.85
C ILE A 29 -18.74 23.34 -12.84
N VAL A 30 -19.08 24.64 -12.77
CA VAL A 30 -20.09 25.27 -13.62
C VAL A 30 -19.46 26.36 -14.51
N ALA A 31 -19.58 26.21 -15.84
CA ALA A 31 -19.05 27.18 -16.82
C ALA A 31 -20.15 27.72 -17.73
N GLN A 32 -20.66 28.92 -17.41
CA GLN A 32 -21.71 29.60 -18.18
C GLN A 32 -21.09 30.67 -19.10
N TRP A 33 -20.93 30.31 -20.38
CA TRP A 33 -20.36 31.19 -21.41
C TRP A 33 -21.36 31.47 -22.52
N THR A 34 -21.37 32.71 -23.02
CA THR A 34 -22.28 33.14 -24.07
C THR A 34 -21.73 32.72 -25.43
N GLY A 35 -22.37 31.70 -26.01
CA GLY A 35 -21.98 31.15 -27.31
C GLY A 35 -22.61 31.87 -28.47
N LYS A 36 -23.33 31.11 -29.34
CA LYS A 36 -24.02 31.61 -30.53
C LYS A 36 -25.48 31.13 -30.51
N PRO A 37 -26.48 31.93 -30.98
CA PRO A 37 -27.88 31.46 -30.92
C PRO A 37 -28.18 30.22 -31.76
N ARG A 38 -28.84 29.22 -31.15
CA ARG A 38 -29.22 27.94 -31.76
C ARG A 38 -30.69 27.62 -31.52
N LYS A 39 -31.27 26.70 -32.30
CA LYS A 39 -32.68 26.33 -32.12
C LYS A 39 -32.84 25.04 -31.32
N THR A 40 -33.50 25.16 -30.16
CA THR A 40 -33.79 24.07 -29.23
C THR A 40 -35.22 23.57 -29.50
N PRO A 41 -35.56 22.28 -29.21
CA PRO A 41 -36.93 21.82 -29.46
C PRO A 41 -37.96 22.63 -28.66
N GLY A 42 -38.58 23.58 -29.36
CA GLY A 42 -39.56 24.50 -28.78
C GLY A 42 -38.88 25.71 -28.18
N ASP A 43 -39.26 26.06 -26.95
CA ASP A 43 -38.70 27.19 -26.21
C ASP A 43 -37.71 26.74 -25.14
N LYS A 44 -37.99 25.57 -24.53
CA LYS A 44 -37.18 24.95 -23.46
C LYS A 44 -35.74 24.65 -23.91
N PRO A 45 -34.71 24.94 -23.07
CA PRO A 45 -33.32 24.66 -23.49
C PRO A 45 -33.00 23.17 -23.48
N LEU A 46 -32.17 22.73 -24.45
CA LEU A 46 -31.75 21.33 -24.60
C LEU A 46 -30.79 20.89 -23.49
N ILE A 47 -30.98 19.67 -22.98
CA ILE A 47 -30.14 19.09 -21.93
C ILE A 47 -29.36 17.92 -22.55
N VAL A 48 -28.02 18.08 -22.66
CA VAL A 48 -27.13 17.09 -23.26
C VAL A 48 -26.26 16.41 -22.18
N GLU A 49 -26.16 15.07 -22.23
CA GLU A 49 -25.37 14.26 -21.29
C GLU A 49 -23.98 13.87 -21.84
N ASN A 50 -23.07 13.43 -20.93
CA ASN A 50 -21.67 13.04 -21.17
C ASN A 50 -21.33 12.29 -22.48
N THR A 51 -22.09 11.24 -22.84
CA THR A 51 -21.87 10.45 -24.04
C THR A 51 -22.19 11.24 -25.32
N GLN A 52 -23.26 12.05 -25.27
CA GLN A 52 -23.73 12.87 -26.39
C GLN A 52 -23.00 14.21 -26.54
N ILE A 53 -22.21 14.61 -25.52
CA ILE A 53 -21.44 15.86 -25.53
C ILE A 53 -20.40 15.89 -26.65
N GLU A 54 -19.68 14.76 -26.84
CA GLU A 54 -18.68 14.60 -27.89
C GLU A 54 -19.30 14.61 -29.29
N ARG A 55 -20.56 14.12 -29.41
CA ARG A 55 -21.32 14.10 -30.66
C ARG A 55 -21.63 15.51 -31.16
N TRP A 56 -21.87 16.44 -30.22
CA TRP A 56 -22.17 17.83 -30.54
C TRP A 56 -20.97 18.58 -31.09
N ILE A 57 -19.77 18.36 -30.50
CA ILE A 57 -18.51 18.98 -30.92
C ILE A 57 -18.17 18.63 -32.39
N ASN A 58 -18.47 17.38 -32.81
CA ASN A 58 -18.25 16.88 -34.17
C ASN A 58 -19.11 17.64 -35.19
N ASN A 59 -20.36 17.98 -34.81
CA ASN A 59 -21.32 18.72 -35.65
C ASN A 59 -20.92 20.19 -35.84
N GLY A 60 -20.16 20.73 -34.89
CA GLY A 60 -19.68 22.12 -34.92
C GLY A 60 -20.02 22.94 -33.69
N LEU A 61 -19.99 22.30 -32.51
CA LEU A 61 -20.29 22.96 -31.23
C LEU A 61 -19.00 23.20 -30.45
N TRP A 62 -18.84 24.44 -29.96
CA TRP A 62 -17.68 24.85 -29.17
C TRP A 62 -17.73 24.30 -27.75
N VAL A 63 -16.58 23.84 -27.26
CA VAL A 63 -16.36 23.37 -25.88
C VAL A 63 -14.96 23.85 -25.50
N PRO A 64 -14.81 24.79 -24.55
CA PRO A 64 -13.46 25.27 -24.21
C PRO A 64 -12.69 24.34 -23.28
N ALA A 65 -11.38 24.22 -23.50
CA ALA A 65 -10.49 23.36 -22.72
C ALA A 65 -10.07 23.99 -21.39
N LEU A 66 -10.91 23.84 -20.35
CA LEU A 66 -10.61 24.37 -19.02
C LEU A 66 -9.95 23.29 -18.14
N GLU A 67 -8.61 23.37 -18.01
CA GLU A 67 -7.76 22.45 -17.25
C GLU A 67 -7.27 23.07 -15.94
N PHE A 68 -7.19 22.26 -14.88
CA PHE A 68 -6.66 22.66 -13.59
C PHE A 68 -5.15 22.69 -13.72
N ILE A 69 -4.52 23.82 -13.35
CA ILE A 69 -3.07 24.00 -13.43
C ILE A 69 -2.32 23.18 -12.38
N ASN A 70 -2.82 23.19 -11.13
CA ASN A 70 -2.22 22.48 -10.00
C ASN A 70 -2.73 21.04 -9.79
N VAL A 71 -3.38 20.42 -10.80
CA VAL A 71 -3.86 19.04 -10.69
C VAL A 71 -2.75 18.00 -10.90
N VAL A 72 -2.65 17.04 -9.97
CA VAL A 72 -1.68 15.96 -10.03
C VAL A 72 -2.38 14.80 -10.71
N GLY A 73 -1.95 14.52 -11.93
CA GLY A 73 -2.53 13.49 -12.78
C GLY A 73 -3.88 13.93 -13.31
N SER A 74 -4.50 13.08 -14.14
CA SER A 74 -5.81 13.40 -14.70
C SER A 74 -6.88 13.24 -13.61
N PRO A 75 -7.65 14.30 -13.30
CA PRO A 75 -8.69 14.17 -12.26
C PRO A 75 -9.90 13.38 -12.76
N ASP A 76 -10.64 12.76 -11.84
CA ASP A 76 -11.81 11.96 -12.18
C ASP A 76 -13.08 12.78 -12.41
N THR A 77 -13.46 12.93 -13.69
CA THR A 77 -14.67 13.64 -14.09
C THR A 77 -15.77 12.57 -14.14
N GLY A 78 -16.77 12.72 -13.26
CA GLY A 78 -17.89 11.79 -13.17
C GLY A 78 -18.85 11.92 -14.34
N ASN A 79 -19.93 12.67 -14.13
CA ASN A 79 -20.94 12.92 -15.16
C ASN A 79 -20.85 14.36 -15.58
N LYS A 80 -20.68 14.60 -16.88
CA LYS A 80 -20.65 15.97 -17.41
C LYS A 80 -21.91 16.27 -18.19
N ARG A 81 -22.43 17.50 -18.06
CA ARG A 81 -23.68 17.93 -18.70
C ARG A 81 -23.58 19.31 -19.34
N LEU A 82 -23.98 19.42 -20.62
CA LEU A 82 -24.03 20.67 -21.37
C LEU A 82 -25.48 21.09 -21.52
N MET A 83 -25.77 22.34 -21.16
CA MET A 83 -27.12 22.90 -21.27
C MET A 83 -27.17 23.99 -22.35
N LEU A 84 -27.54 23.59 -23.58
CA LEU A 84 -27.63 24.48 -24.73
C LEU A 84 -28.92 25.31 -24.68
N PHE A 85 -28.78 26.64 -24.58
CA PHE A 85 -29.91 27.57 -24.51
C PHE A 85 -30.29 28.09 -25.90
N PRO A 86 -31.59 28.34 -26.19
CA PRO A 86 -31.96 28.86 -27.52
C PRO A 86 -31.43 30.26 -27.82
N ASP A 87 -31.24 31.07 -26.76
CA ASP A 87 -30.72 32.44 -26.86
C ASP A 87 -29.25 32.50 -27.30
N GLY A 88 -28.43 31.56 -26.80
CA GLY A 88 -27.02 31.49 -27.15
C GLY A 88 -26.09 30.88 -26.12
N ARG A 89 -26.26 31.29 -24.83
CA ARG A 89 -25.43 30.83 -23.72
C ARG A 89 -25.45 29.32 -23.49
N VAL A 90 -24.36 28.76 -22.95
CA VAL A 90 -24.21 27.32 -22.68
C VAL A 90 -23.67 27.12 -21.25
N ILE A 91 -24.38 26.32 -20.43
CA ILE A 91 -24.01 26.01 -19.05
C ILE A 91 -23.43 24.59 -18.98
N TYR A 92 -22.16 24.48 -18.55
CA TYR A 92 -21.44 23.22 -18.42
C TYR A 92 -21.27 22.82 -16.96
N ASN A 93 -21.93 21.74 -16.55
CA ASN A 93 -21.89 21.20 -15.19
C ASN A 93 -21.18 19.84 -15.18
N ALA A 94 -20.09 19.70 -14.39
CA ALA A 94 -19.31 18.47 -14.29
C ALA A 94 -18.80 18.19 -12.87
N ARG A 95 -18.99 16.95 -12.39
CA ARG A 95 -18.51 16.51 -11.07
C ARG A 95 -17.06 16.09 -11.18
N PHE A 96 -16.20 16.56 -10.26
CA PHE A 96 -14.77 16.25 -10.28
C PHE A 96 -14.21 15.78 -8.95
N LEU A 97 -13.21 14.90 -9.00
CA LEU A 97 -12.49 14.36 -7.85
C LEU A 97 -11.04 14.11 -8.27
N GLY A 98 -10.14 14.97 -7.82
CA GLY A 98 -8.73 14.86 -8.17
C GLY A 98 -7.78 15.32 -7.08
N SER A 99 -6.48 15.10 -7.32
CA SER A 99 -5.39 15.46 -6.41
C SER A 99 -4.81 16.82 -6.80
N PHE A 100 -4.59 17.69 -5.82
CA PHE A 100 -4.05 19.04 -6.04
C PHE A 100 -2.81 19.33 -5.23
N SER A 101 -1.77 19.89 -5.90
CA SER A 101 -0.49 20.24 -5.30
C SER A 101 -0.42 21.71 -4.95
N ASN A 102 0.12 22.01 -3.76
CA ASN A 102 0.31 23.35 -3.22
C ASN A 102 1.42 23.27 -2.19
N ASP A 103 2.29 24.30 -2.14
CA ASP A 103 3.38 24.37 -1.19
C ASP A 103 2.86 24.46 0.25
N MET A 104 3.20 23.45 1.06
CA MET A 104 2.73 23.35 2.44
C MET A 104 3.85 23.49 3.46
N ASP A 105 3.56 24.19 4.55
CA ASP A 105 4.50 24.41 5.64
C ASP A 105 4.03 23.70 6.90
N PHE A 106 4.66 22.55 7.19
CA PHE A 106 4.35 21.71 8.35
C PHE A 106 5.27 22.01 9.55
N ARG A 107 6.10 23.07 9.45
CA ARG A 107 7.07 23.52 10.47
C ARG A 107 6.52 23.53 11.90
N LEU A 108 5.26 23.92 12.04
CA LEU A 108 4.58 24.00 13.32
C LEU A 108 3.34 23.11 13.29
N PHE A 109 3.55 21.78 13.34
CA PHE A 109 2.49 20.78 13.29
C PHE A 109 1.42 20.84 14.39
N PRO A 110 1.76 20.92 15.70
CA PRO A 110 0.70 20.92 16.73
C PRO A 110 -0.36 22.00 16.59
N PHE A 111 0.00 23.12 15.94
CA PHE A 111 -0.89 24.25 15.70
C PHE A 111 -0.67 24.67 14.23
N ASP A 112 -0.98 23.73 13.32
CA ASP A 112 -0.80 23.83 11.87
C ASP A 112 -1.68 24.90 11.21
N ARG A 113 -1.08 25.61 10.22
CA ARG A 113 -1.73 26.63 9.40
C ARG A 113 -1.53 26.24 7.93
N GLN A 114 -2.62 25.94 7.22
CA GLN A 114 -2.54 25.50 5.83
C GLN A 114 -3.55 26.14 4.90
N GLN A 115 -3.16 26.31 3.62
CA GLN A 115 -3.98 26.90 2.56
C GLN A 115 -4.17 25.87 1.43
N PHE A 116 -5.43 25.60 1.07
CA PHE A 116 -5.78 24.67 -0.01
C PHE A 116 -6.11 25.47 -1.25
N VAL A 117 -5.22 25.43 -2.25
CA VAL A 117 -5.33 26.21 -3.48
C VAL A 117 -5.79 25.38 -4.69
N LEU A 118 -6.67 25.96 -5.53
CA LEU A 118 -7.16 25.38 -6.76
C LEU A 118 -7.06 26.42 -7.87
N GLU A 119 -6.38 26.07 -8.96
CA GLU A 119 -6.16 26.96 -10.11
C GLU A 119 -6.72 26.41 -11.42
N LEU A 120 -7.41 27.26 -12.20
CA LEU A 120 -7.99 26.91 -13.50
C LEU A 120 -7.64 27.93 -14.56
N GLU A 121 -7.06 27.46 -15.66
CA GLU A 121 -6.65 28.27 -16.80
C GLU A 121 -7.01 27.50 -18.09
N PRO A 122 -7.67 28.14 -19.08
CA PRO A 122 -7.98 27.43 -20.32
C PRO A 122 -6.70 26.98 -21.03
N PHE A 123 -6.56 25.65 -21.21
CA PHE A 123 -5.40 24.98 -21.81
C PHE A 123 -5.03 25.44 -23.22
N SER A 124 -6.02 25.89 -23.99
CA SER A 124 -5.83 26.31 -25.37
C SER A 124 -6.19 27.76 -25.72
N TYR A 125 -6.96 28.46 -24.86
CA TYR A 125 -7.41 29.82 -25.14
C TYR A 125 -6.97 30.92 -24.17
N ASN A 126 -6.22 31.91 -24.70
CA ASN A 126 -5.67 33.06 -23.97
C ASN A 126 -6.56 34.31 -24.05
N ASN A 127 -7.03 34.66 -25.27
CA ASN A 127 -7.93 35.79 -25.51
C ASN A 127 -9.36 35.30 -25.45
N GLN A 128 -9.70 34.74 -24.28
CA GLN A 128 -10.97 34.16 -23.86
C GLN A 128 -11.00 34.35 -22.35
N GLN A 129 -11.49 35.51 -21.92
CA GLN A 129 -11.59 36.01 -20.55
C GLN A 129 -12.49 35.17 -19.64
N LEU A 130 -12.09 35.03 -18.36
CA LEU A 130 -12.87 34.35 -17.34
C LEU A 130 -13.54 35.47 -16.54
N ARG A 131 -14.87 35.63 -16.74
CA ARG A 131 -15.72 36.66 -16.14
C ARG A 131 -15.65 36.76 -14.62
N PHE A 132 -16.32 35.85 -13.88
CA PHE A 132 -16.30 35.85 -12.41
C PHE A 132 -16.21 34.47 -11.77
N SER A 133 -15.38 34.37 -10.72
CA SER A 133 -15.16 33.15 -9.95
C SER A 133 -16.06 33.12 -8.71
N ASP A 134 -16.64 31.96 -8.41
CA ASP A 134 -17.52 31.76 -7.25
C ASP A 134 -17.22 30.44 -6.56
N ILE A 135 -16.87 30.51 -5.25
CA ILE A 135 -16.55 29.32 -4.46
C ILE A 135 -17.64 29.07 -3.43
N GLN A 136 -18.30 27.91 -3.53
CA GLN A 136 -19.40 27.56 -2.65
C GLN A 136 -19.03 26.42 -1.68
N VAL A 137 -18.13 26.73 -0.71
CA VAL A 137 -17.72 25.79 0.33
C VAL A 137 -18.79 25.79 1.44
N TYR A 138 -20.02 25.42 1.06
CA TYR A 138 -21.18 25.37 1.94
C TYR A 138 -21.25 24.16 2.88
N THR A 139 -20.17 23.35 2.88
CA THR A 139 -20.02 22.19 3.77
C THR A 139 -19.62 22.78 5.14
N GLU A 140 -20.61 22.88 6.05
CA GLU A 140 -20.53 23.49 7.37
C GLU A 140 -19.41 23.02 8.29
N ASN A 141 -18.55 23.97 8.69
CA ASN A 141 -17.37 23.80 9.53
C ASN A 141 -17.68 23.75 11.03
N ILE A 142 -18.50 24.70 11.54
CA ILE A 142 -18.90 24.81 12.95
C ILE A 142 -19.93 23.72 13.33
N ASP A 143 -20.46 23.00 12.31
CA ASP A 143 -21.43 21.90 12.45
C ASP A 143 -20.80 20.75 13.27
N ASN A 144 -19.62 20.26 12.85
CA ASN A 144 -18.87 19.19 13.52
C ASN A 144 -17.36 19.51 13.53
N GLU A 145 -16.95 20.46 14.40
CA GLU A 145 -15.56 20.89 14.54
C GLU A 145 -14.64 19.77 15.04
N GLU A 146 -15.15 18.91 15.95
CA GLU A 146 -14.40 17.77 16.48
C GLU A 146 -14.25 16.67 15.42
N ILE A 147 -15.33 16.41 14.64
CA ILE A 147 -15.35 15.39 13.56
C ILE A 147 -14.47 15.82 12.36
N ASP A 148 -14.53 17.10 11.96
CA ASP A 148 -13.71 17.63 10.86
C ASP A 148 -12.25 17.73 11.27
N GLU A 149 -11.34 17.19 10.43
CA GLU A 149 -9.91 17.21 10.67
C GLU A 149 -9.36 18.64 10.57
N TRP A 150 -9.88 19.43 9.62
CA TRP A 150 -9.48 20.80 9.41
C TRP A 150 -10.65 21.74 9.67
N TRP A 151 -10.42 22.80 10.47
CA TRP A 151 -11.44 23.80 10.77
C TRP A 151 -11.48 24.80 9.63
N ILE A 152 -12.46 24.67 8.69
CA ILE A 152 -12.61 25.55 7.52
C ILE A 152 -12.85 26.99 8.01
N ARG A 153 -11.89 27.87 7.78
CA ARG A 153 -11.98 29.28 8.18
C ARG A 153 -12.05 30.15 6.93
N GLY A 154 -13.16 30.86 6.79
CA GLY A 154 -13.42 31.72 5.64
C GLY A 154 -13.99 30.95 4.47
N LYS A 155 -14.96 31.57 3.76
CA LYS A 155 -15.60 30.98 2.59
C LYS A 155 -14.75 31.16 1.33
N ALA A 156 -13.46 30.73 1.42
CA ALA A 156 -12.43 30.78 0.37
C ALA A 156 -12.04 32.18 -0.12
N SER A 157 -10.97 32.24 -0.93
CA SER A 157 -10.46 33.49 -1.48
C SER A 157 -10.52 33.52 -3.02
N THR A 158 -11.46 34.31 -3.56
CA THR A 158 -11.67 34.52 -4.99
C THR A 158 -10.54 35.41 -5.52
N HIS A 159 -9.90 34.98 -6.61
CA HIS A 159 -8.79 35.72 -7.22
C HIS A 159 -8.73 35.41 -8.72
N ILE A 160 -8.95 36.42 -9.57
CA ILE A 160 -8.89 36.27 -11.03
C ILE A 160 -7.71 37.11 -11.52
N SER A 161 -6.76 36.46 -12.23
CA SER A 161 -5.54 37.10 -12.72
C SER A 161 -5.13 36.67 -14.13
N ASP A 162 -4.42 37.57 -14.84
CA ASP A 162 -3.89 37.34 -16.20
C ASP A 162 -2.45 36.84 -16.10
N ILE A 163 -2.25 35.52 -16.23
CA ILE A 163 -0.94 34.89 -16.15
C ILE A 163 -0.17 35.08 -17.45
N ARG A 164 1.00 35.71 -17.34
CA ARG A 164 1.88 36.00 -18.46
C ARG A 164 2.92 34.90 -18.63
N TYR A 165 3.03 34.38 -19.85
CA TYR A 165 3.99 33.33 -20.19
C TYR A 165 5.16 33.90 -20.99
N ASP A 166 6.31 33.20 -20.99
CA ASP A 166 7.51 33.63 -21.71
C ASP A 166 7.80 32.75 -22.93
N HIS A 167 7.92 31.43 -22.71
CA HIS A 167 8.21 30.46 -23.76
C HIS A 167 6.93 29.95 -24.40
N LEU A 168 6.60 30.49 -25.58
CA LEU A 168 5.41 30.15 -26.36
C LEU A 168 5.77 29.95 -27.85
N SER A 169 4.79 30.16 -28.76
CA SER A 169 4.96 30.01 -30.21
C SER A 169 5.70 31.20 -30.86
N SER A 170 5.39 31.49 -32.13
CA SER A 170 5.99 32.60 -32.87
C SER A 170 5.17 33.88 -32.67
N VAL A 171 3.83 33.76 -32.74
CA VAL A 171 2.87 34.84 -32.58
C VAL A 171 2.47 35.09 -31.11
N GLN A 172 3.18 36.02 -30.44
CA GLN A 172 2.88 36.37 -29.04
C GLN A 172 2.87 37.90 -28.76
N PRO A 173 2.46 38.83 -29.66
CA PRO A 173 2.48 40.26 -29.29
C PRO A 173 1.43 40.61 -28.24
N ASN A 174 0.44 39.70 -28.06
CA ASN A 174 -0.68 39.78 -27.13
C ASN A 174 -1.41 38.43 -27.06
N GLN A 175 -0.64 37.32 -26.95
CA GLN A 175 -1.17 35.95 -26.87
C GLN A 175 -0.60 35.22 -25.64
N ASN A 176 0.37 35.83 -24.97
CA ASN A 176 1.02 35.30 -23.76
C ASN A 176 0.14 35.44 -22.51
N GLU A 177 -0.92 36.28 -22.57
CA GLU A 177 -1.82 36.52 -21.44
C GLU A 177 -3.07 35.64 -21.39
N PHE A 178 -3.04 34.67 -20.46
CA PHE A 178 -4.10 33.71 -20.18
C PHE A 178 -4.84 34.08 -18.90
N SER A 179 -6.17 34.03 -18.93
CA SER A 179 -7.01 34.30 -17.77
C SER A 179 -6.94 33.11 -16.82
N ARG A 180 -6.73 33.35 -15.52
CA ARG A 180 -6.62 32.27 -14.54
C ARG A 180 -7.36 32.53 -13.22
N ILE A 181 -8.12 31.51 -12.79
CA ILE A 181 -8.89 31.49 -11.54
C ILE A 181 -7.91 30.99 -10.45
N THR A 182 -7.87 31.66 -9.29
CA THR A 182 -7.01 31.30 -8.16
C THR A 182 -7.86 31.19 -6.88
N VAL A 183 -8.38 29.99 -6.62
CA VAL A 183 -9.22 29.67 -5.47
C VAL A 183 -8.33 29.20 -4.31
N ARG A 184 -8.44 29.84 -3.14
CA ARG A 184 -7.65 29.47 -1.95
C ARG A 184 -8.43 29.44 -0.63
N ILE A 185 -8.83 28.23 -0.20
CA ILE A 185 -9.56 28.00 1.04
C ILE A 185 -8.56 27.81 2.17
N ASP A 186 -8.81 28.45 3.31
CA ASP A 186 -7.94 28.36 4.48
C ASP A 186 -8.50 27.43 5.53
N ALA A 187 -7.61 26.77 6.30
CA ALA A 187 -7.96 25.82 7.36
C ALA A 187 -6.86 25.70 8.43
N VAL A 188 -7.27 25.36 9.65
CA VAL A 188 -6.38 25.16 10.79
C VAL A 188 -6.67 23.80 11.41
N ARG A 189 -5.63 22.95 11.48
CA ARG A 189 -5.68 21.59 12.04
C ARG A 189 -6.01 21.64 13.52
N ASN A 190 -6.96 20.78 13.95
CA ASN A 190 -7.36 20.73 15.35
C ASN A 190 -6.35 19.95 16.18
N TYR A 191 -5.84 20.61 17.21
CA TYR A 191 -4.85 20.05 18.15
C TYR A 191 -5.51 19.08 19.10
N PHE A 192 -6.83 19.26 19.34
CA PHE A 192 -7.72 18.49 20.23
C PHE A 192 -7.25 17.08 20.60
N SER A 193 -7.03 16.21 19.60
CA SER A 193 -6.59 14.83 19.86
C SER A 193 -5.08 14.63 19.82
N TYR A 194 -4.33 15.54 19.19
CA TYR A 194 -2.86 15.42 19.08
C TYR A 194 -2.08 15.56 20.39
N ILE A 195 -2.66 16.19 21.42
CA ILE A 195 -2.00 16.34 22.72
C ILE A 195 -2.15 15.09 23.60
N PRO A 196 -3.37 14.55 23.83
CA PRO A 196 -3.48 13.36 24.70
C PRO A 196 -3.15 12.03 24.02
N ASN A 197 -2.77 12.07 22.74
CA ASN A 197 -2.42 10.85 22.02
C ASN A 197 -0.95 10.81 21.65
N ILE A 198 -0.33 11.99 21.34
CA ILE A 198 1.07 12.10 20.92
C ILE A 198 1.97 12.86 21.93
N ILE A 199 1.69 14.16 22.13
CA ILE A 199 2.49 15.06 22.99
C ILE A 199 2.58 14.62 24.44
N LEU A 200 1.44 14.54 25.17
CA LEU A 200 1.38 14.12 26.57
C LEU A 200 2.06 12.78 26.89
N PRO A 201 1.76 11.63 26.20
CA PRO A 201 2.45 10.38 26.54
C PRO A 201 3.94 10.38 26.23
N MET A 202 4.40 11.16 25.21
CA MET A 202 5.82 11.27 24.85
C MET A 202 6.59 12.03 25.93
N LEU A 203 5.88 12.83 26.72
CA LEU A 203 6.46 13.60 27.81
C LEU A 203 6.60 12.78 29.07
N PHE A 204 5.55 12.01 29.45
CA PHE A 204 5.56 11.15 30.64
C PHE A 204 6.74 10.18 30.63
N ILE A 205 7.01 9.53 29.47
CA ILE A 205 8.12 8.58 29.28
C ILE A 205 9.48 9.22 29.57
N LEU A 206 9.63 10.50 29.19
CA LEU A 206 10.83 11.30 29.40
C LEU A 206 11.00 11.67 30.89
N PHE A 207 9.90 11.91 31.63
CA PHE A 207 9.95 12.24 33.05
C PHE A 207 10.18 11.01 33.91
N ILE A 208 9.78 9.82 33.42
CA ILE A 208 9.99 8.54 34.08
C ILE A 208 11.50 8.26 34.14
N SER A 209 12.25 8.75 33.13
CA SER A 209 13.72 8.66 33.08
C SER A 209 14.32 9.55 34.16
N TRP A 210 13.65 10.68 34.47
CA TRP A 210 14.09 11.63 35.47
C TRP A 210 13.95 11.15 36.93
N THR A 211 13.26 10.00 37.15
CA THR A 211 13.11 9.43 38.50
C THR A 211 14.42 8.83 39.04
N ALA A 212 15.49 8.81 38.23
CA ALA A 212 16.81 8.33 38.59
C ALA A 212 17.60 9.45 39.31
N PHE A 213 16.99 10.65 39.42
CA PHE A 213 17.58 11.80 40.10
C PHE A 213 17.21 11.82 41.59
N TRP A 214 16.76 10.67 42.10
CA TRP A 214 16.40 10.44 43.50
C TRP A 214 17.03 9.12 43.95
N SER A 215 17.01 8.13 43.04
CA SER A 215 17.55 6.78 43.25
C SER A 215 19.08 6.82 43.35
N THR A 216 19.63 6.07 44.33
CA THR A 216 21.05 5.96 44.59
C THR A 216 21.68 4.74 43.88
N SER A 217 20.86 3.68 43.64
CA SER A 217 21.28 2.42 43.00
C SER A 217 21.47 2.59 41.48
N TYR A 218 22.74 2.50 41.03
CA TYR A 218 23.14 2.62 39.63
C TYR A 218 22.49 1.53 38.76
N GLU A 219 22.38 0.29 39.28
CA GLU A 219 21.76 -0.85 38.58
C GLU A 219 20.30 -0.57 38.26
N ALA A 220 19.59 0.10 39.20
CA ALA A 220 18.19 0.48 39.04
C ALA A 220 18.08 1.74 38.16
N ASN A 221 19.10 2.63 38.21
CA ASN A 221 19.17 3.88 37.44
C ASN A 221 19.31 3.62 35.93
N VAL A 222 20.17 2.65 35.57
CA VAL A 222 20.43 2.22 34.19
C VAL A 222 19.13 1.73 33.57
N THR A 223 18.44 0.82 34.27
CA THR A 223 17.15 0.24 33.87
C THR A 223 16.13 1.35 33.54
N LEU A 224 16.13 2.45 34.33
CA LEU A 224 15.23 3.58 34.11
C LEU A 224 15.53 4.31 32.80
N VAL A 225 16.68 5.01 32.72
CA VAL A 225 17.12 5.81 31.57
C VAL A 225 17.26 5.04 30.24
N VAL A 226 17.79 3.81 30.28
CA VAL A 226 17.96 3.01 29.06
C VAL A 226 16.62 2.52 28.51
N SER A 227 15.77 1.93 29.38
CA SER A 227 14.47 1.41 28.96
C SER A 227 13.46 2.46 28.52
N THR A 228 13.48 3.68 29.14
CA THR A 228 12.58 4.79 28.77
C THR A 228 12.90 5.28 27.36
N LEU A 229 14.20 5.22 26.98
CA LEU A 229 14.68 5.58 25.66
C LEU A 229 14.15 4.56 24.65
N ILE A 230 14.04 3.28 25.05
CA ILE A 230 13.47 2.22 24.22
C ILE A 230 11.98 2.54 24.02
N ALA A 231 11.26 2.86 25.13
CA ALA A 231 9.84 3.25 25.14
C ALA A 231 9.58 4.47 24.26
N HIS A 232 10.48 5.47 24.30
CA HIS A 232 10.40 6.71 23.51
C HIS A 232 10.50 6.43 22.02
N ILE A 233 11.45 5.57 21.63
CA ILE A 233 11.66 5.17 20.24
C ILE A 233 10.45 4.33 19.80
N ALA A 234 9.98 3.42 20.68
CA ALA A 234 8.83 2.56 20.43
C ALA A 234 7.57 3.37 20.20
N PHE A 235 7.37 4.40 21.03
CA PHE A 235 6.23 5.30 20.96
C PHE A 235 6.31 6.19 19.73
N ASN A 236 7.54 6.55 19.32
CA ASN A 236 7.78 7.37 18.13
C ASN A 236 7.47 6.54 16.86
N ILE A 237 7.56 5.20 16.96
CA ILE A 237 7.25 4.27 15.88
C ILE A 237 5.73 4.22 15.68
N LEU A 238 4.98 4.09 16.80
CA LEU A 238 3.52 4.07 16.85
C LEU A 238 2.94 5.35 16.22
N VAL A 239 3.45 6.51 16.67
CA VAL A 239 3.06 7.85 16.24
C VAL A 239 3.37 8.09 14.76
N GLU A 240 4.67 7.98 14.35
CA GLU A 240 5.25 8.20 13.02
C GLU A 240 4.30 8.50 11.86
N THR A 241 3.27 7.66 11.66
CA THR A 241 2.24 7.82 10.62
C THR A 241 1.47 9.16 10.76
N ASN A 242 1.09 9.51 12.01
CA ASN A 242 0.38 10.75 12.39
C ASN A 242 1.33 11.97 12.26
N LEU A 243 2.63 11.76 12.56
CA LEU A 243 3.72 12.75 12.52
C LEU A 243 4.04 13.17 11.05
N PRO A 244 4.10 14.48 10.73
CA PRO A 244 4.43 14.87 9.35
C PRO A 244 5.94 14.92 9.12
N LYS A 245 6.43 14.14 8.16
CA LYS A 245 7.87 14.15 7.91
C LYS A 245 8.25 14.79 6.60
N THR A 246 8.95 15.93 6.72
CA THR A 246 9.38 16.80 5.61
C THR A 246 10.92 16.97 5.58
N PRO A 247 11.51 17.42 4.43
CA PRO A 247 12.98 17.60 4.37
C PRO A 247 13.56 18.72 5.23
N TYR A 248 12.71 19.57 5.84
CA TYR A 248 13.15 20.67 6.70
C TYR A 248 12.95 20.37 8.19
N MET A 249 13.50 21.23 9.05
CA MET A 249 13.36 21.09 10.51
C MET A 249 12.03 21.66 10.99
N THR A 250 11.36 20.92 11.88
CA THR A 250 10.05 21.27 12.45
C THR A 250 10.15 21.50 13.96
N TYR A 251 9.12 22.14 14.55
CA TYR A 251 9.02 22.40 15.98
C TYR A 251 8.87 21.09 16.74
N THR A 252 8.09 20.16 16.16
CA THR A 252 7.86 18.83 16.71
C THR A 252 9.17 18.03 16.65
N GLY A 253 9.82 18.05 15.48
CA GLY A 253 11.10 17.38 15.23
C GLY A 253 12.25 17.91 16.08
N ALA A 254 12.21 19.23 16.36
CA ALA A 254 13.21 19.90 17.20
C ALA A 254 13.06 19.40 18.64
N ILE A 255 11.81 19.33 19.15
CA ILE A 255 11.49 18.82 20.48
C ILE A 255 11.88 17.35 20.54
N ILE A 256 11.48 16.56 19.52
CA ILE A 256 11.79 15.13 19.38
C ILE A 256 13.30 14.85 19.45
N PHE A 257 14.12 15.67 18.73
CA PHE A 257 15.59 15.55 18.77
C PHE A 257 16.15 15.99 20.14
N MET A 258 15.55 17.03 20.74
CA MET A 258 15.90 17.56 22.06
C MET A 258 15.71 16.46 23.13
N ILE A 259 14.60 15.68 23.04
CA ILE A 259 14.29 14.56 23.93
C ILE A 259 15.41 13.49 23.87
N TYR A 260 15.93 13.18 22.66
CA TYR A 260 17.02 12.22 22.46
C TYR A 260 18.31 12.60 23.22
N LEU A 261 18.58 13.91 23.34
CA LEU A 261 19.74 14.42 24.07
C LEU A 261 19.51 14.30 25.56
N PHE A 262 18.31 14.70 26.04
CA PHE A 262 17.88 14.64 27.45
C PHE A 262 17.88 13.23 28.08
N TYR A 263 18.01 12.20 27.22
CA TYR A 263 18.15 10.81 27.62
C TYR A 263 19.66 10.57 27.74
N PHE A 264 20.42 10.91 26.67
CA PHE A 264 21.86 10.78 26.59
C PHE A 264 22.58 11.54 27.71
N VAL A 265 22.12 12.77 27.99
CA VAL A 265 22.66 13.63 29.03
C VAL A 265 22.38 13.01 30.42
N ALA A 266 21.14 12.49 30.62
CA ALA A 266 20.74 11.83 31.88
C ALA A 266 21.57 10.58 32.15
N VAL A 267 21.94 9.84 31.07
CA VAL A 267 22.78 8.65 31.13
C VAL A 267 24.15 9.06 31.68
N ILE A 268 24.68 10.20 31.18
CA ILE A 268 25.96 10.76 31.61
C ILE A 268 25.92 11.09 33.09
N GLU A 269 24.86 11.80 33.54
CA GLU A 269 24.63 12.18 34.94
C GLU A 269 24.65 10.95 35.87
N VAL A 270 23.87 9.92 35.52
CA VAL A 270 23.74 8.66 36.26
C VAL A 270 25.11 7.95 36.35
N THR A 271 25.89 7.95 35.25
CA THR A 271 27.24 7.35 35.18
C THR A 271 28.26 8.16 36.02
N VAL A 272 28.10 9.50 36.06
CA VAL A 272 28.92 10.43 36.85
C VAL A 272 28.70 10.19 38.34
N GLN A 273 27.41 10.04 38.73
CA GLN A 273 26.95 9.74 40.09
C GLN A 273 27.63 8.43 40.56
N HIS A 274 27.75 7.45 39.64
CA HIS A 274 28.37 6.16 39.89
C HIS A 274 29.89 6.25 40.09
N TYR A 275 30.63 6.78 39.08
CA TYR A 275 32.10 6.89 39.17
C TYR A 275 32.61 7.71 40.35
N LEU A 276 31.82 8.69 40.81
CA LEU A 276 32.16 9.50 41.97
C LEU A 276 32.08 8.67 43.24
N LYS A 277 31.02 7.83 43.37
CA LYS A 277 30.80 6.92 44.49
C LYS A 277 31.87 5.82 44.52
N VAL A 278 32.31 5.37 43.32
CA VAL A 278 33.35 4.36 43.12
C VAL A 278 34.69 4.92 43.61
N GLU A 279 35.04 6.13 43.14
CA GLU A 279 36.28 6.80 43.51
C GLU A 279 36.14 7.60 44.83
N SER A 280 35.54 6.96 45.84
CA SER A 280 35.32 7.46 47.21
C SER A 280 34.99 8.96 47.37
N GLN A 281 34.30 9.55 46.38
CA GLN A 281 33.89 10.95 46.41
C GLN A 281 32.36 11.01 46.26
N PRO A 282 31.56 10.55 47.25
CA PRO A 282 30.11 10.58 47.06
C PRO A 282 29.48 11.93 47.41
N ALA A 283 30.24 12.83 48.06
CA ALA A 283 29.80 14.17 48.42
C ALA A 283 29.42 14.95 47.17
N ARG A 284 30.21 14.80 46.09
CA ARG A 284 29.97 15.43 44.79
C ARG A 284 28.75 14.78 44.14
N ALA A 285 28.72 13.43 44.09
CA ALA A 285 27.63 12.63 43.53
C ALA A 285 26.29 12.96 44.14
N ALA A 286 26.26 13.21 45.47
CA ALA A 286 25.06 13.56 46.23
C ALA A 286 24.47 14.89 45.75
N SER A 287 25.32 15.90 45.55
CA SER A 287 24.89 17.20 45.07
C SER A 287 24.65 17.17 43.57
N ILE A 288 25.40 16.33 42.83
CA ILE A 288 25.27 16.17 41.37
C ILE A 288 23.88 15.67 40.98
N THR A 289 23.32 14.74 41.77
CA THR A 289 21.99 14.15 41.57
C THR A 289 20.92 15.19 41.93
N ARG A 290 21.07 15.85 43.11
CA ARG A 290 20.18 16.88 43.60
C ARG A 290 20.11 18.08 42.64
N ALA A 291 21.23 18.37 41.96
CA ALA A 291 21.34 19.46 41.00
C ALA A 291 20.45 19.17 39.80
N SER A 292 20.72 18.05 39.09
CA SER A 292 19.98 17.61 37.90
C SER A 292 18.50 17.30 38.18
N ARG A 293 18.15 17.12 39.47
CA ARG A 293 16.80 16.86 39.93
C ARG A 293 15.93 18.12 39.77
N ILE A 294 16.57 19.31 39.77
CA ILE A 294 15.94 20.61 39.63
C ILE A 294 16.31 21.21 38.26
N ALA A 295 17.57 21.01 37.84
CA ALA A 295 18.13 21.51 36.57
C ALA A 295 17.41 20.97 35.33
N PHE A 296 17.43 19.63 35.11
CA PHE A 296 16.79 18.96 33.98
C PHE A 296 15.38 19.45 33.66
N PRO A 297 14.43 19.49 34.64
CA PRO A 297 13.09 20.02 34.32
C PRO A 297 13.06 21.51 33.95
N VAL A 298 13.96 22.31 34.55
CA VAL A 298 14.09 23.75 34.29
C VAL A 298 14.69 23.99 32.90
N VAL A 299 15.79 23.27 32.58
CA VAL A 299 16.51 23.36 31.30
C VAL A 299 15.61 23.00 30.11
N PHE A 300 14.82 21.92 30.24
CA PHE A 300 13.89 21.45 29.21
C PHE A 300 12.77 22.45 28.99
N LEU A 301 12.30 23.10 30.07
CA LEU A 301 11.27 24.13 30.06
C LEU A 301 11.79 25.39 29.35
N LEU A 302 13.05 25.79 29.65
CA LEU A 302 13.73 26.95 29.05
C LEU A 302 13.85 26.74 27.55
N ALA A 303 14.44 25.61 27.15
CA ALA A 303 14.67 25.20 25.77
C ALA A 303 13.38 25.03 24.95
N ASN A 304 12.28 24.54 25.57
CA ASN A 304 10.98 24.39 24.91
C ASN A 304 10.37 25.75 24.64
N ILE A 305 10.61 26.71 25.56
CA ILE A 305 10.17 28.10 25.44
C ILE A 305 11.06 28.77 24.38
N ILE A 306 12.37 28.44 24.35
CA ILE A 306 13.33 28.95 23.36
C ILE A 306 12.88 28.55 21.95
N LEU A 307 12.55 27.25 21.73
CA LEU A 307 12.08 26.73 20.44
C LEU A 307 10.80 27.43 20.02
N ALA A 308 9.83 27.53 20.95
CA ALA A 308 8.56 28.20 20.72
C ALA A 308 8.76 29.68 20.39
N PHE A 309 9.78 30.32 21.00
CA PHE A 309 10.11 31.73 20.77
C PHE A 309 10.67 31.94 19.36
N LEU A 310 11.35 30.91 18.81
CA LEU A 310 11.96 30.94 17.47
C LEU A 310 10.93 30.65 16.37
N PHE A 311 10.06 29.65 16.58
CA PHE A 311 9.03 29.24 15.62
C PHE A 311 7.82 30.17 15.60
N PHE A 312 7.58 30.85 16.73
CA PHE A 312 6.44 31.75 16.93
C PHE A 312 6.90 33.06 17.59
N PRO B 1 -43.38 16.02 -15.52
CA PRO B 1 -42.59 15.22 -14.59
C PRO B 1 -42.68 13.72 -14.87
N VAL B 2 -41.57 13.14 -15.35
CA VAL B 2 -41.48 11.71 -15.69
C VAL B 2 -41.26 10.89 -14.42
N ASP B 3 -42.20 9.98 -14.12
CA ASP B 3 -42.13 9.12 -12.94
C ASP B 3 -41.15 7.96 -13.12
N VAL B 4 -40.17 7.85 -12.20
CA VAL B 4 -39.12 6.82 -12.22
C VAL B 4 -39.21 5.93 -10.97
N SER B 5 -39.35 4.61 -11.18
CA SER B 5 -39.39 3.61 -10.11
C SER B 5 -37.97 3.08 -9.91
N VAL B 6 -37.35 3.42 -8.77
CA VAL B 6 -35.98 3.01 -8.47
C VAL B 6 -35.92 1.92 -7.39
N SER B 7 -35.42 0.75 -7.78
CA SER B 7 -35.26 -0.40 -6.89
C SER B 7 -33.78 -0.77 -6.85
N ILE B 8 -33.14 -0.56 -5.67
CA ILE B 8 -31.71 -0.83 -5.47
C ILE B 8 -31.49 -2.08 -4.62
N PHE B 9 -30.74 -3.04 -5.15
CA PHE B 9 -30.41 -4.30 -4.49
C PHE B 9 -29.05 -4.13 -3.81
N ILE B 10 -28.92 -4.63 -2.57
CA ILE B 10 -27.67 -4.55 -1.81
C ILE B 10 -27.09 -5.94 -1.63
N ASN B 11 -25.83 -6.13 -2.07
CA ASN B 11 -25.12 -7.41 -1.99
C ASN B 11 -24.05 -7.38 -0.90
N LYS B 12 -23.17 -6.36 -0.92
CA LYS B 12 -22.07 -6.23 0.01
C LYS B 12 -21.84 -4.79 0.45
N ILE B 13 -21.48 -4.59 1.73
CA ILE B 13 -21.10 -3.31 2.35
C ILE B 13 -19.81 -3.68 3.08
N TYR B 14 -18.68 -3.55 2.38
CA TYR B 14 -17.37 -3.95 2.87
C TYR B 14 -16.32 -2.84 2.89
N GLY B 15 -15.27 -3.04 3.70
CA GLY B 15 -14.14 -2.14 3.86
C GLY B 15 -14.50 -0.77 4.38
N VAL B 16 -14.78 -0.69 5.69
CA VAL B 16 -15.15 0.57 6.35
C VAL B 16 -13.88 1.29 6.79
N ASN B 17 -13.52 2.40 6.11
CA ASN B 17 -12.33 3.17 6.46
C ASN B 17 -12.60 4.10 7.63
N THR B 18 -11.74 4.01 8.66
CA THR B 18 -11.84 4.76 9.90
C THR B 18 -11.35 6.22 9.81
N LEU B 19 -10.63 6.57 8.71
CA LEU B 19 -10.09 7.91 8.50
C LEU B 19 -10.94 8.74 7.56
N GLU B 20 -11.12 8.26 6.31
CA GLU B 20 -11.85 8.96 5.24
C GLU B 20 -13.38 8.83 5.35
N GLN B 21 -13.86 7.99 6.29
CA GLN B 21 -15.29 7.71 6.55
C GLN B 21 -15.97 7.16 5.29
N THR B 22 -15.26 6.27 4.59
CA THR B 22 -15.68 5.61 3.35
C THR B 22 -15.97 4.11 3.53
N TYR B 23 -16.79 3.54 2.63
CA TYR B 23 -17.19 2.12 2.61
C TYR B 23 -17.63 1.73 1.21
N LYS B 24 -17.17 0.56 0.74
CA LYS B 24 -17.49 0.04 -0.60
C LYS B 24 -18.82 -0.70 -0.59
N VAL B 25 -19.72 -0.36 -1.54
CA VAL B 25 -21.04 -0.97 -1.66
C VAL B 25 -21.24 -1.57 -3.05
N ASP B 26 -21.65 -2.85 -3.09
CA ASP B 26 -21.93 -3.59 -4.32
C ASP B 26 -23.38 -4.04 -4.37
N GLY B 27 -23.93 -4.06 -5.59
CA GLY B 27 -25.30 -4.48 -5.85
C GLY B 27 -25.77 -4.18 -7.26
N TYR B 28 -27.09 -3.96 -7.41
CA TYR B 28 -27.72 -3.68 -8.70
C TYR B 28 -28.67 -2.50 -8.58
N ILE B 29 -28.84 -1.73 -9.68
CA ILE B 29 -29.76 -0.59 -9.72
C ILE B 29 -30.81 -0.76 -10.83
N VAL B 30 -32.11 -0.66 -10.48
CA VAL B 30 -33.23 -0.83 -11.41
C VAL B 30 -34.05 0.48 -11.53
N ALA B 31 -34.15 1.03 -12.75
CA ALA B 31 -34.90 2.26 -13.03
C ALA B 31 -35.99 2.03 -14.07
N GLN B 32 -37.24 1.83 -13.61
CA GLN B 32 -38.41 1.61 -14.47
C GLN B 32 -39.21 2.91 -14.63
N TRP B 33 -39.01 3.60 -15.76
CA TRP B 33 -39.68 4.87 -16.09
C TRP B 33 -40.52 4.73 -17.35
N THR B 34 -41.70 5.37 -17.36
CA THR B 34 -42.62 5.31 -18.48
C THR B 34 -42.19 6.33 -19.55
N GLY B 35 -41.65 5.80 -20.64
CA GLY B 35 -41.16 6.61 -21.76
C GLY B 35 -42.24 6.94 -22.77
N LYS B 36 -41.99 6.58 -24.04
CA LYS B 36 -42.90 6.81 -25.17
C LYS B 36 -43.10 5.47 -25.93
N PRO B 37 -44.31 5.17 -26.48
CA PRO B 37 -44.51 3.88 -27.17
C PRO B 37 -43.64 3.70 -28.43
N ARG B 38 -42.96 2.54 -28.51
CA ARG B 38 -42.07 2.16 -29.62
C ARG B 38 -42.42 0.76 -30.14
N LYS B 39 -41.95 0.41 -31.35
CA LYS B 39 -42.22 -0.90 -31.92
C LYS B 39 -41.05 -1.86 -31.75
N THR B 40 -41.28 -2.95 -30.99
CA THR B 40 -40.32 -4.00 -30.71
C THR B 40 -40.53 -5.15 -31.70
N PRO B 41 -39.49 -5.97 -32.04
CA PRO B 41 -39.72 -7.08 -32.98
C PRO B 41 -40.77 -8.06 -32.46
N GLY B 42 -41.98 -7.91 -32.98
CA GLY B 42 -43.15 -8.70 -32.59
C GLY B 42 -43.85 -8.09 -31.40
N ASP B 43 -44.16 -8.93 -30.39
CA ASP B 43 -44.83 -8.52 -29.16
C ASP B 43 -43.84 -8.42 -28.00
N LYS B 44 -42.83 -9.32 -27.99
CA LYS B 44 -41.79 -9.43 -26.96
C LYS B 44 -40.95 -8.13 -26.84
N PRO B 45 -40.65 -7.65 -25.60
CA PRO B 45 -39.85 -6.42 -25.48
C PRO B 45 -38.38 -6.62 -25.82
N LEU B 46 -37.76 -5.60 -26.44
CA LEU B 46 -36.36 -5.64 -26.86
C LEU B 46 -35.40 -5.60 -25.68
N ILE B 47 -34.33 -6.40 -25.74
CA ILE B 47 -33.29 -6.47 -24.71
C ILE B 47 -32.00 -5.90 -25.29
N VAL B 48 -31.57 -4.73 -24.78
CA VAL B 48 -30.38 -4.01 -25.23
C VAL B 48 -29.26 -4.11 -24.19
N GLU B 49 -28.03 -4.45 -24.64
CA GLU B 49 -26.84 -4.56 -23.80
C GLU B 49 -25.95 -3.31 -23.81
N ASN B 50 -25.04 -3.21 -22.82
CA ASN B 50 -24.09 -2.11 -22.56
C ASN B 50 -23.46 -1.38 -23.77
N THR B 51 -22.91 -2.15 -24.73
CA THR B 51 -22.27 -1.59 -25.93
C THR B 51 -23.28 -0.91 -26.87
N GLN B 52 -24.46 -1.53 -27.02
CA GLN B 52 -25.55 -1.05 -27.88
C GLN B 52 -26.42 0.03 -27.25
N ILE B 53 -26.29 0.26 -25.92
CA ILE B 53 -27.06 1.27 -25.18
C ILE B 53 -26.77 2.68 -25.69
N GLU B 54 -25.49 2.99 -25.92
CA GLU B 54 -25.03 4.28 -26.44
C GLU B 54 -25.51 4.51 -27.88
N ARG B 55 -25.65 3.43 -28.68
CA ARG B 55 -26.13 3.46 -30.06
C ARG B 55 -27.58 3.93 -30.14
N TRP B 56 -28.40 3.57 -29.13
CA TRP B 56 -29.81 3.94 -29.05
C TRP B 56 -30.00 5.42 -28.74
N ILE B 57 -29.19 5.97 -27.83
CA ILE B 57 -29.24 7.39 -27.44
C ILE B 57 -28.96 8.32 -28.64
N ASN B 58 -28.03 7.90 -29.54
CA ASN B 58 -27.67 8.62 -30.76
C ASN B 58 -28.86 8.73 -31.73
N ASN B 59 -29.67 7.66 -31.83
CA ASN B 59 -30.86 7.59 -32.70
C ASN B 59 -32.01 8.48 -32.20
N GLY B 60 -32.03 8.76 -30.89
CA GLY B 60 -33.04 9.60 -30.25
C GLY B 60 -33.76 8.94 -29.09
N LEU B 61 -33.04 8.13 -28.29
CA LEU B 61 -33.59 7.43 -27.13
C LEU B 61 -33.15 8.10 -25.84
N TRP B 62 -34.11 8.37 -24.96
CA TRP B 62 -33.89 9.02 -23.67
C TRP B 62 -33.26 8.06 -22.67
N VAL B 63 -32.26 8.56 -21.92
CA VAL B 63 -31.58 7.88 -20.82
C VAL B 63 -31.35 8.96 -19.75
N PRO B 64 -32.00 8.90 -18.58
CA PRO B 64 -31.79 9.95 -17.56
C PRO B 64 -30.49 9.78 -16.77
N ALA B 65 -29.85 10.91 -16.45
CA ALA B 65 -28.59 10.95 -15.71
C ALA B 65 -28.79 10.80 -14.21
N LEU B 66 -28.90 9.55 -13.73
CA LEU B 66 -29.06 9.27 -12.30
C LEU B 66 -27.71 8.99 -11.65
N GLU B 67 -27.17 10.02 -10.97
CA GLU B 67 -25.86 10.01 -10.30
C GLU B 67 -26.01 9.91 -8.79
N PHE B 68 -25.10 9.17 -8.15
CA PHE B 68 -25.05 9.05 -6.69
C PHE B 68 -24.42 10.34 -6.17
N ILE B 69 -25.08 11.01 -5.22
CA ILE B 69 -24.62 12.27 -4.63
C ILE B 69 -23.40 12.06 -3.72
N ASN B 70 -23.46 11.02 -2.87
CA ASN B 70 -22.39 10.69 -1.92
C ASN B 70 -21.31 9.71 -2.44
N VAL B 71 -21.20 9.53 -3.77
CA VAL B 71 -20.19 8.65 -4.35
C VAL B 71 -18.80 9.31 -4.42
N VAL B 72 -17.78 8.61 -3.93
CA VAL B 72 -16.39 9.07 -3.95
C VAL B 72 -15.77 8.47 -5.21
N GLY B 73 -15.49 9.34 -6.17
CA GLY B 73 -14.97 8.96 -7.47
C GLY B 73 -16.04 8.31 -8.32
N SER B 74 -15.73 8.03 -9.59
CA SER B 74 -16.69 7.39 -10.48
C SER B 74 -16.83 5.91 -10.09
N PRO B 75 -18.06 5.45 -9.74
CA PRO B 75 -18.22 4.04 -9.34
C PRO B 75 -18.12 3.09 -10.53
N ASP B 76 -17.75 1.82 -10.26
CA ASP B 76 -17.60 0.81 -11.30
C ASP B 76 -18.92 0.18 -11.72
N THR B 77 -19.41 0.58 -12.91
CA THR B 77 -20.63 0.02 -13.50
C THR B 77 -20.18 -1.17 -14.36
N GLY B 78 -20.61 -2.36 -13.97
CA GLY B 78 -20.26 -3.61 -14.66
C GLY B 78 -20.96 -3.75 -15.99
N ASN B 79 -22.08 -4.49 -16.01
CA ASN B 79 -22.88 -4.67 -17.22
C ASN B 79 -24.17 -3.92 -17.05
N LYS B 80 -24.49 -3.04 -18.00
CA LYS B 80 -25.74 -2.28 -17.97
C LYS B 80 -26.68 -2.78 -19.06
N ARG B 81 -27.98 -2.86 -18.75
CA ARG B 81 -28.99 -3.38 -19.66
C ARG B 81 -30.27 -2.52 -19.69
N LEU B 82 -30.70 -2.14 -20.91
CA LEU B 82 -31.93 -1.40 -21.14
C LEU B 82 -32.96 -2.33 -21.72
N MET B 83 -34.16 -2.35 -21.12
CA MET B 83 -35.26 -3.20 -21.59
C MET B 83 -36.39 -2.33 -22.16
N LEU B 84 -36.38 -2.12 -23.48
CA LEU B 84 -37.37 -1.31 -24.19
C LEU B 84 -38.65 -2.10 -24.41
N PHE B 85 -39.77 -1.63 -23.82
CA PHE B 85 -41.08 -2.28 -23.93
C PHE B 85 -41.90 -1.69 -25.08
N PRO B 86 -42.73 -2.50 -25.79
CA PRO B 86 -43.54 -1.94 -26.89
C PRO B 86 -44.59 -0.93 -26.45
N ASP B 87 -45.07 -1.06 -25.20
CA ASP B 87 -46.07 -0.18 -24.61
C ASP B 87 -45.54 1.24 -24.34
N GLY B 88 -44.28 1.34 -23.89
CA GLY B 88 -43.64 2.63 -23.62
C GLY B 88 -42.56 2.63 -22.56
N ARG B 89 -42.82 1.97 -21.41
CA ARG B 89 -41.89 1.90 -20.27
C ARG B 89 -40.53 1.29 -20.61
N VAL B 90 -39.48 1.72 -19.87
CA VAL B 90 -38.10 1.24 -20.07
C VAL B 90 -37.49 0.86 -18.71
N ILE B 91 -36.97 -0.38 -18.59
CA ILE B 91 -36.35 -0.89 -17.37
C ILE B 91 -34.83 -0.91 -17.54
N TYR B 92 -34.10 -0.16 -16.70
CA TYR B 92 -32.66 -0.06 -16.72
C TYR B 92 -32.03 -0.81 -15.54
N ASN B 93 -31.31 -1.90 -15.84
CA ASN B 93 -30.63 -2.74 -14.84
C ASN B 93 -29.12 -2.62 -15.00
N ALA B 94 -28.40 -2.21 -13.92
CA ALA B 94 -26.95 -2.04 -13.94
C ALA B 94 -26.28 -2.45 -12.63
N ARG B 95 -25.19 -3.25 -12.71
CA ARG B 95 -24.41 -3.69 -11.54
C ARG B 95 -23.41 -2.60 -11.19
N PHE B 96 -23.32 -2.23 -9.90
CA PHE B 96 -22.44 -1.17 -9.43
C PHE B 96 -21.58 -1.56 -8.24
N LEU B 97 -20.35 -1.01 -8.17
CA LEU B 97 -19.40 -1.19 -7.08
C LEU B 97 -18.60 0.10 -6.93
N GLY B 98 -18.90 0.85 -5.88
CA GLY B 98 -18.25 2.13 -5.63
C GLY B 98 -18.09 2.49 -4.17
N SER B 99 -17.35 3.58 -3.91
CA SER B 99 -17.07 4.10 -2.57
C SER B 99 -18.06 5.20 -2.19
N PHE B 100 -18.61 5.14 -0.97
CA PHE B 100 -19.60 6.11 -0.50
C PHE B 100 -19.20 6.79 0.81
N SER B 101 -19.34 8.12 0.85
CA SER B 101 -19.01 8.95 2.01
C SER B 101 -20.24 9.29 2.84
N ASN B 102 -20.08 9.21 4.17
CA ASN B 102 -21.10 9.50 5.16
C ASN B 102 -20.41 9.83 6.48
N ASP B 103 -20.94 10.82 7.23
CA ASP B 103 -20.39 11.22 8.52
C ASP B 103 -20.50 10.08 9.54
N MET B 104 -19.34 9.63 10.03
CA MET B 104 -19.25 8.52 10.96
C MET B 104 -18.72 8.93 12.32
N ASP B 105 -19.32 8.36 13.37
CA ASP B 105 -18.95 8.62 14.75
C ASP B 105 -18.34 7.37 15.38
N PHE B 106 -17.01 7.36 15.50
CA PHE B 106 -16.24 6.25 16.06
C PHE B 106 -15.92 6.46 17.55
N ARG B 107 -16.51 7.52 18.17
CA ARG B 107 -16.34 7.90 19.59
C ARG B 107 -16.40 6.73 20.56
N LEU B 108 -17.28 5.77 20.29
CA LEU B 108 -17.47 4.59 21.12
C LEU B 108 -17.23 3.34 20.28
N PHE B 109 -15.95 3.07 19.96
CA PHE B 109 -15.54 1.94 19.14
C PHE B 109 -15.92 0.54 19.65
N PRO B 110 -15.66 0.16 20.93
CA PRO B 110 -15.99 -1.22 21.37
C PRO B 110 -17.44 -1.63 21.17
N PHE B 111 -18.35 -0.66 21.15
CA PHE B 111 -19.78 -0.88 20.97
C PHE B 111 -20.27 0.17 19.95
N ASP B 112 -19.69 0.09 18.73
CA ASP B 112 -19.91 1.00 17.61
C ASP B 112 -21.32 0.98 17.05
N ARG B 113 -21.84 2.18 16.71
CA ARG B 113 -23.15 2.40 16.09
C ARG B 113 -22.91 3.19 14.81
N GLN B 114 -23.23 2.59 13.66
CA GLN B 114 -23.00 3.25 12.37
C GLN B 114 -24.15 3.11 11.38
N GLN B 115 -24.31 4.13 10.51
CA GLN B 115 -25.33 4.19 9.48
C GLN B 115 -24.67 4.31 8.10
N PHE B 116 -25.03 3.41 7.18
CA PHE B 116 -24.50 3.40 5.82
C PHE B 116 -25.54 4.02 4.91
N VAL B 117 -25.26 5.24 4.42
CA VAL B 117 -26.18 6.03 3.60
C VAL B 117 -25.80 6.04 2.10
N LEU B 118 -26.82 5.95 1.23
CA LEU B 118 -26.69 5.99 -0.22
C LEU B 118 -27.74 6.97 -0.76
N GLU B 119 -27.29 7.98 -1.52
CA GLU B 119 -28.14 9.02 -2.09
C GLU B 119 -28.07 9.08 -3.62
N LEU B 120 -29.25 9.20 -4.27
CA LEU B 120 -29.38 9.29 -5.73
C LEU B 120 -30.28 10.45 -6.12
N GLU B 121 -29.76 11.33 -6.98
CA GLU B 121 -30.46 12.50 -7.48
C GLU B 121 -30.12 12.64 -8.98
N PRO B 122 -31.12 12.83 -9.87
CA PRO B 122 -30.80 13.01 -11.30
C PRO B 122 -29.94 14.25 -11.51
N PHE B 123 -28.71 14.04 -12.03
CA PHE B 123 -27.69 15.06 -12.29
C PHE B 123 -28.14 16.23 -13.17
N SER B 124 -29.09 15.97 -14.07
CA SER B 124 -29.57 16.96 -15.04
C SER B 124 -31.07 17.32 -14.99
N TYR B 125 -31.90 16.47 -14.34
CA TYR B 125 -33.35 16.68 -14.32
C TYR B 125 -34.01 16.89 -12.93
N ASN B 126 -34.63 18.07 -12.73
CA ASN B 126 -35.31 18.49 -11.50
C ASN B 126 -36.81 18.19 -11.50
N ASN B 127 -37.50 18.57 -12.60
CA ASN B 127 -38.94 18.32 -12.78
C ASN B 127 -39.11 16.98 -13.50
N GLN B 128 -38.60 15.94 -12.84
CA GLN B 128 -38.58 14.54 -13.22
C GLN B 128 -38.54 13.79 -11.89
N GLN B 129 -39.74 13.53 -11.34
CA GLN B 129 -40.03 12.90 -10.06
C GLN B 129 -39.55 11.45 -9.96
N LEU B 130 -39.07 11.07 -8.77
CA LEU B 130 -38.65 9.70 -8.46
C LEU B 130 -39.83 9.09 -7.69
N ARG B 131 -40.57 8.19 -8.35
CA ARG B 131 -41.78 7.52 -7.86
C ARG B 131 -41.61 6.82 -6.51
N PHE B 132 -41.00 5.62 -6.47
CA PHE B 132 -40.79 4.88 -5.22
C PHE B 132 -39.43 4.20 -5.12
N SER B 133 -38.83 4.28 -3.91
CA SER B 133 -37.54 3.68 -3.58
C SER B 133 -37.74 2.31 -2.92
N ASP B 134 -36.91 1.33 -3.30
CA ASP B 134 -36.97 -0.04 -2.76
C ASP B 134 -35.57 -0.57 -2.49
N ILE B 135 -35.29 -0.94 -1.23
CA ILE B 135 -33.98 -1.45 -0.82
C ILE B 135 -34.10 -2.94 -0.48
N GLN B 136 -33.37 -3.78 -1.24
CA GLN B 136 -33.41 -5.22 -1.06
C GLN B 136 -32.12 -5.78 -0.47
N VAL B 137 -31.87 -5.46 0.82
CA VAL B 137 -30.70 -5.96 1.55
C VAL B 137 -31.00 -7.40 2.07
N TYR B 138 -31.26 -8.30 1.10
CA TYR B 138 -31.62 -9.70 1.34
C TYR B 138 -30.42 -10.61 1.69
N THR B 139 -29.24 -10.00 1.88
CA THR B 139 -28.02 -10.69 2.30
C THR B 139 -28.16 -10.90 3.81
N GLU B 140 -28.57 -12.12 4.21
CA GLU B 140 -28.87 -12.55 5.58
C GLU B 140 -27.83 -12.27 6.65
N ASN B 141 -28.25 -11.49 7.66
CA ASN B 141 -27.46 -11.03 8.81
C ASN B 141 -27.33 -12.07 9.93
N ILE B 142 -28.47 -12.69 10.35
CA ILE B 142 -28.55 -13.70 11.42
C ILE B 142 -27.97 -15.06 10.95
N ASP B 143 -27.70 -15.19 9.63
CA ASP B 143 -27.12 -16.36 8.97
C ASP B 143 -25.72 -16.64 9.54
N ASN B 144 -24.82 -15.64 9.49
CA ASN B 144 -23.45 -15.71 10.00
C ASN B 144 -23.08 -14.42 10.75
N GLU B 145 -23.62 -14.24 11.97
CA GLU B 145 -23.37 -13.06 12.81
C GLU B 145 -21.91 -12.93 13.24
N GLU B 146 -21.24 -14.07 13.51
CA GLU B 146 -19.83 -14.12 13.89
C GLU B 146 -18.94 -13.79 12.69
N ILE B 147 -19.29 -14.34 11.49
CA ILE B 147 -18.54 -14.12 10.24
C ILE B 147 -18.68 -12.67 9.73
N ASP B 148 -19.91 -12.11 9.78
CA ASP B 148 -20.17 -10.72 9.35
C ASP B 148 -19.57 -9.73 10.34
N GLU B 149 -18.81 -8.75 9.82
CA GLU B 149 -18.17 -7.72 10.62
C GLU B 149 -19.21 -6.78 11.25
N TRP B 150 -20.26 -6.47 10.49
CA TRP B 150 -21.34 -5.60 10.94
C TRP B 150 -22.65 -6.39 10.98
N TRP B 151 -23.38 -6.28 12.10
CA TRP B 151 -24.67 -6.95 12.27
C TRP B 151 -25.75 -6.07 11.63
N ILE B 152 -26.18 -6.41 10.39
CA ILE B 152 -27.20 -5.66 9.65
C ILE B 152 -28.52 -5.67 10.44
N ARG B 153 -28.92 -4.49 10.97
CA ARG B 153 -30.15 -4.36 11.73
C ARG B 153 -31.14 -3.50 10.96
N GLY B 154 -32.28 -4.10 10.62
CA GLY B 154 -33.32 -3.45 9.84
C GLY B 154 -33.06 -3.53 8.35
N LYS B 155 -34.13 -3.74 7.56
CA LYS B 155 -34.05 -3.83 6.10
C LYS B 155 -34.01 -2.44 5.45
N ALA B 156 -33.06 -1.59 5.91
CA ALA B 156 -32.79 -0.21 5.47
C ALA B 156 -33.93 0.79 5.70
N SER B 157 -33.65 2.09 5.47
CA SER B 157 -34.62 3.17 5.64
C SER B 157 -34.88 3.93 4.34
N THR B 158 -36.07 3.70 3.76
CA THR B 158 -36.54 4.34 2.54
C THR B 158 -36.91 5.78 2.85
N HIS B 159 -36.41 6.73 2.06
CA HIS B 159 -36.66 8.15 2.24
C HIS B 159 -36.57 8.88 0.90
N ILE B 160 -37.69 9.48 0.43
CA ILE B 160 -37.73 10.23 -0.83
C ILE B 160 -38.01 11.69 -0.47
N SER B 161 -37.12 12.61 -0.89
CA SER B 161 -37.22 14.04 -0.58
C SER B 161 -36.85 14.97 -1.73
N ASP B 162 -37.43 16.18 -1.73
CA ASP B 162 -37.17 17.23 -2.73
C ASP B 162 -36.08 18.18 -2.22
N ILE B 163 -34.84 17.98 -2.71
CA ILE B 163 -33.69 18.80 -2.32
C ILE B 163 -33.70 20.15 -3.04
N ARG B 164 -33.71 21.23 -2.25
CA ARG B 164 -33.75 22.60 -2.73
C ARG B 164 -32.34 23.17 -2.84
N TYR B 165 -32.02 23.73 -4.02
CA TYR B 165 -30.72 24.34 -4.31
C TYR B 165 -30.80 25.86 -4.32
N ASP B 166 -29.66 26.54 -4.12
CA ASP B 166 -29.58 28.00 -4.09
C ASP B 166 -28.87 28.56 -5.32
N HIS B 167 -27.64 28.11 -5.60
CA HIS B 167 -26.83 28.58 -6.72
C HIS B 167 -27.13 27.77 -7.99
N LEU B 168 -27.96 28.34 -8.88
CA LEU B 168 -28.35 27.69 -10.15
C LEU B 168 -28.32 28.71 -11.32
N SER B 169 -29.04 28.42 -12.43
CA SER B 169 -29.14 29.24 -13.65
C SER B 169 -29.97 30.53 -13.43
N SER B 170 -30.58 31.06 -14.51
CA SER B 170 -31.40 32.27 -14.46
C SER B 170 -32.85 31.94 -14.14
N VAL B 171 -33.39 30.89 -14.79
CA VAL B 171 -34.78 30.42 -14.63
C VAL B 171 -34.91 29.39 -13.49
N GLN B 172 -35.27 29.89 -12.29
CA GLN B 172 -35.46 29.03 -11.11
C GLN B 172 -36.74 29.30 -10.28
N PRO B 173 -37.92 29.71 -10.84
CA PRO B 173 -39.08 29.93 -9.97
C PRO B 173 -39.64 28.64 -9.39
N ASN B 174 -39.26 27.49 -9.99
CA ASN B 174 -39.64 26.12 -9.64
C ASN B 174 -38.75 25.11 -10.40
N GLN B 175 -37.42 25.34 -10.41
CA GLN B 175 -36.43 24.48 -11.06
C GLN B 175 -35.32 24.07 -10.09
N ASN B 176 -35.31 24.69 -8.89
CA ASN B 176 -34.35 24.42 -7.81
C ASN B 176 -34.65 23.12 -7.06
N GLU B 177 -35.88 22.56 -7.24
CA GLU B 177 -36.31 21.33 -6.58
C GLU B 177 -36.07 20.04 -7.35
N PHE B 178 -35.07 19.28 -6.88
CA PHE B 178 -34.64 17.99 -7.42
C PHE B 178 -35.10 16.86 -6.52
N SER B 179 -35.65 15.79 -7.12
CA SER B 179 -36.11 14.60 -6.39
C SER B 179 -34.88 13.80 -5.97
N ARG B 180 -34.81 13.36 -4.70
CA ARG B 180 -33.67 12.61 -4.20
C ARG B 180 -34.04 11.42 -3.31
N ILE B 181 -33.42 10.27 -3.61
CA ILE B 181 -33.56 9.01 -2.87
C ILE B 181 -32.53 9.06 -1.73
N THR B 182 -32.95 8.70 -0.50
CA THR B 182 -32.08 8.69 0.69
C THR B 182 -32.19 7.32 1.38
N VAL B 183 -31.31 6.40 0.97
CA VAL B 183 -31.23 5.02 1.48
C VAL B 183 -30.26 5.00 2.66
N ARG B 184 -30.71 4.49 3.83
CA ARG B 184 -29.86 4.40 5.03
C ARG B 184 -30.00 3.09 5.81
N ILE B 185 -29.04 2.17 5.59
CA ILE B 185 -28.98 0.87 6.26
C ILE B 185 -28.21 1.03 7.57
N ASP B 186 -28.73 0.45 8.65
CA ASP B 186 -28.10 0.51 9.97
C ASP B 186 -27.37 -0.78 10.31
N ALA B 187 -26.28 -0.66 11.10
CA ALA B 187 -25.44 -1.78 11.53
C ALA B 187 -24.70 -1.49 12.83
N VAL B 188 -24.39 -2.56 13.59
CA VAL B 188 -23.67 -2.49 14.85
C VAL B 188 -22.49 -3.46 14.80
N ARG B 189 -21.28 -2.93 15.00
CA ARG B 189 -20.03 -3.68 14.99
C ARG B 189 -20.00 -4.70 16.12
N ASN B 190 -19.61 -5.94 15.81
CA ASN B 190 -19.54 -7.00 16.81
C ASN B 190 -18.30 -6.87 17.68
N TYR B 191 -18.52 -6.78 18.99
CA TYR B 191 -17.48 -6.65 20.00
C TYR B 191 -16.76 -7.98 20.21
N PHE B 192 -17.47 -9.09 19.93
CA PHE B 192 -17.06 -10.50 20.06
C PHE B 192 -15.56 -10.76 20.10
N SER B 193 -14.81 -10.35 19.06
CA SER B 193 -13.37 -10.57 19.01
C SER B 193 -12.52 -9.41 19.54
N TYR B 194 -13.09 -8.19 19.61
CA TYR B 194 -12.35 -7.00 20.08
C TYR B 194 -11.96 -7.00 21.57
N ILE B 195 -12.64 -7.80 22.41
CA ILE B 195 -12.31 -7.89 23.84
C ILE B 195 -11.15 -8.86 24.10
N PRO B 196 -11.18 -10.14 23.63
CA PRO B 196 -10.06 -11.05 23.92
C PRO B 196 -8.82 -10.84 23.04
N ASN B 197 -8.85 -9.88 22.12
CA ASN B 197 -7.72 -9.61 21.26
C ASN B 197 -7.08 -8.26 21.54
N ILE B 198 -7.89 -7.24 21.93
CA ILE B 198 -7.43 -5.87 22.19
C ILE B 198 -7.59 -5.44 23.65
N ILE B 199 -8.83 -5.34 24.14
CA ILE B 199 -9.16 -4.86 25.48
C ILE B 199 -8.54 -5.67 26.63
N LEU B 200 -8.88 -6.98 26.73
CA LEU B 200 -8.35 -7.88 27.77
C LEU B 200 -6.81 -7.94 27.86
N PRO B 201 -6.02 -8.19 26.78
CA PRO B 201 -4.56 -8.23 26.95
C PRO B 201 -3.92 -6.88 27.30
N MET B 202 -4.54 -5.75 26.87
CA MET B 202 -4.07 -4.39 27.19
C MET B 202 -4.26 -4.09 28.68
N LEU B 203 -5.18 -4.80 29.32
CA LEU B 203 -5.48 -4.64 30.73
C LEU B 203 -4.52 -5.44 31.58
N PHE B 204 -4.25 -6.72 31.23
CA PHE B 204 -3.33 -7.60 31.95
C PHE B 204 -1.95 -6.97 32.13
N ILE B 205 -1.39 -6.38 31.04
CA ILE B 205 -0.08 -5.71 31.02
C ILE B 205 -0.02 -4.55 32.03
N LEU B 206 -1.15 -3.82 32.18
CA LEU B 206 -1.30 -2.71 33.13
C LEU B 206 -1.35 -3.20 34.58
N PHE B 207 -1.97 -4.38 34.83
CA PHE B 207 -2.06 -4.96 36.17
C PHE B 207 -0.75 -5.61 36.60
N ILE B 208 0.06 -6.06 35.62
CA ILE B 208 1.38 -6.65 35.85
C ILE B 208 2.29 -5.56 36.44
N SER B 209 2.07 -4.29 36.05
CA SER B 209 2.79 -3.13 36.58
C SER B 209 2.41 -2.91 38.05
N TRP B 210 1.14 -3.23 38.41
CA TRP B 210 0.62 -3.09 39.76
C TRP B 210 1.18 -4.10 40.76
N THR B 211 1.92 -5.12 40.30
CA THR B 211 2.53 -6.11 41.20
C THR B 211 3.73 -5.55 42.01
N ALA B 212 4.10 -4.29 41.73
CA ALA B 212 5.16 -3.56 42.44
C ALA B 212 4.61 -2.94 43.74
N PHE B 213 3.29 -3.10 43.98
CA PHE B 213 2.61 -2.61 45.17
C PHE B 213 2.62 -3.65 46.31
N TRP B 214 3.51 -4.65 46.18
CA TRP B 214 3.73 -5.73 47.15
C TRP B 214 5.24 -5.88 47.35
N SER B 215 6.00 -5.74 46.25
CA SER B 215 7.45 -5.84 46.20
C SER B 215 8.11 -4.67 46.94
N THR B 216 9.14 -4.97 47.75
CA THR B 216 9.90 -3.98 48.53
C THR B 216 11.17 -3.52 47.80
N SER B 217 11.72 -4.39 46.91
CA SER B 217 12.93 -4.14 46.12
C SER B 217 12.68 -3.16 44.97
N TYR B 218 13.26 -1.95 45.06
CA TYR B 218 13.14 -0.88 44.06
C TYR B 218 13.71 -1.32 42.70
N GLU B 219 14.84 -2.07 42.71
CA GLU B 219 15.49 -2.58 41.49
C GLU B 219 14.56 -3.49 40.71
N ALA B 220 13.78 -4.31 41.42
CA ALA B 220 12.79 -5.22 40.85
C ALA B 220 11.51 -4.47 40.46
N ASN B 221 11.18 -3.39 41.20
CA ASN B 221 10.00 -2.54 40.98
C ASN B 221 10.11 -1.76 39.67
N VAL B 222 11.30 -1.18 39.38
CA VAL B 222 11.62 -0.42 38.18
C VAL B 222 11.40 -1.32 36.96
N THR B 223 11.99 -2.53 36.99
CA THR B 223 11.88 -3.54 35.94
C THR B 223 10.41 -3.84 35.58
N LEU B 224 9.53 -3.87 36.60
CA LEU B 224 8.09 -4.11 36.41
C LEU B 224 7.42 -2.98 35.65
N VAL B 225 7.29 -1.79 36.30
CA VAL B 225 6.62 -0.58 35.76
C VAL B 225 7.21 -0.05 34.44
N VAL B 226 8.54 -0.04 34.29
CA VAL B 226 9.18 0.46 33.06
C VAL B 226 8.94 -0.49 31.88
N SER B 227 9.20 -1.79 32.06
CA SER B 227 9.03 -2.80 31.01
C SER B 227 7.58 -3.02 30.56
N THR B 228 6.61 -2.93 31.48
CA THR B 228 5.17 -3.09 31.17
C THR B 228 4.70 -1.96 30.28
N LEU B 229 5.27 -0.76 30.47
CA LEU B 229 4.99 0.42 29.66
C LEU B 229 5.54 0.19 28.24
N ILE B 230 6.68 -0.52 28.12
CA ILE B 230 7.27 -0.90 26.83
C ILE B 230 6.30 -1.88 26.15
N ALA B 231 5.83 -2.91 26.90
CA ALA B 231 4.87 -3.91 26.45
C ALA B 231 3.57 -3.28 25.98
N HIS B 232 3.06 -2.27 26.72
CA HIS B 232 1.83 -1.52 26.42
C HIS B 232 1.93 -0.77 25.11
N ILE B 233 3.07 -0.09 24.90
CA ILE B 233 3.34 0.66 23.68
C ILE B 233 3.49 -0.34 22.52
N ALA B 234 4.21 -1.46 22.77
CA ALA B 234 4.42 -2.54 21.80
C ALA B 234 3.11 -3.16 21.35
N PHE B 235 2.22 -3.43 22.32
CA PHE B 235 0.91 -3.99 22.08
C PHE B 235 -0.01 -3.00 21.37
N ASN B 236 0.16 -1.69 21.64
CA ASN B 236 -0.61 -0.63 21.00
C ASN B 236 -0.18 -0.49 19.52
N ILE B 237 1.06 -0.91 19.21
CA ILE B 237 1.61 -0.90 17.85
C ILE B 237 0.94 -2.02 17.05
N LEU B 238 0.87 -3.23 17.64
CA LEU B 238 0.24 -4.43 17.08
C LEU B 238 -1.24 -4.15 16.74
N VAL B 239 -1.98 -3.59 17.71
CA VAL B 239 -3.40 -3.23 17.64
C VAL B 239 -3.67 -2.16 16.58
N GLU B 240 -3.06 -0.96 16.73
CA GLU B 240 -3.16 0.25 15.90
C GLU B 240 -4.00 0.18 14.61
N THR B 241 -3.74 -0.83 13.75
CA THR B 241 -4.47 -1.07 12.50
C THR B 241 -5.97 -1.31 12.75
N ASN B 242 -6.30 -2.13 13.78
CA ASN B 242 -7.66 -2.47 14.22
C ASN B 242 -8.34 -1.27 14.89
N LEU B 243 -7.54 -0.45 15.60
CA LEU B 243 -7.95 0.77 16.33
C LEU B 243 -8.39 1.90 15.35
N PRO B 244 -9.58 2.53 15.53
CA PRO B 244 -9.97 3.62 14.62
C PRO B 244 -9.38 4.95 15.07
N LYS B 245 -8.61 5.60 14.20
CA LYS B 245 -8.04 6.87 14.60
C LYS B 245 -8.63 8.06 13.87
N THR B 246 -9.31 8.91 14.64
CA THR B 246 -10.03 10.10 14.18
C THR B 246 -9.52 11.40 14.85
N PRO B 247 -9.81 12.59 14.27
CA PRO B 247 -9.31 13.84 14.89
C PRO B 247 -9.95 14.23 16.23
N TYR B 248 -11.01 13.52 16.67
CA TYR B 248 -11.67 13.78 17.94
C TYR B 248 -11.28 12.77 19.02
N MET B 249 -11.69 13.04 20.28
CA MET B 249 -11.42 12.14 21.39
C MET B 249 -12.44 11.01 21.44
N THR B 250 -11.95 9.78 21.68
CA THR B 250 -12.76 8.56 21.74
C THR B 250 -12.71 7.92 23.13
N TYR B 251 -13.66 7.01 23.42
CA TYR B 251 -13.74 6.27 24.68
C TYR B 251 -12.54 5.35 24.82
N THR B 252 -12.14 4.72 23.71
CA THR B 252 -10.98 3.84 23.63
C THR B 252 -9.70 4.65 23.83
N GLY B 253 -9.59 5.78 23.13
CA GLY B 253 -8.47 6.70 23.21
C GLY B 253 -8.32 7.36 24.57
N ALA B 254 -9.46 7.62 25.24
CA ALA B 254 -9.50 8.19 26.59
C ALA B 254 -8.93 7.19 27.57
N ILE B 255 -9.37 5.91 27.48
CA ILE B 255 -8.88 4.80 28.31
C ILE B 255 -7.38 4.60 28.02
N ILE B 256 -6.99 4.56 26.72
CA ILE B 256 -5.60 4.41 26.26
C ILE B 256 -4.69 5.48 26.84
N PHE B 257 -5.13 6.77 26.85
CA PHE B 257 -4.38 7.87 27.45
C PHE B 257 -4.34 7.76 28.98
N MET B 258 -5.46 7.31 29.59
CA MET B 258 -5.59 7.11 31.03
C MET B 258 -4.57 6.04 31.50
N ILE B 259 -4.39 4.96 30.71
CA ILE B 259 -3.42 3.89 30.97
C ILE B 259 -1.98 4.46 31.03
N TYR B 260 -1.63 5.39 30.11
CA TYR B 260 -0.31 6.05 30.08
C TYR B 260 0.01 6.82 31.36
N LEU B 261 -1.02 7.41 32.02
CA LEU B 261 -0.87 8.11 33.28
C LEU B 261 -0.67 7.13 34.41
N PHE B 262 -1.50 6.06 34.47
CA PHE B 262 -1.45 4.98 35.46
C PHE B 262 -0.11 4.22 35.53
N TYR B 263 0.75 4.42 34.51
CA TYR B 263 2.11 3.89 34.46
C TYR B 263 2.99 4.95 35.11
N PHE B 264 2.88 6.21 34.62
CA PHE B 264 3.63 7.38 35.10
C PHE B 264 3.40 7.62 36.60
N VAL B 265 2.15 7.50 37.05
CA VAL B 265 1.76 7.67 38.45
C VAL B 265 2.36 6.53 39.30
N ALA B 266 2.30 5.28 38.80
CA ALA B 266 2.88 4.11 39.47
C ALA B 266 4.40 4.23 39.63
N VAL B 267 5.08 4.84 38.62
CA VAL B 267 6.52 5.10 38.62
C VAL B 267 6.83 6.04 39.80
N ILE B 268 5.99 7.08 39.96
CA ILE B 268 6.09 8.07 41.03
C ILE B 268 5.99 7.38 42.39
N GLU B 269 4.94 6.53 42.56
CA GLU B 269 4.69 5.75 43.78
C GLU B 269 5.92 4.92 44.18
N VAL B 270 6.45 4.14 43.23
CA VAL B 270 7.60 3.27 43.38
C VAL B 270 8.86 4.07 43.80
N THR B 271 9.06 5.26 43.18
CA THR B 271 10.16 6.18 43.46
C THR B 271 10.00 6.82 44.86
N VAL B 272 8.74 7.11 45.26
CA VAL B 272 8.37 7.68 46.57
C VAL B 272 8.68 6.66 47.68
N GLN B 273 8.30 5.38 47.44
CA GLN B 273 8.54 4.23 48.32
C GLN B 273 10.05 4.12 48.58
N HIS B 274 10.86 4.36 47.52
CA HIS B 274 12.33 4.31 47.59
C HIS B 274 12.91 5.47 48.41
N TYR B 275 12.67 6.74 48.01
CA TYR B 275 13.21 7.92 48.71
C TYR B 275 12.86 8.02 50.18
N LEU B 276 11.69 7.48 50.56
CA LEU B 276 11.24 7.45 51.96
C LEU B 276 12.11 6.47 52.76
N LYS B 277 12.40 5.28 52.19
CA LYS B 277 13.25 4.25 52.79
C LYS B 277 14.70 4.75 52.90
N VAL B 278 15.14 5.54 51.90
CA VAL B 278 16.49 6.14 51.83
C VAL B 278 16.62 7.18 52.95
N GLU B 279 15.64 8.09 53.06
CA GLU B 279 15.64 9.13 54.08
C GLU B 279 15.03 8.64 55.41
N SER B 280 15.46 7.45 55.86
CA SER B 280 15.08 6.77 57.11
C SER B 280 13.62 6.92 57.59
N GLN B 281 12.66 7.03 56.65
CA GLN B 281 11.24 7.14 56.95
C GLN B 281 10.50 6.00 56.22
N PRO B 282 10.69 4.72 56.62
CA PRO B 282 10.01 3.64 55.90
C PRO B 282 8.58 3.39 56.36
N ALA B 283 8.18 3.98 57.50
CA ALA B 283 6.84 3.87 58.06
C ALA B 283 5.83 4.42 57.07
N ARG B 284 6.17 5.55 56.40
CA ARG B 284 5.35 6.19 55.37
C ARG B 284 5.33 5.31 54.14
N ALA B 285 6.52 4.87 53.65
CA ALA B 285 6.70 4.00 52.48
C ALA B 285 5.90 2.71 52.58
N ALA B 286 5.82 2.12 53.79
CA ALA B 286 5.08 0.89 54.08
C ALA B 286 3.59 1.09 53.84
N SER B 287 3.02 2.21 54.33
CA SER B 287 1.61 2.52 54.15
C SER B 287 1.35 3.05 52.75
N ILE B 288 2.33 3.74 52.14
CA ILE B 288 2.24 4.31 50.78
C ILE B 288 2.02 3.22 49.75
N THR B 289 2.72 2.08 49.90
CA THR B 289 2.63 0.92 49.01
C THR B 289 1.29 0.21 49.22
N ARG B 290 0.92 -0.05 50.50
CA ARG B 290 -0.34 -0.68 50.90
C ARG B 290 -1.54 0.12 50.43
N ALA B 291 -1.41 1.46 50.40
CA ALA B 291 -2.47 2.38 49.97
C ALA B 291 -2.75 2.17 48.49
N SER B 292 -1.73 2.40 47.63
CA SER B 292 -1.80 2.27 46.18
C SER B 292 -2.14 0.85 45.71
N ARG B 293 -1.95 -0.14 46.60
CA ARG B 293 -2.26 -1.55 46.37
C ARG B 293 -3.78 -1.76 46.27
N ILE B 294 -4.56 -0.89 46.92
CA ILE B 294 -6.02 -0.90 46.97
C ILE B 294 -6.58 0.30 46.17
N ALA B 295 -5.91 1.45 46.27
CA ALA B 295 -6.27 2.70 45.59
C ALA B 295 -6.27 2.60 44.06
N PHE B 296 -5.09 2.30 43.44
CA PHE B 296 -4.92 2.16 41.99
C PHE B 296 -6.02 1.35 41.30
N PRO B 297 -6.34 0.10 41.75
CA PRO B 297 -7.43 -0.65 41.10
C PRO B 297 -8.82 -0.03 41.26
N VAL B 298 -9.07 0.64 42.42
CA VAL B 298 -10.33 1.32 42.72
C VAL B 298 -10.46 2.59 41.88
N VAL B 299 -9.39 3.41 41.83
CA VAL B 299 -9.31 4.65 41.06
C VAL B 299 -9.52 4.47 39.56
N PHE B 300 -8.90 3.43 38.98
CA PHE B 300 -9.03 3.07 37.56
C PHE B 300 -10.43 2.60 37.25
N LEU B 301 -11.07 1.88 38.18
CA LEU B 301 -12.45 1.38 38.07
C LEU B 301 -13.42 2.56 38.12
N LEU B 302 -13.19 3.53 39.04
CA LEU B 302 -14.01 4.74 39.19
C LEU B 302 -13.98 5.55 37.90
N ALA B 303 -12.76 5.88 37.44
CA ALA B 303 -12.48 6.64 36.23
C ALA B 303 -13.00 5.98 34.94
N ASN B 304 -12.97 4.63 34.86
CA ASN B 304 -13.49 3.90 33.70
C ASN B 304 -15.02 3.96 33.67
N ILE B 305 -15.64 4.01 34.86
CA ILE B 305 -17.08 4.16 35.05
C ILE B 305 -17.43 5.63 34.74
N ILE B 306 -16.57 6.58 35.14
CA ILE B 306 -16.72 8.01 34.88
C ILE B 306 -16.75 8.26 33.37
N LEU B 307 -15.77 7.69 32.62
CA LEU B 307 -15.68 7.81 31.16
C LEU B 307 -16.91 7.23 30.50
N ALA B 308 -17.31 6.01 30.92
CA ALA B 308 -18.50 5.33 30.42
C ALA B 308 -19.76 6.13 30.71
N PHE B 309 -19.81 6.83 31.87
CA PHE B 309 -20.93 7.67 32.26
C PHE B 309 -21.06 8.91 31.37
N LEU B 310 -19.92 9.40 30.85
CA LEU B 310 -19.85 10.57 29.97
C LEU B 310 -20.18 10.23 28.51
N PHE B 311 -19.65 9.10 28.00
CA PHE B 311 -19.88 8.65 26.63
C PHE B 311 -21.23 7.98 26.42
N PHE B 312 -21.81 7.42 27.51
CA PHE B 312 -23.07 6.71 27.50
C PHE B 312 -23.95 7.15 28.67
N PRO C 1 -35.57 -21.18 -25.61
CA PRO C 1 -34.38 -21.29 -24.76
C PRO C 1 -33.13 -21.71 -25.53
N VAL C 2 -32.19 -20.76 -25.68
CA VAL C 2 -30.93 -20.98 -26.40
C VAL C 2 -29.94 -21.72 -25.50
N ASP C 3 -29.52 -22.93 -25.93
CA ASP C 3 -28.58 -23.77 -25.19
C ASP C 3 -27.14 -23.28 -25.33
N VAL C 4 -26.48 -23.01 -24.18
CA VAL C 4 -25.10 -22.50 -24.11
C VAL C 4 -24.19 -23.49 -23.37
N SER C 5 -23.12 -23.95 -24.05
CA SER C 5 -22.11 -24.85 -23.47
C SER C 5 -20.98 -24.00 -22.90
N VAL C 6 -20.86 -23.97 -21.56
CA VAL C 6 -19.84 -23.17 -20.88
C VAL C 6 -18.72 -24.04 -20.30
N SER C 7 -17.50 -23.84 -20.82
CA SER C 7 -16.30 -24.55 -20.38
C SER C 7 -15.30 -23.51 -19.85
N ILE C 8 -15.05 -23.54 -18.53
CA ILE C 8 -14.15 -22.60 -17.85
C ILE C 8 -12.83 -23.28 -17.46
N PHE C 9 -11.71 -22.73 -17.93
CA PHE C 9 -10.37 -23.22 -17.64
C PHE C 9 -9.80 -22.44 -16.47
N ILE C 10 -9.14 -23.14 -15.53
CA ILE C 10 -8.55 -22.52 -14.35
C ILE C 10 -7.04 -22.61 -14.41
N ASN C 11 -6.36 -21.45 -14.34
CA ASN C 11 -4.90 -21.34 -14.40
C ASN C 11 -4.30 -21.05 -13.02
N LYS C 12 -4.81 -20.00 -12.35
CA LYS C 12 -4.30 -19.55 -11.06
C LYS C 12 -5.42 -19.12 -10.12
N ILE C 13 -5.26 -19.42 -8.83
CA ILE C 13 -6.13 -19.01 -7.72
C ILE C 13 -5.14 -18.47 -6.70
N TYR C 14 -4.83 -17.17 -6.79
CA TYR C 14 -3.82 -16.53 -5.96
C TYR C 14 -4.32 -15.34 -5.15
N GLY C 15 -3.58 -15.00 -4.09
CA GLY C 15 -3.85 -13.88 -3.19
C GLY C 15 -5.15 -13.99 -2.43
N VAL C 16 -5.18 -14.86 -1.43
CA VAL C 16 -6.36 -15.07 -0.60
C VAL C 16 -6.37 -14.05 0.54
N ASN C 17 -7.28 -13.06 0.48
CA ASN C 17 -7.37 -12.05 1.54
C ASN C 17 -8.17 -12.56 2.73
N THR C 18 -7.57 -12.44 3.91
CA THR C 18 -8.12 -12.91 5.19
C THR C 18 -9.20 -12.00 5.79
N LEU C 19 -9.32 -10.74 5.28
CA LEU C 19 -10.29 -9.76 5.77
C LEU C 19 -11.53 -9.66 4.88
N GLU C 20 -11.35 -9.33 3.60
CA GLU C 20 -12.43 -9.14 2.63
C GLU C 20 -13.00 -10.45 2.05
N GLN C 21 -12.35 -11.60 2.37
CA GLN C 21 -12.71 -12.95 1.91
C GLN C 21 -12.70 -13.03 0.37
N THR C 22 -11.67 -12.40 -0.23
CA THR C 22 -11.44 -12.30 -1.67
C THR C 22 -10.22 -13.11 -2.13
N TYR C 23 -10.21 -13.49 -3.43
CA TYR C 23 -9.14 -14.26 -4.08
C TYR C 23 -9.18 -14.02 -5.59
N LYS C 24 -7.99 -13.80 -6.18
CA LYS C 24 -7.85 -13.54 -7.62
C LYS C 24 -7.80 -14.84 -8.41
N VAL C 25 -8.64 -14.95 -9.46
CA VAL C 25 -8.72 -16.14 -10.31
C VAL C 25 -8.44 -15.79 -11.77
N ASP C 26 -7.50 -16.52 -12.39
CA ASP C 26 -7.13 -16.36 -13.80
C ASP C 26 -7.40 -17.64 -14.58
N GLY C 27 -7.79 -17.45 -15.84
CA GLY C 27 -8.08 -18.54 -16.77
C GLY C 27 -8.73 -18.08 -18.06
N TYR C 28 -9.54 -18.97 -18.66
CA TYR C 28 -10.24 -18.72 -19.91
C TYR C 28 -11.70 -19.15 -19.80
N ILE C 29 -12.60 -18.47 -20.55
CA ILE C 29 -14.02 -18.79 -20.59
C ILE C 29 -14.49 -19.11 -22.02
N VAL C 30 -15.10 -20.30 -22.21
CA VAL C 30 -15.59 -20.77 -23.51
C VAL C 30 -17.12 -20.93 -23.52
N ALA C 31 -17.81 -20.18 -24.41
CA ALA C 31 -19.28 -20.24 -24.55
C ALA C 31 -19.70 -20.64 -25.97
N GLN C 32 -20.02 -21.94 -26.16
CA GLN C 32 -20.45 -22.50 -27.44
C GLN C 32 -21.98 -22.63 -27.48
N TRP C 33 -22.65 -21.66 -28.12
CA TRP C 33 -24.10 -21.61 -28.27
C TRP C 33 -24.52 -21.67 -29.74
N THR C 34 -25.61 -22.39 -30.03
CA THR C 34 -26.11 -22.56 -31.38
C THR C 34 -26.94 -21.35 -31.78
N GLY C 35 -26.38 -20.53 -32.66
CA GLY C 35 -27.02 -19.31 -33.14
C GLY C 35 -27.91 -19.54 -34.34
N LYS C 36 -27.64 -18.81 -35.43
CA LYS C 36 -28.38 -18.88 -36.69
C LYS C 36 -27.39 -19.10 -37.85
N PRO C 37 -27.73 -19.87 -38.92
CA PRO C 37 -26.75 -20.08 -40.01
C PRO C 37 -26.37 -18.80 -40.77
N ARG C 38 -25.05 -18.58 -40.94
CA ARG C 38 -24.46 -17.43 -41.63
C ARG C 38 -23.44 -17.87 -42.67
N LYS C 39 -23.06 -16.97 -43.61
CA LYS C 39 -22.08 -17.29 -44.63
C LYS C 39 -20.69 -16.77 -44.30
N THR C 40 -19.75 -17.71 -44.13
CA THR C 40 -18.34 -17.45 -43.83
C THR C 40 -17.55 -17.47 -45.15
N PRO C 41 -16.41 -16.74 -45.28
CA PRO C 41 -15.65 -16.79 -46.54
C PRO C 41 -15.19 -18.21 -46.88
N GLY C 42 -15.94 -18.83 -47.78
CA GLY C 42 -15.71 -20.21 -48.20
C GLY C 42 -16.42 -21.18 -47.29
N ASP C 43 -15.69 -22.22 -46.85
CA ASP C 43 -16.19 -23.27 -45.96
C ASP C 43 -15.69 -23.07 -44.53
N LYS C 44 -14.43 -22.58 -44.39
CA LYS C 44 -13.75 -22.34 -43.11
C LYS C 44 -14.50 -21.32 -42.22
N PRO C 45 -14.62 -21.57 -40.90
CA PRO C 45 -15.34 -20.61 -40.03
C PRO C 45 -14.54 -19.33 -39.78
N LEU C 46 -15.24 -18.19 -39.70
CA LEU C 46 -14.64 -16.87 -39.48
C LEU C 46 -14.10 -16.72 -38.06
N ILE C 47 -12.91 -16.11 -37.93
CA ILE C 47 -12.27 -15.84 -36.64
C ILE C 47 -12.27 -14.32 -36.42
N VAL C 48 -13.06 -13.86 -35.43
CA VAL C 48 -13.22 -12.44 -35.09
C VAL C 48 -12.51 -12.11 -33.78
N GLU C 49 -11.73 -11.01 -33.76
CA GLU C 49 -10.98 -10.53 -32.60
C GLU C 49 -11.71 -9.42 -31.83
N ASN C 50 -11.27 -9.17 -30.57
CA ASN C 50 -11.80 -8.19 -29.60
C ASN C 50 -12.30 -6.84 -30.12
N THR C 51 -11.50 -6.16 -30.97
CA THR C 51 -11.87 -4.85 -31.53
C THR C 51 -13.03 -4.95 -32.53
N GLN C 52 -13.03 -6.02 -33.35
CA GLN C 52 -14.04 -6.27 -34.37
C GLN C 52 -15.31 -6.95 -33.85
N ILE C 53 -15.29 -7.44 -32.60
CA ILE C 53 -16.43 -8.11 -31.95
C ILE C 53 -17.62 -7.15 -31.80
N GLU C 54 -17.36 -5.91 -31.37
CA GLU C 54 -18.37 -4.87 -31.20
C GLU C 54 -18.97 -4.44 -32.55
N ARG C 55 -18.16 -4.50 -33.64
CA ARG C 55 -18.57 -4.15 -35.00
C ARG C 55 -19.63 -5.12 -35.53
N TRP C 56 -19.54 -6.41 -35.12
CA TRP C 56 -20.48 -7.45 -35.51
C TRP C 56 -21.84 -7.28 -34.87
N ILE C 57 -21.88 -6.91 -33.58
CA ILE C 57 -23.11 -6.69 -32.81
C ILE C 57 -23.96 -5.55 -33.43
N ASN C 58 -23.29 -4.50 -33.95
CA ASN C 58 -23.92 -3.35 -34.62
C ASN C 58 -24.65 -3.77 -35.91
N ASN C 59 -24.05 -4.73 -36.66
CA ASN C 59 -24.61 -5.26 -37.92
C ASN C 59 -25.84 -6.15 -37.69
N GLY C 60 -25.95 -6.74 -36.48
CA GLY C 60 -27.06 -7.60 -36.10
C GLY C 60 -26.66 -8.97 -35.61
N LEU C 61 -25.54 -9.06 -34.87
CA LEU C 61 -25.03 -10.31 -34.33
C LEU C 61 -25.29 -10.38 -32.82
N TRP C 62 -25.84 -11.51 -32.37
CA TRP C 62 -26.16 -11.78 -30.97
C TRP C 62 -24.92 -12.09 -30.16
N VAL C 63 -24.83 -11.51 -28.95
CA VAL C 63 -23.78 -11.75 -27.95
C VAL C 63 -24.50 -11.76 -26.59
N PRO C 64 -24.57 -12.90 -25.88
CA PRO C 64 -25.28 -12.91 -24.59
C PRO C 64 -24.46 -12.34 -23.44
N ALA C 65 -25.14 -11.61 -22.53
CA ALA C 65 -24.52 -10.98 -21.37
C ALA C 65 -24.28 -11.96 -20.23
N LEU C 66 -23.16 -12.70 -20.27
CA LEU C 66 -22.79 -13.64 -19.23
C LEU C 66 -21.86 -12.98 -18.21
N GLU C 67 -22.43 -12.57 -17.06
CA GLU C 67 -21.75 -11.88 -15.96
C GLU C 67 -21.53 -12.81 -14.77
N PHE C 68 -20.36 -12.66 -14.11
CA PHE C 68 -20.04 -13.41 -12.89
C PHE C 68 -20.84 -12.75 -11.76
N ILE C 69 -21.60 -13.56 -11.00
CA ILE C 69 -22.42 -13.07 -9.89
C ILE C 69 -21.56 -12.65 -8.70
N ASN C 70 -20.56 -13.47 -8.34
CA ASN C 70 -19.66 -13.24 -7.20
C ASN C 70 -18.38 -12.42 -7.52
N VAL C 71 -18.34 -11.72 -8.68
CA VAL C 71 -17.17 -10.90 -9.04
C VAL C 71 -17.14 -9.54 -8.31
N VAL C 72 -15.99 -9.22 -7.71
CA VAL C 72 -15.78 -7.97 -7.01
C VAL C 72 -15.15 -7.03 -8.02
N GLY C 73 -15.92 -6.03 -8.43
CA GLY C 73 -15.52 -5.05 -9.44
C GLY C 73 -15.53 -5.68 -10.81
N SER C 74 -15.28 -4.88 -11.86
CA SER C 74 -15.22 -5.38 -13.22
C SER C 74 -13.94 -6.19 -13.42
N PRO C 75 -14.04 -7.49 -13.79
CA PRO C 75 -12.83 -8.29 -13.98
C PRO C 75 -12.08 -7.92 -15.26
N ASP C 76 -10.77 -8.20 -15.31
CA ASP C 76 -9.93 -7.88 -16.46
C ASP C 76 -10.03 -8.91 -17.57
N THR C 77 -10.74 -8.55 -18.65
CA THR C 77 -10.87 -9.40 -19.83
C THR C 77 -9.73 -9.00 -20.77
N GLY C 78 -8.82 -9.95 -21.01
CA GLY C 78 -7.65 -9.75 -21.88
C GLY C 78 -8.03 -9.66 -23.35
N ASN C 79 -7.89 -10.78 -24.07
CA ASN C 79 -8.27 -10.86 -25.48
C ASN C 79 -9.50 -11.71 -25.62
N LYS C 80 -10.55 -11.17 -26.22
CA LYS C 80 -11.77 -11.92 -26.46
C LYS C 80 -11.90 -12.27 -27.93
N ARG C 81 -12.36 -13.48 -28.23
CA ARG C 81 -12.47 -14.00 -29.60
C ARG C 81 -13.81 -14.71 -29.86
N LEU C 82 -14.49 -14.30 -30.95
CA LEU C 82 -15.73 -14.91 -31.41
C LEU C 82 -15.43 -15.74 -32.65
N MET C 83 -15.87 -17.01 -32.63
CA MET C 83 -15.66 -17.92 -33.76
C MET C 83 -17.01 -18.24 -34.42
N LEU C 84 -17.36 -17.48 -35.47
CA LEU C 84 -18.61 -17.63 -36.22
C LEU C 84 -18.50 -18.81 -37.20
N PHE C 85 -19.34 -19.83 -37.00
CA PHE C 85 -19.37 -21.02 -37.85
C PHE C 85 -20.40 -20.88 -38.98
N PRO C 86 -20.13 -21.44 -40.20
CA PRO C 86 -21.13 -21.32 -41.28
C PRO C 86 -22.44 -22.07 -41.01
N ASP C 87 -22.37 -23.13 -40.20
CA ASP C 87 -23.53 -23.94 -39.82
C ASP C 87 -24.51 -23.20 -38.91
N GLY C 88 -24.00 -22.41 -37.97
CA GLY C 88 -24.82 -21.62 -37.05
C GLY C 88 -24.21 -21.30 -35.70
N ARG C 89 -23.59 -22.31 -35.05
CA ARG C 89 -22.99 -22.19 -33.71
C ARG C 89 -21.87 -21.13 -33.64
N VAL C 90 -21.70 -20.54 -32.44
CA VAL C 90 -20.68 -19.50 -32.20
C VAL C 90 -19.91 -19.84 -30.91
N ILE C 91 -18.56 -19.90 -31.00
CA ILE C 91 -17.67 -20.19 -29.87
C ILE C 91 -17.00 -18.90 -29.41
N TYR C 92 -17.24 -18.52 -28.14
CA TYR C 92 -16.69 -17.31 -27.51
C TYR C 92 -15.59 -17.67 -26.51
N ASN C 93 -14.33 -17.31 -26.83
CA ASN C 93 -13.17 -17.57 -25.99
C ASN C 93 -12.61 -16.24 -25.46
N ALA C 94 -12.52 -16.10 -24.11
CA ALA C 94 -12.02 -14.87 -23.47
C ALA C 94 -11.18 -15.16 -22.23
N ARG C 95 -9.98 -14.52 -22.12
CA ARG C 95 -9.09 -14.64 -20.97
C ARG C 95 -9.55 -13.67 -19.89
N PHE C 96 -9.67 -14.15 -18.64
CA PHE C 96 -10.14 -13.33 -17.53
C PHE C 96 -9.25 -13.39 -16.30
N LEU C 97 -9.18 -12.27 -15.56
CA LEU C 97 -8.45 -12.14 -14.29
C LEU C 97 -9.22 -11.15 -13.41
N GLY C 98 -9.90 -11.68 -12.40
CA GLY C 98 -10.70 -10.87 -11.50
C GLY C 98 -10.75 -11.38 -10.08
N SER C 99 -11.36 -10.56 -9.19
CA SER C 99 -11.51 -10.86 -7.77
C SER C 99 -12.88 -11.47 -7.51
N PHE C 100 -12.92 -12.55 -6.70
CA PHE C 100 -14.16 -13.26 -6.37
C PHE C 100 -14.41 -13.39 -4.88
N SER C 101 -15.64 -13.08 -4.45
CA SER C 101 -16.07 -13.14 -3.06
C SER C 101 -16.83 -14.43 -2.74
N ASN C 102 -16.51 -15.01 -1.58
CA ASN C 102 -17.10 -16.24 -1.06
C ASN C 102 -16.91 -16.25 0.44
N ASP C 103 -17.92 -16.74 1.20
CA ASP C 103 -17.86 -16.84 2.66
C ASP C 103 -16.77 -17.82 3.09
N MET C 104 -15.77 -17.31 3.82
CA MET C 104 -14.63 -18.08 4.28
C MET C 104 -14.59 -18.25 5.78
N ASP C 105 -14.22 -19.45 6.23
CA ASP C 105 -14.12 -19.79 7.64
C ASP C 105 -12.65 -20.04 8.01
N PHE C 106 -12.02 -19.05 8.66
CA PHE C 106 -10.63 -19.10 9.09
C PHE C 106 -10.49 -19.55 10.55
N ARG C 107 -11.61 -19.99 11.19
CA ARG C 107 -11.69 -20.45 12.58
C ARG C 107 -10.56 -21.38 13.01
N LEU C 108 -10.14 -22.26 12.10
CA LEU C 108 -9.07 -23.22 12.33
C LEU C 108 -7.97 -23.01 11.32
N PHE C 109 -7.20 -21.92 11.48
CA PHE C 109 -6.11 -21.54 10.57
C PHE C 109 -4.98 -22.57 10.40
N PRO C 110 -4.36 -23.16 11.46
CA PRO C 110 -3.25 -24.09 11.24
C PRO C 110 -3.55 -25.28 10.34
N PHE C 111 -4.83 -25.67 10.26
CA PHE C 111 -5.31 -26.78 9.44
C PHE C 111 -6.58 -26.29 8.74
N ASP C 112 -6.41 -25.24 7.92
CA ASP C 112 -7.45 -24.52 7.18
C ASP C 112 -8.16 -25.37 6.11
N ARG C 113 -9.48 -25.19 6.00
CA ARG C 113 -10.36 -25.83 5.02
C ARG C 113 -11.10 -24.73 4.28
N GLN C 114 -10.85 -24.58 2.97
CA GLN C 114 -11.50 -23.52 2.19
C GLN C 114 -12.02 -23.96 0.83
N GLN C 115 -13.09 -23.30 0.38
CA GLN C 115 -13.76 -23.56 -0.91
C GLN C 115 -13.74 -22.29 -1.76
N PHE C 116 -13.22 -22.40 -2.99
CA PHE C 116 -13.15 -21.28 -3.93
C PHE C 116 -14.28 -21.43 -4.93
N VAL C 117 -15.30 -20.55 -4.82
CA VAL C 117 -16.52 -20.60 -5.64
C VAL C 117 -16.55 -19.53 -6.75
N LEU C 118 -17.05 -19.93 -7.93
CA LEU C 118 -17.23 -19.06 -9.08
C LEU C 118 -18.63 -19.28 -9.65
N GLU C 119 -19.41 -18.19 -9.77
CA GLU C 119 -20.80 -18.24 -10.26
C GLU C 119 -21.02 -17.39 -11.51
N LEU C 120 -21.75 -17.94 -12.50
CA LEU C 120 -22.08 -17.26 -13.76
C LEU C 120 -23.56 -17.39 -14.08
N GLU C 121 -24.22 -16.25 -14.29
CA GLU C 121 -25.63 -16.16 -14.63
C GLU C 121 -25.81 -15.09 -15.71
N PRO C 122 -26.54 -15.37 -16.82
CA PRO C 122 -26.74 -14.33 -17.83
C PRO C 122 -27.49 -13.13 -17.25
N PHE C 123 -26.84 -11.97 -17.28
CA PHE C 123 -27.32 -10.70 -16.73
C PHE C 123 -28.68 -10.22 -17.27
N SER C 124 -28.98 -10.60 -18.52
CA SER C 124 -30.19 -10.16 -19.21
C SER C 124 -31.17 -11.26 -19.66
N TYR C 125 -30.71 -12.53 -19.73
CA TYR C 125 -31.54 -13.63 -20.24
C TYR C 125 -31.83 -14.79 -19.27
N ASN C 126 -33.14 -15.00 -18.96
CA ASN C 126 -33.65 -16.03 -18.05
C ASN C 126 -34.06 -17.32 -18.78
N ASN C 127 -34.84 -17.18 -19.87
CA ASN C 127 -35.27 -18.29 -20.71
C ASN C 127 -34.26 -18.50 -21.84
N GLN C 128 -33.02 -18.78 -21.41
CA GLN C 128 -31.82 -19.03 -22.18
C GLN C 128 -30.96 -19.92 -21.28
N GLN C 129 -31.20 -21.24 -21.40
CA GLN C 129 -30.61 -22.32 -20.63
C GLN C 129 -29.10 -22.47 -20.82
N LEU C 130 -28.39 -22.82 -19.73
CA LEU C 130 -26.97 -23.09 -19.77
C LEU C 130 -26.85 -24.62 -19.78
N ARG C 131 -26.47 -25.17 -20.95
CA ARG C 131 -26.35 -26.60 -21.24
C ARG C 131 -25.50 -27.39 -20.25
N PHE C 132 -24.15 -27.31 -20.37
CA PHE C 132 -23.24 -28.03 -19.46
C PHE C 132 -22.02 -27.24 -19.05
N SER C 133 -21.66 -27.35 -17.75
CA SER C 133 -20.50 -26.70 -17.14
C SER C 133 -19.30 -27.65 -17.12
N ASP C 134 -18.11 -27.12 -17.43
CA ASP C 134 -16.87 -27.90 -17.45
C ASP C 134 -15.72 -27.09 -16.82
N ILE C 135 -15.11 -27.64 -15.75
CA ILE C 135 -14.01 -26.98 -15.04
C ILE C 135 -12.70 -27.75 -15.30
N GLN C 136 -11.74 -27.06 -15.92
CA GLN C 136 -10.46 -27.66 -16.27
C GLN C 136 -9.30 -27.12 -15.43
N VAL C 137 -9.30 -27.48 -14.12
CA VAL C 137 -8.24 -27.09 -13.19
C VAL C 137 -7.05 -28.08 -13.36
N TYR C 138 -6.49 -28.09 -14.58
CA TYR C 138 -5.39 -28.96 -14.98
C TYR C 138 -4.00 -28.50 -14.50
N THR C 139 -3.97 -27.45 -13.66
CA THR C 139 -2.76 -26.93 -13.04
C THR C 139 -2.45 -27.89 -11.87
N GLU C 140 -1.49 -28.82 -12.12
CA GLU C 140 -1.07 -29.90 -11.22
C GLU C 140 -0.71 -29.52 -9.79
N ASN C 141 -1.46 -30.12 -8.85
CA ASN C 141 -1.36 -29.94 -7.39
C ASN C 141 -0.24 -30.75 -6.73
N ILE C 142 -0.15 -32.07 -7.06
CA ILE C 142 0.85 -33.01 -6.53
C ILE C 142 2.25 -32.77 -7.15
N ASP C 143 2.31 -31.89 -8.20
CA ASP C 143 3.53 -31.49 -8.90
C ASP C 143 4.48 -30.77 -7.94
N ASN C 144 4.00 -29.71 -7.25
CA ASN C 144 4.76 -28.94 -6.27
C ASN C 144 3.88 -28.61 -5.06
N GLU C 145 3.63 -29.61 -4.19
CA GLU C 145 2.80 -29.45 -2.98
C GLU C 145 3.41 -28.49 -1.96
N GLU C 146 4.76 -28.48 -1.84
CA GLU C 146 5.47 -27.57 -0.94
C GLU C 146 5.44 -26.14 -1.49
N ILE C 147 5.63 -25.97 -2.81
CA ILE C 147 5.61 -24.67 -3.50
C ILE C 147 4.21 -24.04 -3.52
N ASP C 148 3.16 -24.85 -3.79
CA ASP C 148 1.77 -24.38 -3.80
C ASP C 148 1.29 -24.08 -2.39
N GLU C 149 0.69 -22.90 -2.19
CA GLU C 149 0.16 -22.46 -0.90
C GLU C 149 -1.05 -23.28 -0.50
N TRP C 150 -1.90 -23.62 -1.48
CA TRP C 150 -3.10 -24.42 -1.26
C TRP C 150 -3.00 -25.73 -2.02
N TRP C 151 -3.29 -26.87 -1.33
CA TRP C 151 -3.27 -28.19 -1.95
C TRP C 151 -4.61 -28.42 -2.63
N ILE C 152 -4.66 -28.25 -3.98
CA ILE C 152 -5.89 -28.41 -4.79
C ILE C 152 -6.37 -29.86 -4.65
N ARG C 153 -7.52 -30.05 -3.99
CA ARG C 153 -8.11 -31.38 -3.79
C ARG C 153 -9.41 -31.46 -4.57
N GLY C 154 -9.45 -32.39 -5.52
CA GLY C 154 -10.59 -32.60 -6.40
C GLY C 154 -10.60 -31.65 -7.58
N LYS C 155 -10.99 -32.18 -8.76
CA LYS C 155 -11.07 -31.41 -10.00
C LYS C 155 -12.37 -30.58 -10.08
N ALA C 156 -12.61 -29.77 -9.02
CA ALA C 156 -13.76 -28.87 -8.82
C ALA C 156 -15.14 -29.56 -8.76
N SER C 157 -16.17 -28.78 -8.40
CA SER C 157 -17.55 -29.28 -8.29
C SER C 157 -18.50 -28.56 -9.26
N THR C 158 -18.92 -29.29 -10.31
CA THR C 158 -19.84 -28.83 -11.34
C THR C 158 -21.25 -28.80 -10.74
N HIS C 159 -21.96 -27.67 -10.88
CA HIS C 159 -23.31 -27.49 -10.35
C HIS C 159 -24.08 -26.49 -11.21
N ILE C 160 -25.16 -26.95 -11.87
CA ILE C 160 -26.01 -26.09 -12.70
C ILE C 160 -27.39 -26.03 -12.03
N SER C 161 -27.84 -24.80 -11.72
CA SER C 161 -29.10 -24.58 -11.02
C SER C 161 -29.91 -23.40 -11.55
N ASP C 162 -31.24 -23.48 -11.40
CA ASP C 162 -32.19 -22.44 -11.80
C ASP C 162 -32.48 -21.53 -10.60
N ILE C 163 -31.83 -20.34 -10.58
CA ILE C 163 -31.99 -19.37 -9.50
C ILE C 163 -33.28 -18.59 -9.67
N ARG C 164 -34.14 -18.67 -8.64
CA ARG C 164 -35.44 -18.01 -8.62
C ARG C 164 -35.35 -16.65 -7.94
N TYR C 165 -35.86 -15.62 -8.62
CA TYR C 165 -35.88 -14.24 -8.12
C TYR C 165 -37.29 -13.86 -7.65
N ASP C 166 -37.39 -12.84 -6.78
CA ASP C 166 -38.68 -12.39 -6.26
C ASP C 166 -39.08 -11.02 -6.80
N HIS C 167 -38.20 -10.01 -6.65
CA HIS C 167 -38.45 -8.64 -7.10
C HIS C 167 -37.99 -8.45 -8.53
N LEU C 168 -38.95 -8.48 -9.47
CA LEU C 168 -38.71 -8.31 -10.91
C LEU C 168 -39.78 -7.38 -11.55
N SER C 169 -40.04 -7.49 -12.86
CA SER C 169 -41.01 -6.69 -13.60
C SER C 169 -42.47 -7.09 -13.32
N SER C 170 -43.37 -6.86 -14.29
CA SER C 170 -44.80 -7.19 -14.18
C SER C 170 -45.06 -8.62 -14.65
N VAL C 171 -44.44 -9.01 -15.79
CA VAL C 171 -44.57 -10.34 -16.41
C VAL C 171 -43.54 -11.34 -15.87
N GLN C 172 -43.95 -12.12 -14.84
CA GLN C 172 -43.08 -13.13 -14.22
C GLN C 172 -43.75 -14.51 -13.98
N PRO C 173 -44.71 -15.03 -14.81
CA PRO C 173 -45.27 -16.36 -14.49
C PRO C 173 -44.26 -17.48 -14.68
N ASN C 174 -43.17 -17.19 -15.41
CA ASN C 174 -42.05 -18.08 -15.74
C ASN C 174 -40.88 -17.27 -16.35
N GLN C 175 -40.52 -16.14 -15.73
CA GLN C 175 -39.42 -15.26 -16.16
C GLN C 175 -38.43 -15.01 -14.99
N ASN C 176 -38.82 -15.44 -13.78
CA ASN C 176 -38.02 -15.31 -12.57
C ASN C 176 -36.88 -16.35 -12.49
N GLU C 177 -36.93 -17.41 -13.33
CA GLU C 177 -35.95 -18.48 -13.35
C GLU C 177 -34.80 -18.29 -14.34
N PHE C 178 -33.62 -17.98 -13.79
CA PHE C 178 -32.35 -17.76 -14.48
C PHE C 178 -31.44 -18.96 -14.28
N SER C 179 -30.82 -19.43 -15.38
CA SER C 179 -29.88 -20.54 -15.34
C SER C 179 -28.56 -20.04 -14.74
N ARG C 180 -27.98 -20.78 -13.78
CA ARG C 180 -26.73 -20.36 -13.12
C ARG C 180 -25.73 -21.49 -12.92
N ILE C 181 -24.47 -21.23 -13.30
CA ILE C 181 -23.33 -22.13 -13.16
C ILE C 181 -22.76 -21.89 -11.73
N THR C 182 -22.47 -22.97 -10.99
CA THR C 182 -21.91 -22.89 -9.64
C THR C 182 -20.66 -23.78 -9.54
N VAL C 183 -19.51 -23.19 -9.83
CA VAL C 183 -18.19 -23.84 -9.82
C VAL C 183 -17.57 -23.69 -8.43
N ARG C 184 -17.18 -24.81 -7.80
CA ARG C 184 -16.56 -24.79 -6.47
C ARG C 184 -15.36 -25.72 -6.30
N ILE C 185 -14.14 -25.16 -6.40
CA ILE C 185 -12.87 -25.89 -6.23
C ILE C 185 -12.50 -25.89 -4.76
N ASP C 186 -12.08 -27.05 -4.24
CA ASP C 186 -11.69 -27.21 -2.84
C ASP C 186 -10.18 -27.25 -2.68
N ALA C 187 -9.69 -26.74 -1.53
CA ALA C 187 -8.27 -26.67 -1.19
C ALA C 187 -8.02 -26.66 0.31
N VAL C 188 -6.85 -27.17 0.73
CA VAL C 188 -6.42 -27.23 2.13
C VAL C 188 -5.04 -26.59 2.24
N ARG C 189 -4.93 -25.56 3.10
CA ARG C 189 -3.70 -24.82 3.35
C ARG C 189 -2.65 -25.73 4.00
N ASN C 190 -1.41 -25.67 3.49
CA ASN C 190 -0.32 -26.49 4.01
C ASN C 190 0.24 -25.91 5.30
N TYR C 191 0.22 -26.73 6.35
CA TYR C 191 0.72 -26.38 7.68
C TYR C 191 2.23 -26.37 7.72
N PHE C 192 2.86 -27.16 6.82
CA PHE C 192 4.31 -27.37 6.64
C PHE C 192 5.22 -26.28 7.21
N SER C 193 5.06 -25.02 6.75
CA SER C 193 5.88 -23.91 7.22
C SER C 193 5.31 -23.12 8.39
N TYR C 194 3.98 -23.22 8.63
CA TYR C 194 3.33 -22.48 9.72
C TYR C 194 3.70 -22.91 11.15
N ILE C 195 4.20 -24.14 11.33
CA ILE C 195 4.63 -24.63 12.65
C ILE C 195 6.05 -24.16 13.01
N PRO C 196 7.10 -24.37 12.17
CA PRO C 196 8.45 -23.91 12.57
C PRO C 196 8.71 -22.41 12.38
N ASN C 197 7.71 -21.66 11.91
CA ASN C 197 7.87 -20.22 11.72
C ASN C 197 7.00 -19.41 12.67
N ILE C 198 5.79 -19.92 13.00
CA ILE C 198 4.83 -19.24 13.88
C ILE C 198 4.57 -19.96 15.22
N ILE C 199 3.99 -21.18 15.16
CA ILE C 199 3.60 -21.96 16.33
C ILE C 199 4.75 -22.32 17.28
N LEU C 200 5.77 -23.07 16.80
CA LEU C 200 6.94 -23.46 17.59
C LEU C 200 7.70 -22.31 18.28
N PRO C 201 8.13 -21.21 17.59
CA PRO C 201 8.85 -20.13 18.31
C PRO C 201 7.98 -19.38 19.32
N MET C 202 6.65 -19.28 19.07
CA MET C 202 5.70 -18.62 19.99
C MET C 202 5.53 -19.43 21.29
N LEU C 203 5.84 -20.73 21.21
CA LEU C 203 5.75 -21.62 22.34
C LEU C 203 6.99 -21.56 23.20
N PHE C 204 8.20 -21.58 22.58
CA PHE C 204 9.48 -21.50 23.30
C PHE C 204 9.56 -20.28 24.21
N ILE C 205 9.13 -19.09 23.71
CA ILE C 205 9.12 -17.81 24.45
C ILE C 205 8.25 -17.91 25.71
N LEU C 206 7.13 -18.64 25.63
CA LEU C 206 6.20 -18.88 26.73
C LEU C 206 6.81 -19.83 27.78
N PHE C 207 7.61 -20.82 27.36
CA PHE C 207 8.26 -21.78 28.27
C PHE C 207 9.48 -21.15 28.95
N ILE C 208 10.11 -20.15 28.30
CA ILE C 208 11.24 -19.42 28.84
C ILE C 208 10.76 -18.63 30.08
N SER C 209 9.47 -18.19 30.07
CA SER C 209 8.84 -17.51 31.21
C SER C 209 8.67 -18.48 32.36
N TRP C 210 8.44 -19.77 32.05
CA TRP C 210 8.25 -20.83 33.03
C TRP C 210 9.53 -21.23 33.79
N THR C 211 10.71 -20.74 33.35
CA THR C 211 11.98 -21.02 34.04
C THR C 211 12.11 -20.30 35.39
N ALA C 212 11.12 -19.45 35.73
CA ALA C 212 11.05 -18.74 37.00
C ALA C 212 10.41 -19.63 38.08
N PHE C 213 9.99 -20.85 37.70
CA PHE C 213 9.41 -21.83 38.60
C PHE C 213 10.49 -22.74 39.24
N TRP C 214 11.75 -22.30 39.16
CA TRP C 214 12.93 -22.95 39.74
C TRP C 214 13.76 -21.91 40.46
N SER C 215 13.85 -20.70 39.86
CA SER C 215 14.58 -19.55 40.39
C SER C 215 13.92 -19.01 41.66
N THR C 216 14.75 -18.72 42.67
CA THR C 216 14.31 -18.19 43.96
C THR C 216 14.37 -16.66 44.02
N SER C 217 15.27 -16.04 43.20
CA SER C 217 15.49 -14.59 43.11
C SER C 217 14.36 -13.89 42.33
N TYR C 218 13.56 -13.08 43.05
CA TYR C 218 12.44 -12.31 42.50
C TYR C 218 12.89 -11.31 41.44
N GLU C 219 14.06 -10.66 41.66
CA GLU C 219 14.65 -9.68 40.72
C GLU C 219 14.94 -10.32 39.37
N ALA C 220 15.42 -11.59 39.38
CA ALA C 220 15.71 -12.37 38.19
C ALA C 220 14.42 -12.94 37.58
N ASN C 221 13.42 -13.24 38.45
CA ASN C 221 12.10 -13.78 38.06
C ASN C 221 11.29 -12.78 37.25
N VAL C 222 11.27 -11.49 37.68
CA VAL C 222 10.57 -10.38 37.03
C VAL C 222 11.11 -10.22 35.61
N THR C 223 12.45 -10.16 35.48
CA THR C 223 13.15 -10.03 34.20
C THR C 223 12.72 -11.13 33.22
N LEU C 224 12.49 -12.37 33.70
CA LEU C 224 12.05 -13.50 32.89
C LEU C 224 10.64 -13.28 32.35
N VAL C 225 9.61 -13.32 33.24
CA VAL C 225 8.18 -13.19 32.90
C VAL C 225 7.78 -11.89 32.19
N VAL C 226 8.34 -10.74 32.61
CA VAL C 226 8.01 -9.45 31.99
C VAL C 226 8.60 -9.34 30.58
N SER C 227 9.89 -9.65 30.41
CA SER C 227 10.57 -9.57 29.11
C SER C 227 10.09 -10.58 28.07
N THR C 228 9.69 -11.81 28.50
CA THR C 228 9.17 -12.84 27.59
C THR C 228 7.83 -12.40 26.99
N LEU C 229 7.04 -11.64 27.78
CA LEU C 229 5.77 -11.07 27.37
C LEU C 229 6.03 -10.00 26.31
N ILE C 230 7.15 -9.26 26.43
CA ILE C 230 7.58 -8.27 25.44
C ILE C 230 7.94 -9.02 24.16
N ALA C 231 8.74 -10.10 24.27
CA ALA C 231 9.15 -10.97 23.16
C ALA C 231 7.95 -11.58 22.43
N HIS C 232 6.92 -12.00 23.20
CA HIS C 232 5.68 -12.60 22.68
C HIS C 232 4.88 -11.60 21.86
N ILE C 233 4.76 -10.37 22.36
CA ILE C 233 4.06 -9.29 21.68
C ILE C 233 4.87 -8.91 20.43
N ALA C 234 6.20 -8.82 20.56
CA ALA C 234 7.13 -8.50 19.47
C ALA C 234 7.05 -9.52 18.36
N PHE C 235 7.00 -10.81 18.72
CA PHE C 235 6.90 -11.93 17.79
C PHE C 235 5.52 -11.97 17.14
N ASN C 236 4.47 -11.55 17.88
CA ASN C 236 3.10 -11.48 17.37
C ASN C 236 2.98 -10.34 16.34
N ILE C 237 3.85 -9.33 16.43
CA ILE C 237 3.92 -8.20 15.51
C ILE C 237 4.52 -8.68 14.17
N LEU C 238 5.62 -9.45 14.25
CA LEU C 238 6.34 -10.04 13.13
C LEU C 238 5.38 -10.95 12.32
N VAL C 239 4.68 -11.86 13.03
CA VAL C 239 3.72 -12.83 12.50
C VAL C 239 2.51 -12.16 11.86
N GLU C 240 1.75 -11.35 12.63
CA GLU C 240 0.52 -10.62 12.28
C GLU C 240 0.05 -10.65 10.82
N THR C 241 0.94 -10.34 9.86
CA THR C 241 0.67 -10.38 8.41
C THR C 241 0.26 -11.78 7.94
N ASN C 242 0.96 -12.83 8.42
CA ASN C 242 0.70 -14.25 8.12
C ASN C 242 -0.58 -14.73 8.82
N LEU C 243 -0.87 -14.18 10.02
CA LEU C 243 -2.03 -14.46 10.87
C LEU C 243 -3.35 -13.95 10.24
N PRO C 244 -4.42 -14.77 10.13
CA PRO C 244 -5.68 -14.25 9.57
C PRO C 244 -6.54 -13.59 10.63
N LYS C 245 -6.89 -12.31 10.44
CA LYS C 245 -7.70 -11.64 11.43
C LYS C 245 -9.11 -11.34 10.97
N THR C 246 -10.08 -12.00 11.61
CA THR C 246 -11.52 -11.95 11.31
C THR C 246 -12.35 -11.46 12.50
N PRO C 247 -13.62 -11.00 12.29
CA PRO C 247 -14.44 -10.52 13.42
C PRO C 247 -14.89 -11.58 14.43
N TYR C 248 -14.65 -12.88 14.15
CA TYR C 248 -15.01 -13.97 15.05
C TYR C 248 -13.80 -14.55 15.78
N MET C 249 -14.04 -15.42 16.78
CA MET C 249 -12.97 -16.06 17.53
C MET C 249 -12.42 -17.27 16.78
N THR C 250 -11.09 -17.41 16.77
CA THR C 250 -10.37 -18.48 16.09
C THR C 250 -9.61 -19.36 17.08
N TYR C 251 -9.19 -20.57 16.63
CA TYR C 251 -8.42 -21.52 17.45
C TYR C 251 -7.05 -20.95 17.74
N THR C 252 -6.45 -20.27 16.75
CA THR C 252 -5.15 -19.61 16.87
C THR C 252 -5.27 -18.43 17.83
N GLY C 253 -6.30 -17.60 17.64
CA GLY C 253 -6.61 -16.45 18.48
C GLY C 253 -6.95 -16.81 19.91
N ALA C 254 -7.60 -17.98 20.11
CA ALA C 254 -7.96 -18.52 21.42
C ALA C 254 -6.69 -18.90 22.16
N ILE C 255 -5.76 -19.61 21.47
CA ILE C 255 -4.46 -20.01 22.01
C ILE C 255 -3.65 -18.74 22.31
N ILE C 256 -3.59 -17.78 21.35
CA ILE C 256 -2.90 -16.50 21.47
C ILE C 256 -3.37 -15.71 22.70
N PHE C 257 -4.71 -15.64 22.94
CA PHE C 257 -5.27 -14.98 24.12
C PHE C 257 -4.97 -15.76 25.40
N MET C 258 -5.00 -17.11 25.33
CA MET C 258 -4.67 -18.03 26.43
C MET C 258 -3.23 -17.80 26.90
N ILE C 259 -2.27 -17.62 25.94
CA ILE C 259 -0.85 -17.32 26.21
C ILE C 259 -0.72 -16.03 27.04
N TYR C 260 -1.50 -14.96 26.70
CA TYR C 260 -1.50 -13.68 27.42
C TYR C 260 -1.89 -13.82 28.90
N LEU C 261 -2.76 -14.78 29.23
CA LEU C 261 -3.17 -15.07 30.60
C LEU C 261 -2.07 -15.81 31.32
N PHE C 262 -1.48 -16.85 30.67
CA PHE C 262 -0.37 -17.67 31.19
C PHE C 262 0.91 -16.89 31.53
N TYR C 263 0.98 -15.63 31.09
CA TYR C 263 2.05 -14.69 31.42
C TYR C 263 1.58 -13.96 32.68
N PHE C 264 0.35 -13.39 32.63
CA PHE C 264 -0.28 -12.66 33.73
C PHE C 264 -0.40 -13.50 35.00
N VAL C 265 -0.79 -14.78 34.84
CA VAL C 265 -0.93 -15.75 35.92
C VAL C 265 0.46 -16.07 36.51
N ALA C 266 1.48 -16.26 35.65
CA ALA C 266 2.85 -16.53 36.08
C ALA C 266 3.44 -15.36 36.87
N VAL C 267 3.08 -14.11 36.48
CA VAL C 267 3.49 -12.87 37.16
C VAL C 267 2.94 -12.91 38.58
N ILE C 268 1.67 -13.32 38.72
CA ILE C 268 0.98 -13.46 40.01
C ILE C 268 1.72 -14.46 40.89
N GLU C 269 2.03 -15.66 40.35
CA GLU C 269 2.76 -16.74 41.02
C GLU C 269 4.10 -16.24 41.58
N VAL C 270 4.91 -15.57 40.72
CA VAL C 270 6.22 -15.01 41.05
C VAL C 270 6.11 -13.96 42.17
N THR C 271 5.06 -13.10 42.11
CA THR C 271 4.78 -12.06 43.12
C THR C 271 4.32 -12.70 44.45
N VAL C 272 3.56 -13.82 44.38
CA VAL C 272 3.06 -14.59 45.53
C VAL C 272 4.24 -15.23 46.25
N GLN C 273 5.17 -15.83 45.48
CA GLN C 273 6.41 -16.45 45.95
C GLN C 273 7.22 -15.40 46.74
N HIS C 274 7.23 -14.14 46.26
CA HIS C 274 7.92 -13.03 46.89
C HIS C 274 7.26 -12.58 48.20
N TYR C 275 5.96 -12.17 48.17
CA TYR C 275 5.25 -11.70 49.37
C TYR C 275 5.18 -12.71 50.52
N LEU C 276 5.21 -14.00 50.20
CA LEU C 276 5.23 -15.07 51.20
C LEU C 276 6.58 -15.09 51.92
N LYS C 277 7.70 -14.95 51.16
CA LYS C 277 9.06 -14.88 51.68
C LYS C 277 9.27 -13.61 52.52
N VAL C 278 8.62 -12.49 52.12
CA VAL C 278 8.64 -11.19 52.79
C VAL C 278 7.93 -11.31 54.14
N GLU C 279 6.71 -11.87 54.14
CA GLU C 279 5.92 -12.07 55.35
C GLU C 279 6.27 -13.38 56.07
N SER C 280 7.59 -13.63 56.23
CA SER C 280 8.20 -14.77 56.93
C SER C 280 7.52 -16.15 56.78
N GLN C 281 6.87 -16.41 55.63
CA GLN C 281 6.20 -17.67 55.37
C GLN C 281 6.78 -18.26 54.07
N PRO C 282 8.06 -18.72 54.05
CA PRO C 282 8.62 -19.25 52.80
C PRO C 282 8.27 -20.70 52.54
N ALA C 283 7.74 -21.41 53.56
CA ALA C 283 7.33 -22.80 53.46
C ALA C 283 6.24 -22.95 52.38
N ARG C 284 5.31 -21.98 52.33
CA ARG C 284 4.22 -21.92 51.35
C ARG C 284 4.82 -21.60 49.97
N ALA C 285 5.66 -20.55 49.90
CA ALA C 285 6.34 -20.09 48.68
C ALA C 285 7.14 -21.20 48.01
N ALA C 286 7.80 -22.05 48.82
CA ALA C 286 8.61 -23.18 48.36
C ALA C 286 7.75 -24.21 47.60
N SER C 287 6.59 -24.54 48.18
CA SER C 287 5.66 -25.49 47.56
C SER C 287 4.86 -24.83 46.44
N ILE C 288 4.60 -23.51 46.55
CA ILE C 288 3.87 -22.71 45.56
C ILE C 288 4.58 -22.71 44.20
N THR C 289 5.93 -22.61 44.23
CA THR C 289 6.79 -22.60 43.06
C THR C 289 6.85 -23.99 42.45
N ARG C 290 7.08 -25.02 43.31
CA ARG C 290 7.13 -26.44 42.93
C ARG C 290 5.82 -26.91 42.31
N ALA C 291 4.69 -26.35 42.79
CA ALA C 291 3.34 -26.66 42.30
C ALA C 291 3.20 -26.21 40.86
N SER C 292 3.33 -24.89 40.62
CA SER C 292 3.23 -24.26 39.30
C SER C 292 4.28 -24.76 38.29
N ARG C 293 5.36 -25.38 38.79
CA ARG C 293 6.43 -25.96 37.99
C ARG C 293 5.95 -27.21 37.25
N ILE C 294 4.90 -27.87 37.78
CA ILE C 294 4.29 -29.06 37.22
C ILE C 294 2.87 -28.72 36.70
N ALA C 295 2.15 -27.84 37.44
CA ALA C 295 0.80 -27.38 37.12
C ALA C 295 0.69 -26.63 35.78
N PHE C 296 1.40 -25.49 35.63
CA PHE C 296 1.42 -24.66 34.41
C PHE C 296 1.57 -25.48 33.11
N PRO C 297 2.58 -26.36 32.95
CA PRO C 297 2.67 -27.16 31.71
C PRO C 297 1.51 -28.14 31.48
N VAL C 298 0.96 -28.69 32.58
CA VAL C 298 -0.17 -29.62 32.57
C VAL C 298 -1.47 -28.87 32.21
N VAL C 299 -1.72 -27.73 32.87
CA VAL C 299 -2.90 -26.87 32.66
C VAL C 299 -3.01 -26.37 31.21
N PHE C 300 -1.88 -25.90 30.64
CA PHE C 300 -1.79 -25.41 29.27
C PHE C 300 -2.07 -26.53 28.27
N LEU C 301 -1.58 -27.75 28.57
CA LEU C 301 -1.79 -28.95 27.76
C LEU C 301 -3.27 -29.37 27.78
N LEU C 302 -3.90 -29.33 28.98
CA LEU C 302 -5.32 -29.66 29.18
C LEU C 302 -6.18 -28.71 28.37
N ALA C 303 -5.99 -27.40 28.58
CA ALA C 303 -6.70 -26.31 27.91
C ALA C 303 -6.51 -26.29 26.38
N ASN C 304 -5.31 -26.67 25.87
CA ASN C 304 -5.04 -26.73 24.43
C ASN C 304 -5.80 -27.90 23.81
N ILE C 305 -5.94 -28.99 24.58
CA ILE C 305 -6.71 -30.18 24.20
C ILE C 305 -8.20 -29.82 24.28
N ILE C 306 -8.61 -29.03 25.30
CA ILE C 306 -9.98 -28.54 25.49
C ILE C 306 -10.40 -27.71 24.27
N LEU C 307 -9.56 -26.73 23.85
CA LEU C 307 -9.81 -25.87 22.68
C LEU C 307 -9.93 -26.70 21.41
N ALA C 308 -8.97 -27.63 21.21
CA ALA C 308 -8.96 -28.54 20.07
C ALA C 308 -10.20 -29.43 20.05
N PHE C 309 -10.69 -29.84 21.25
CA PHE C 309 -11.89 -30.66 21.39
C PHE C 309 -13.16 -29.90 21.01
N LEU C 310 -13.15 -28.56 21.19
CA LEU C 310 -14.27 -27.67 20.86
C LEU C 310 -14.30 -27.30 19.37
N PHE C 311 -13.14 -26.98 18.79
CA PHE C 311 -13.01 -26.60 17.39
C PHE C 311 -13.04 -27.80 16.43
N PHE C 312 -12.66 -28.98 16.94
CA PHE C 312 -12.60 -30.22 16.15
C PHE C 312 -13.25 -31.37 16.93
N PRO D 1 -0.08 -22.18 -43.29
CA PRO D 1 0.64 -21.70 -42.11
C PRO D 1 1.45 -20.43 -42.40
N VAL D 2 1.01 -19.29 -41.83
CA VAL D 2 1.68 -17.99 -42.02
C VAL D 2 2.89 -17.90 -41.10
N ASP D 3 4.10 -17.74 -41.69
CA ASP D 3 5.36 -17.63 -40.96
C ASP D 3 5.54 -16.25 -40.33
N VAL D 4 5.74 -16.22 -38.99
CA VAL D 4 5.92 -14.99 -38.19
C VAL D 4 7.29 -14.97 -37.53
N SER D 5 8.08 -13.91 -37.81
CA SER D 5 9.40 -13.70 -37.21
C SER D 5 9.22 -12.81 -35.97
N VAL D 6 9.44 -13.39 -34.78
CA VAL D 6 9.27 -12.66 -33.52
C VAL D 6 10.61 -12.34 -32.86
N SER D 7 10.90 -11.05 -32.72
CA SER D 7 12.12 -10.55 -32.09
C SER D 7 11.71 -9.68 -30.89
N ILE D 8 12.02 -10.16 -29.67
CA ILE D 8 11.67 -9.47 -28.42
C ILE D 8 12.91 -8.86 -27.76
N PHE D 9 12.84 -7.55 -27.52
CA PHE D 9 13.91 -6.78 -26.88
C PHE D 9 13.62 -6.68 -25.39
N ILE D 10 14.66 -6.87 -24.55
CA ILE D 10 14.51 -6.80 -23.10
C ILE D 10 15.26 -5.58 -22.56
N ASN D 11 14.54 -4.71 -21.83
CA ASN D 11 15.08 -3.49 -21.25
C ASN D 11 15.26 -3.62 -19.74
N LYS D 12 14.19 -4.04 -19.03
CA LYS D 12 14.19 -4.14 -17.57
C LYS D 12 13.44 -5.36 -17.09
N ILE D 13 13.95 -6.00 -16.03
CA ILE D 13 13.34 -7.13 -15.32
C ILE D 13 13.45 -6.68 -13.85
N TYR D 14 12.42 -5.97 -13.37
CA TYR D 14 12.40 -5.38 -12.04
C TYR D 14 11.24 -5.83 -11.16
N GLY D 15 11.41 -5.66 -9.85
CA GLY D 15 10.41 -5.98 -8.83
C GLY D 15 10.02 -7.44 -8.75
N VAL D 16 10.90 -8.26 -8.19
CA VAL D 16 10.67 -9.70 -8.04
C VAL D 16 9.92 -9.96 -6.75
N ASN D 17 8.63 -10.32 -6.84
CA ASN D 17 7.82 -10.61 -5.65
C ASN D 17 8.08 -12.03 -5.13
N THR D 18 8.39 -12.12 -3.83
CA THR D 18 8.72 -13.36 -3.14
C THR D 18 7.51 -14.24 -2.77
N LEU D 19 6.29 -13.66 -2.84
CA LEU D 19 5.04 -14.36 -2.48
C LEU D 19 4.29 -14.87 -3.71
N GLU D 20 3.92 -13.96 -4.63
CA GLU D 20 3.14 -14.26 -5.84
C GLU D 20 3.97 -14.83 -6.99
N GLN D 21 5.32 -14.85 -6.83
CA GLN D 21 6.31 -15.34 -7.82
C GLN D 21 6.17 -14.56 -9.16
N THR D 22 5.99 -13.23 -9.02
CA THR D 22 5.81 -12.28 -10.12
C THR D 22 7.01 -11.34 -10.30
N TYR D 23 7.19 -10.78 -11.50
CA TYR D 23 8.26 -9.85 -11.88
C TYR D 23 7.84 -9.03 -13.09
N LYS D 24 8.09 -7.71 -13.04
CA LYS D 24 7.73 -6.78 -14.11
C LYS D 24 8.80 -6.75 -15.19
N VAL D 25 8.40 -6.92 -16.46
CA VAL D 25 9.31 -6.93 -17.62
C VAL D 25 8.93 -5.85 -18.63
N ASP D 26 9.92 -5.03 -19.02
CA ASP D 26 9.75 -3.97 -20.01
C ASP D 26 10.66 -4.19 -21.21
N GLY D 27 10.17 -3.79 -22.39
CA GLY D 27 10.87 -3.90 -23.65
C GLY D 27 10.02 -3.62 -24.87
N TYR D 28 10.37 -4.24 -25.99
CA TYR D 28 9.67 -4.08 -27.27
C TYR D 28 9.43 -5.44 -27.93
N ILE D 29 8.33 -5.55 -28.70
CA ILE D 29 7.98 -6.78 -29.42
C ILE D 29 7.86 -6.52 -30.92
N VAL D 30 8.62 -7.29 -31.74
CA VAL D 30 8.65 -7.17 -33.20
C VAL D 30 8.11 -8.44 -33.89
N ALA D 31 7.03 -8.30 -34.69
CA ALA D 31 6.42 -9.40 -35.42
C ALA D 31 6.41 -9.14 -36.94
N GLN D 32 7.40 -9.72 -37.66
CA GLN D 32 7.54 -9.59 -39.11
C GLN D 32 6.97 -10.83 -39.82
N TRP D 33 5.73 -10.71 -40.33
CA TRP D 33 5.02 -11.78 -41.04
C TRP D 33 4.71 -11.37 -42.47
N THR D 34 4.83 -12.33 -43.40
CA THR D 34 4.58 -12.08 -44.81
C THR D 34 3.08 -12.15 -45.10
N GLY D 35 2.50 -10.98 -45.35
CA GLY D 35 1.07 -10.82 -45.61
C GLY D 35 0.71 -11.00 -47.07
N LYS D 36 0.06 -9.98 -47.65
CA LYS D 36 -0.39 -9.95 -49.05
C LYS D 36 0.11 -8.63 -49.70
N PRO D 37 0.51 -8.62 -50.99
CA PRO D 37 0.99 -7.35 -51.59
C PRO D 37 -0.05 -6.23 -51.66
N ARG D 38 0.33 -5.02 -51.20
CA ARG D 38 -0.52 -3.82 -51.15
C ARG D 38 0.21 -2.62 -51.76
N LYS D 39 -0.53 -1.55 -52.12
CA LYS D 39 0.08 -0.36 -52.70
C LYS D 39 0.28 0.74 -51.66
N THR D 40 1.55 1.10 -51.43
CA THR D 40 1.97 2.15 -50.50
C THR D 40 2.19 3.45 -51.30
N PRO D 41 2.04 4.66 -50.70
CA PRO D 41 2.28 5.89 -51.47
C PRO D 41 3.71 5.96 -52.01
N GLY D 42 3.84 5.63 -53.29
CA GLY D 42 5.10 5.56 -54.01
C GLY D 42 5.76 4.21 -53.83
N ASP D 43 7.06 4.22 -53.50
CA ASP D 43 7.86 3.02 -53.27
C ASP D 43 8.07 2.77 -51.79
N LYS D 44 8.21 3.85 -51.00
CA LYS D 44 8.44 3.83 -49.55
C LYS D 44 7.32 3.09 -48.78
N PRO D 45 7.63 2.23 -47.79
CA PRO D 45 6.56 1.54 -47.05
C PRO D 45 5.81 2.46 -46.09
N LEU D 46 4.49 2.24 -45.95
CA LEU D 46 3.61 3.04 -45.09
C LEU D 46 3.90 2.79 -43.61
N ILE D 47 3.88 3.86 -42.81
CA ILE D 47 4.09 3.80 -41.36
C ILE D 47 2.78 4.17 -40.68
N VAL D 48 2.14 3.19 -40.02
CA VAL D 48 0.85 3.34 -39.34
C VAL D 48 1.04 3.33 -37.82
N GLU D 49 0.41 4.31 -37.13
CA GLU D 49 0.47 4.46 -35.68
C GLU D 49 -0.75 3.85 -34.96
N ASN D 50 -0.63 3.64 -33.63
CA ASN D 50 -1.61 3.04 -32.71
C ASN D 50 -3.11 3.34 -32.92
N THR D 51 -3.46 4.64 -33.10
CA THR D 51 -4.85 5.07 -33.31
C THR D 51 -5.39 4.62 -34.66
N GLN D 52 -4.55 4.68 -35.70
CA GLN D 52 -4.89 4.31 -37.08
C GLN D 52 -4.79 2.81 -37.36
N ILE D 53 -4.18 2.03 -36.45
CA ILE D 53 -4.03 0.58 -36.59
C ILE D 53 -5.38 -0.12 -36.65
N GLU D 54 -6.31 0.26 -35.76
CA GLU D 54 -7.68 -0.28 -35.70
C GLU D 54 -8.49 0.06 -36.96
N ARG D 55 -8.21 1.25 -37.57
CA ARG D 55 -8.87 1.71 -38.81
C ARG D 55 -8.54 0.81 -40.00
N TRP D 56 -7.31 0.26 -40.03
CA TRP D 56 -6.85 -0.63 -41.10
C TRP D 56 -7.54 -1.99 -41.04
N ILE D 57 -7.70 -2.55 -39.83
CA ILE D 57 -8.36 -3.85 -39.61
C ILE D 57 -9.82 -3.84 -40.11
N ASN D 58 -10.53 -2.70 -39.93
CA ASN D 58 -11.91 -2.50 -40.39
C ASN D 58 -12.02 -2.57 -41.92
N ASN D 59 -11.01 -2.02 -42.65
CA ASN D 59 -10.93 -2.01 -44.11
C ASN D 59 -10.67 -3.41 -44.70
N GLY D 60 -10.04 -4.28 -43.92
CA GLY D 60 -9.72 -5.65 -44.31
C GLY D 60 -8.26 -6.02 -44.19
N LEU D 61 -7.58 -5.51 -43.13
CA LEU D 61 -6.17 -5.78 -42.86
C LEU D 61 -6.03 -6.76 -41.71
N TRP D 62 -5.21 -7.80 -41.91
CA TRP D 62 -4.94 -8.85 -40.94
C TRP D 62 -4.01 -8.36 -39.84
N VAL D 63 -4.32 -8.72 -38.59
CA VAL D 63 -3.52 -8.47 -37.39
C VAL D 63 -3.67 -9.73 -36.52
N PRO D 64 -2.59 -10.53 -36.33
CA PRO D 64 -2.74 -11.76 -35.52
C PRO D 64 -2.74 -11.50 -34.02
N ALA D 65 -3.55 -12.26 -33.29
CA ALA D 65 -3.70 -12.15 -31.84
C ALA D 65 -2.57 -12.86 -31.09
N LEU D 66 -1.42 -12.17 -30.91
CA LEU D 66 -0.28 -12.71 -30.18
C LEU D 66 -0.32 -12.28 -28.71
N GLU D 67 -0.80 -13.19 -27.83
CA GLU D 67 -0.95 -12.99 -26.39
C GLU D 67 0.12 -13.72 -25.58
N PHE D 68 0.58 -13.10 -24.49
CA PHE D 68 1.53 -13.71 -23.56
C PHE D 68 0.75 -14.70 -22.71
N ILE D 69 1.22 -15.95 -22.64
CA ILE D 69 0.56 -17.02 -21.88
C ILE D 69 0.72 -16.82 -20.37
N ASN D 70 1.95 -16.48 -19.92
CA ASN D 70 2.27 -16.28 -18.51
C ASN D 70 2.09 -14.84 -17.98
N VAL D 71 1.32 -13.99 -18.72
CA VAL D 71 1.08 -12.61 -18.27
C VAL D 71 -0.02 -12.53 -17.19
N VAL D 72 0.28 -11.81 -16.09
CA VAL D 72 -0.66 -11.61 -14.99
C VAL D 72 -1.34 -10.27 -15.28
N GLY D 73 -2.62 -10.36 -15.61
CA GLY D 73 -3.44 -9.21 -15.98
C GLY D 73 -3.07 -8.72 -17.37
N SER D 74 -3.80 -7.71 -17.86
CA SER D 74 -3.53 -7.15 -19.18
C SER D 74 -2.26 -6.30 -19.11
N PRO D 75 -1.21 -6.62 -19.90
CA PRO D 75 0.03 -5.82 -19.84
C PRO D 75 -0.14 -4.46 -20.52
N ASP D 76 0.69 -3.49 -20.12
CA ASP D 76 0.62 -2.14 -20.65
C ASP D 76 1.36 -1.99 -21.98
N THR D 77 0.59 -1.89 -23.07
CA THR D 77 1.12 -1.67 -24.41
C THR D 77 1.14 -0.16 -24.61
N GLY D 78 2.34 0.41 -24.75
CA GLY D 78 2.55 1.84 -24.92
C GLY D 78 2.11 2.32 -26.28
N ASN D 79 3.07 2.44 -27.21
CA ASN D 79 2.79 2.84 -28.58
C ASN D 79 3.01 1.66 -29.49
N LYS D 80 1.98 1.32 -30.28
CA LYS D 80 2.10 0.22 -31.24
C LYS D 80 2.17 0.77 -32.65
N ARG D 81 3.02 0.17 -33.49
CA ARG D 81 3.25 0.63 -34.86
C ARG D 81 3.26 -0.53 -35.87
N LEU D 82 2.46 -0.39 -36.94
CA LEU D 82 2.40 -1.34 -38.05
C LEU D 82 3.12 -0.74 -39.24
N MET D 83 4.05 -1.49 -39.83
CA MET D 83 4.82 -1.05 -40.99
C MET D 83 4.43 -1.89 -42.22
N LEU D 84 3.46 -1.38 -43.01
CA LEU D 84 2.94 -2.04 -44.21
C LEU D 84 3.91 -1.83 -45.38
N PHE D 85 4.48 -2.94 -45.89
CA PHE D 85 5.42 -2.91 -47.01
C PHE D 85 4.69 -3.10 -48.35
N PRO D 86 5.15 -2.45 -49.45
CA PRO D 86 4.46 -2.64 -50.75
C PRO D 86 4.56 -4.06 -51.31
N ASP D 87 5.65 -4.79 -50.95
CA ASP D 87 5.90 -6.16 -51.37
C ASP D 87 4.90 -7.16 -50.76
N GLY D 88 4.56 -6.97 -49.48
CA GLY D 88 3.61 -7.83 -48.79
C GLY D 88 3.76 -7.94 -47.29
N ARG D 89 5.01 -8.12 -46.81
CA ARG D 89 5.35 -8.28 -45.39
C ARG D 89 4.92 -7.10 -44.52
N VAL D 90 4.61 -7.38 -43.23
CA VAL D 90 4.17 -6.36 -42.26
C VAL D 90 4.98 -6.52 -40.95
N ILE D 91 5.62 -5.42 -40.50
CA ILE D 91 6.41 -5.39 -39.28
C ILE D 91 5.62 -4.67 -38.18
N TYR D 92 5.34 -5.39 -37.07
CA TYR D 92 4.59 -4.88 -35.93
C TYR D 92 5.52 -4.63 -34.73
N ASN D 93 5.71 -3.35 -34.37
CA ASN D 93 6.56 -2.95 -33.25
C ASN D 93 5.70 -2.34 -32.13
N ALA D 94 5.78 -2.91 -30.91
CA ALA D 94 5.00 -2.44 -29.76
C ALA D 94 5.78 -2.51 -28.44
N ARG D 95 5.76 -1.41 -27.66
CA ARG D 95 6.42 -1.32 -26.36
C ARG D 95 5.49 -1.93 -25.31
N PHE D 96 6.03 -2.81 -24.45
CA PHE D 96 5.24 -3.49 -23.42
C PHE D 96 5.85 -3.43 -22.03
N LEU D 97 4.98 -3.40 -21.01
CA LEU D 97 5.36 -3.42 -19.59
C LEU D 97 4.25 -4.15 -18.83
N GLY D 98 4.55 -5.38 -18.41
CA GLY D 98 3.60 -6.21 -17.69
C GLY D 98 4.20 -7.14 -16.67
N SER D 99 3.34 -7.79 -15.90
CA SER D 99 3.71 -8.74 -14.85
C SER D 99 3.68 -10.17 -15.39
N PHE D 100 4.72 -10.96 -15.08
CA PHE D 100 4.84 -12.34 -15.55
C PHE D 100 5.05 -13.35 -14.43
N SER D 101 4.28 -14.45 -14.46
CA SER D 101 4.32 -15.53 -13.47
C SER D 101 5.18 -16.69 -13.95
N ASN D 102 5.99 -17.23 -13.03
CA ASN D 102 6.89 -18.36 -13.24
C ASN D 102 7.18 -18.98 -11.89
N ASP D 103 7.25 -20.33 -11.83
CA ASP D 103 7.54 -21.07 -10.60
C ASP D 103 8.95 -20.75 -10.11
N MET D 104 9.05 -20.16 -8.90
CA MET D 104 10.31 -19.74 -8.31
C MET D 104 10.66 -20.54 -7.07
N ASP D 105 11.96 -20.86 -6.92
CA ASP D 105 12.49 -21.60 -5.80
C ASP D 105 13.41 -20.71 -4.96
N PHE D 106 12.88 -20.23 -3.83
CA PHE D 106 13.59 -19.36 -2.89
C PHE D 106 14.24 -20.13 -1.74
N ARG D 107 14.22 -21.49 -1.81
CA ARG D 107 14.77 -22.41 -0.81
C ARG D 107 16.15 -22.03 -0.28
N LEU D 108 17.00 -21.50 -1.17
CA LEU D 108 18.36 -21.08 -0.84
C LEU D 108 18.52 -19.61 -1.20
N PHE D 109 17.92 -18.73 -0.40
CA PHE D 109 17.94 -17.28 -0.59
C PHE D 109 19.33 -16.62 -0.62
N PRO D 110 20.25 -16.85 0.35
CA PRO D 110 21.55 -16.15 0.32
C PRO D 110 22.36 -16.30 -0.97
N PHE D 111 22.14 -17.41 -1.69
CA PHE D 111 22.81 -17.72 -2.94
C PHE D 111 21.72 -18.23 -3.91
N ASP D 112 20.75 -17.35 -4.19
CA ASP D 112 19.57 -17.57 -5.01
C ASP D 112 19.87 -17.85 -6.48
N ARG D 113 19.12 -18.80 -7.07
CA ARG D 113 19.18 -19.20 -8.48
C ARG D 113 17.76 -19.07 -9.04
N GLN D 114 17.57 -18.15 -10.02
CA GLN D 114 16.25 -17.92 -10.59
C GLN D 114 16.23 -17.79 -12.11
N GLN D 115 15.11 -18.20 -12.72
CA GLN D 115 14.88 -18.15 -14.17
C GLN D 115 13.65 -17.29 -14.46
N PHE D 116 13.81 -16.28 -15.33
CA PHE D 116 12.72 -15.38 -15.73
C PHE D 116 12.22 -15.82 -17.09
N VAL D 117 11.01 -16.40 -17.13
CA VAL D 117 10.40 -16.96 -18.33
C VAL D 117 9.30 -16.08 -18.93
N LEU D 118 9.28 -15.98 -20.26
CA LEU D 118 8.28 -15.26 -21.04
C LEU D 118 7.80 -16.16 -22.17
N GLU D 119 6.46 -16.36 -22.24
CA GLU D 119 5.83 -17.22 -23.24
C GLU D 119 4.82 -16.47 -24.11
N LEU D 120 4.86 -16.72 -25.43
CA LEU D 120 3.95 -16.12 -26.42
C LEU D 120 3.37 -17.17 -27.34
N GLU D 121 2.05 -17.22 -27.42
CA GLU D 121 1.30 -18.14 -28.26
C GLU D 121 0.13 -17.38 -28.88
N PRO D 122 -0.09 -17.50 -30.22
CA PRO D 122 -1.24 -16.80 -30.83
C PRO D 122 -2.55 -17.30 -30.24
N PHE D 123 -3.31 -16.39 -29.61
CA PHE D 123 -4.58 -16.63 -28.92
C PHE D 123 -5.67 -17.29 -29.78
N SER D 124 -5.64 -17.03 -31.10
CA SER D 124 -6.65 -17.52 -32.03
C SER D 124 -6.16 -18.42 -33.18
N TYR D 125 -4.84 -18.43 -33.47
CA TYR D 125 -4.30 -19.19 -34.59
C TYR D 125 -3.28 -20.30 -34.26
N ASN D 126 -3.64 -21.57 -34.59
CA ASN D 126 -2.82 -22.77 -34.35
C ASN D 126 -1.96 -23.17 -35.55
N ASN D 127 -2.56 -23.22 -36.76
CA ASN D 127 -1.86 -23.53 -37.99
C ASN D 127 -1.39 -22.23 -38.64
N GLN D 128 -0.56 -21.51 -37.87
CA GLN D 128 0.10 -20.24 -38.14
C GLN D 128 1.39 -20.28 -37.31
N GLN D 129 2.43 -20.83 -37.94
CA GLN D 129 3.76 -21.10 -37.41
C GLN D 129 4.54 -19.84 -37.01
N LEU D 130 5.30 -19.95 -35.91
CA LEU D 130 6.18 -18.88 -35.45
C LEU D 130 7.58 -19.28 -35.93
N ARG D 131 8.08 -18.55 -36.95
CA ARG D 131 9.37 -18.79 -37.63
C ARG D 131 10.58 -18.86 -36.70
N PHE D 132 11.09 -17.70 -36.22
CA PHE D 132 12.25 -17.67 -35.32
C PHE D 132 12.14 -16.65 -34.19
N SER D 133 12.56 -17.06 -32.99
CA SER D 133 12.57 -16.23 -31.78
C SER D 133 13.96 -15.60 -31.58
N ASP D 134 13.97 -14.32 -31.19
CA ASP D 134 15.21 -13.57 -30.94
C ASP D 134 15.09 -12.72 -29.67
N ILE D 135 15.98 -12.95 -28.69
CA ILE D 135 15.98 -12.22 -27.42
C ILE D 135 17.20 -11.30 -27.35
N GLN D 136 16.94 -10.00 -27.26
CA GLN D 136 18.00 -8.98 -27.22
C GLN D 136 18.14 -8.32 -25.84
N VAL D 137 18.62 -9.10 -24.86
CA VAL D 137 18.87 -8.61 -23.50
C VAL D 137 20.24 -7.89 -23.48
N TYR D 138 20.34 -6.81 -24.29
CA TYR D 138 21.55 -6.01 -24.46
C TYR D 138 21.81 -4.99 -23.33
N THR D 139 21.00 -5.06 -22.27
CA THR D 139 21.15 -4.23 -21.07
C THR D 139 22.29 -4.88 -20.27
N GLU D 140 23.50 -4.30 -20.39
CA GLU D 140 24.77 -4.77 -19.82
C GLU D 140 24.79 -5.09 -18.33
N ASN D 141 25.11 -6.36 -18.03
CA ASN D 141 25.17 -6.98 -16.70
C ASN D 141 26.47 -6.69 -15.95
N ILE D 142 27.64 -6.88 -16.61
CA ILE D 142 28.98 -6.66 -16.06
C ILE D 142 29.30 -5.15 -15.92
N ASP D 143 28.44 -4.30 -16.51
CA ASP D 143 28.53 -2.83 -16.48
C ASP D 143 28.42 -2.32 -15.03
N ASN D 144 27.34 -2.72 -14.32
CA ASN D 144 27.09 -2.36 -12.92
C ASN D 144 26.55 -3.57 -12.13
N GLU D 145 27.45 -4.53 -11.82
CA GLU D 145 27.11 -5.75 -11.08
C GLU D 145 26.64 -5.47 -9.65
N GLU D 146 27.22 -4.46 -8.99
CA GLU D 146 26.83 -4.05 -7.63
C GLU D 146 25.47 -3.33 -7.66
N ILE D 147 25.23 -2.46 -8.67
CA ILE D 147 23.99 -1.70 -8.83
C ILE D 147 22.81 -2.63 -9.22
N ASP D 148 23.04 -3.59 -10.15
CA ASP D 148 22.01 -4.55 -10.58
C ASP D 148 21.73 -5.56 -9.46
N GLU D 149 20.43 -5.74 -9.13
CA GLU D 149 19.98 -6.69 -8.10
C GLU D 149 20.25 -8.13 -8.53
N TRP D 150 20.05 -8.43 -9.82
CA TRP D 150 20.27 -9.75 -10.39
C TRP D 150 21.38 -9.70 -11.43
N TRP D 151 22.35 -10.63 -11.33
CA TRP D 151 23.46 -10.73 -12.27
C TRP D 151 22.97 -11.52 -13.50
N ILE D 152 22.62 -10.81 -14.60
CA ILE D 152 22.13 -11.44 -15.84
C ILE D 152 23.22 -12.35 -16.41
N ARG D 153 22.97 -13.67 -16.37
CA ARG D 153 23.92 -14.66 -16.89
C ARG D 153 23.32 -15.33 -18.11
N GLY D 154 24.01 -15.17 -19.24
CA GLY D 154 23.59 -15.71 -20.53
C GLY D 154 22.59 -14.81 -21.23
N LYS D 155 22.72 -14.71 -22.55
CA LYS D 155 21.84 -13.88 -23.39
C LYS D 155 20.53 -14.61 -23.72
N ALA D 156 19.84 -15.09 -22.64
CA ALA D 156 18.56 -15.81 -22.64
C ALA D 156 18.56 -17.15 -23.38
N SER D 157 17.46 -17.91 -23.25
CA SER D 157 17.31 -19.21 -23.88
C SER D 157 16.12 -19.24 -24.86
N THR D 158 16.46 -19.28 -26.16
CA THR D 158 15.50 -19.34 -27.26
C THR D 158 14.94 -20.76 -27.32
N HIS D 159 13.60 -20.87 -27.36
CA HIS D 159 12.91 -22.16 -27.42
C HIS D 159 11.57 -22.02 -28.13
N ILE D 160 11.41 -22.70 -29.28
CA ILE D 160 10.16 -22.68 -30.06
C ILE D 160 9.58 -24.09 -30.03
N SER D 161 8.33 -24.21 -29.54
CA SER D 161 7.67 -25.51 -29.38
C SER D 161 6.18 -25.50 -29.75
N ASP D 162 5.66 -26.67 -30.17
CA ASP D 162 4.27 -26.87 -30.53
C ASP D 162 3.49 -27.40 -29.32
N ILE D 163 2.75 -26.50 -28.65
CA ILE D 163 1.96 -26.85 -27.47
C ILE D 163 0.65 -27.53 -27.86
N ARG D 164 0.47 -28.74 -27.33
CA ARG D 164 -0.71 -29.57 -27.59
C ARG D 164 -1.78 -29.37 -26.53
N TYR D 165 -3.02 -29.10 -26.98
CA TYR D 165 -4.19 -28.88 -26.12
C TYR D 165 -5.11 -30.09 -26.14
N ASP D 166 -5.98 -30.21 -25.11
CA ASP D 166 -6.92 -31.32 -24.98
C ASP D 166 -8.37 -30.90 -25.21
N HIS D 167 -8.86 -29.90 -24.46
CA HIS D 167 -10.23 -29.41 -24.57
C HIS D 167 -10.35 -28.31 -25.60
N LEU D 168 -10.85 -28.66 -26.81
CA LEU D 168 -11.00 -27.72 -27.93
C LEU D 168 -12.34 -27.90 -28.65
N SER D 169 -12.46 -27.33 -29.87
CA SER D 169 -13.66 -27.38 -30.69
C SER D 169 -13.81 -28.70 -31.46
N SER D 170 -14.76 -28.72 -32.39
CA SER D 170 -15.11 -29.84 -33.26
C SER D 170 -14.22 -29.91 -34.48
N VAL D 171 -14.00 -28.75 -35.12
CA VAL D 171 -13.35 -28.59 -36.41
C VAL D 171 -12.16 -29.49 -36.78
N GLN D 172 -11.01 -29.50 -36.07
CA GLN D 172 -9.86 -30.30 -36.52
C GLN D 172 -9.12 -31.25 -35.50
N PRO D 173 -8.84 -32.52 -35.89
CA PRO D 173 -8.01 -33.41 -35.04
C PRO D 173 -6.55 -32.91 -35.03
N ASN D 174 -6.14 -32.10 -36.05
CA ASN D 174 -4.83 -31.45 -36.16
C ASN D 174 -4.87 -29.90 -36.09
N GLN D 175 -5.65 -29.44 -35.07
CA GLN D 175 -5.88 -28.03 -34.72
C GLN D 175 -5.49 -27.76 -33.25
N ASN D 176 -5.13 -28.83 -32.51
CA ASN D 176 -4.72 -28.76 -31.11
C ASN D 176 -3.29 -28.25 -30.95
N GLU D 177 -2.50 -28.24 -32.04
CA GLU D 177 -1.11 -27.79 -32.04
C GLU D 177 -0.88 -26.31 -32.37
N PHE D 178 -0.56 -25.54 -31.32
CA PHE D 178 -0.27 -24.11 -31.36
C PHE D 178 1.23 -23.87 -31.22
N SER D 179 1.78 -22.99 -32.05
CA SER D 179 3.20 -22.62 -32.02
C SER D 179 3.41 -21.70 -30.81
N ARG D 180 4.45 -21.96 -29.99
CA ARG D 180 4.73 -21.16 -28.81
C ARG D 180 6.20 -20.84 -28.60
N ILE D 181 6.47 -19.55 -28.31
CA ILE D 181 7.80 -19.01 -28.02
C ILE D 181 8.01 -19.19 -26.50
N THR D 182 9.19 -19.70 -26.11
CA THR D 182 9.55 -19.94 -24.71
C THR D 182 10.91 -19.27 -24.41
N VAL D 183 10.84 -17.99 -23.98
CA VAL D 183 12.00 -17.17 -23.65
C VAL D 183 12.32 -17.34 -22.17
N ARG D 184 13.57 -17.73 -21.83
CA ARG D 184 14.00 -17.91 -20.44
C ARG D 184 15.38 -17.35 -20.11
N ILE D 185 15.41 -16.14 -19.50
CA ILE D 185 16.64 -15.46 -19.09
C ILE D 185 17.00 -15.93 -17.68
N ASP D 186 18.28 -16.24 -17.47
CA ASP D 186 18.78 -16.69 -16.18
C ASP D 186 19.49 -15.57 -15.43
N ALA D 187 19.41 -15.60 -14.09
CA ALA D 187 20.03 -14.63 -13.18
C ALA D 187 20.32 -15.19 -11.80
N VAL D 188 21.35 -14.63 -11.14
CA VAL D 188 21.76 -15.02 -9.79
C VAL D 188 21.82 -13.78 -8.91
N ARG D 189 21.06 -13.80 -7.80
CA ARG D 189 20.97 -12.72 -6.83
C ARG D 189 22.31 -12.48 -6.16
N ASN D 190 22.74 -11.22 -6.07
CA ASN D 190 24.01 -10.87 -5.45
C ASN D 190 23.91 -10.90 -3.94
N TYR D 191 24.76 -11.71 -3.31
CA TYR D 191 24.84 -11.88 -1.86
C TYR D 191 25.50 -10.68 -1.20
N PHE D 192 26.36 -9.97 -1.97
CA PHE D 192 27.15 -8.79 -1.61
C PHE D 192 26.65 -7.99 -0.39
N SER D 193 25.40 -7.50 -0.43
CA SER D 193 24.84 -6.72 0.69
C SER D 193 24.05 -7.55 1.70
N TYR D 194 23.58 -8.75 1.33
CA TYR D 194 22.79 -9.59 2.22
C TYR D 194 23.53 -10.17 3.45
N ILE D 195 24.86 -10.24 3.41
CA ILE D 195 25.65 -10.73 4.54
C ILE D 195 25.90 -9.64 5.58
N PRO D 196 26.44 -8.44 5.24
CA PRO D 196 26.68 -7.43 6.28
C PRO D 196 25.43 -6.65 6.72
N ASN D 197 24.27 -6.96 6.16
CA ASN D 197 23.04 -6.27 6.54
C ASN D 197 22.07 -7.19 7.26
N ILE D 198 22.03 -8.50 6.87
CA ILE D 198 21.11 -9.49 7.45
C ILE D 198 21.81 -10.61 8.23
N ILE D 199 22.62 -11.43 7.54
CA ILE D 199 23.30 -12.60 8.11
C ILE D 199 24.24 -12.28 9.28
N LEU D 200 25.30 -11.47 9.04
CA LEU D 200 26.26 -11.07 10.06
C LEU D 200 25.66 -10.46 11.35
N PRO D 201 24.79 -9.40 11.31
CA PRO D 201 24.25 -8.86 12.56
C PRO D 201 23.31 -9.81 13.30
N MET D 202 22.61 -10.72 12.58
CA MET D 202 21.72 -11.73 13.19
C MET D 202 22.52 -12.77 13.96
N LEU D 203 23.81 -12.92 13.60
CA LEU D 203 24.70 -13.85 14.24
C LEU D 203 25.31 -13.27 15.50
N PHE D 204 25.77 -12.00 15.46
CA PHE D 204 26.37 -11.31 16.61
C PHE D 204 25.44 -11.31 17.81
N ILE D 205 24.14 -11.01 17.60
CA ILE D 205 23.09 -10.98 18.64
C ILE D 205 22.95 -12.34 19.35
N LEU D 206 23.10 -13.43 18.58
CA LEU D 206 23.04 -14.80 19.06
C LEU D 206 24.29 -15.15 19.90
N PHE D 207 25.48 -14.63 19.53
CA PHE D 207 26.72 -14.88 20.27
C PHE D 207 26.80 -14.05 21.55
N ILE D 208 26.11 -12.89 21.57
CA ILE D 208 26.02 -12.01 22.73
C ILE D 208 25.26 -12.76 23.85
N SER D 209 24.31 -13.65 23.46
CA SER D 209 23.57 -14.50 24.39
C SER D 209 24.52 -15.55 25.00
N TRP D 210 25.52 -15.98 24.21
CA TRP D 210 26.51 -16.98 24.63
C TRP D 210 27.52 -16.46 25.67
N THR D 211 27.54 -15.14 25.95
CA THR D 211 28.43 -14.56 26.96
C THR D 211 28.03 -14.90 28.41
N ALA D 212 26.88 -15.60 28.58
CA ALA D 212 26.37 -16.06 29.86
C ALA D 212 27.02 -17.41 30.23
N PHE D 213 27.88 -17.94 29.33
CA PHE D 213 28.63 -19.19 29.55
C PHE D 213 29.98 -18.94 30.23
N TRP D 214 30.13 -17.75 30.82
CA TRP D 214 31.30 -17.31 31.58
C TRP D 214 30.82 -16.67 32.89
N SER D 215 29.71 -15.91 32.81
CA SER D 215 29.09 -15.22 33.92
C SER D 215 28.47 -16.21 34.92
N THR D 216 28.70 -15.97 36.22
CA THR D 216 28.20 -16.81 37.31
C THR D 216 26.87 -16.28 37.89
N SER D 217 26.62 -14.96 37.75
CA SER D 217 25.41 -14.27 38.23
C SER D 217 24.20 -14.55 37.34
N TYR D 218 23.21 -15.30 37.90
CA TYR D 218 21.97 -15.67 37.22
C TYR D 218 21.14 -14.45 36.82
N GLU D 219 21.11 -13.41 37.69
CA GLU D 219 20.38 -12.16 37.46
C GLU D 219 20.91 -11.45 36.22
N ALA D 220 22.24 -11.48 36.01
CA ALA D 220 22.92 -10.89 34.86
C ALA D 220 22.78 -11.81 33.63
N ASN D 221 22.70 -13.15 33.85
CA ASN D 221 22.56 -14.17 32.81
C ASN D 221 21.22 -14.09 32.11
N VAL D 222 20.13 -13.90 32.89
CA VAL D 222 18.74 -13.77 32.41
C VAL D 222 18.66 -12.57 31.47
N THR D 223 19.17 -11.42 31.92
CA THR D 223 19.22 -10.17 31.16
C THR D 223 19.86 -10.38 29.78
N LEU D 224 20.93 -11.21 29.70
CA LEU D 224 21.64 -11.53 28.45
C LEU D 224 20.76 -12.30 27.49
N VAL D 225 20.45 -13.58 27.81
CA VAL D 225 19.66 -14.51 26.98
C VAL D 225 18.24 -14.05 26.64
N VAL D 226 17.52 -13.45 27.60
CA VAL D 226 16.14 -12.97 27.36
C VAL D 226 16.13 -11.76 26.43
N SER D 227 16.95 -10.74 26.72
CA SER D 227 17.02 -9.52 25.92
C SER D 227 17.56 -9.71 24.49
N THR D 228 18.53 -10.62 24.30
CA THR D 228 19.10 -10.92 22.97
C THR D 228 18.05 -11.55 22.07
N LEU D 229 17.13 -12.33 22.67
CA LEU D 229 16.01 -12.95 21.97
C LEU D 229 15.03 -11.86 21.53
N ILE D 230 14.89 -10.78 22.34
CA ILE D 230 14.07 -9.62 22.01
C ILE D 230 14.72 -8.93 20.80
N ALA D 231 16.06 -8.71 20.87
CA ALA D 231 16.87 -8.09 19.80
C ALA D 231 16.78 -8.88 18.50
N HIS D 232 16.80 -10.23 18.58
CA HIS D 232 16.70 -11.15 17.45
C HIS D 232 15.37 -11.04 16.75
N ILE D 233 14.28 -11.00 17.53
CA ILE D 233 12.92 -10.86 17.02
C ILE D 233 12.79 -9.45 16.41
N ALA D 234 13.32 -8.42 17.11
CA ALA D 234 13.31 -7.02 16.66
C ALA D 234 14.04 -6.85 15.34
N PHE D 235 15.22 -7.49 15.22
CA PHE D 235 16.03 -7.46 14.01
C PHE D 235 15.37 -8.24 12.87
N ASN D 236 14.62 -9.32 13.20
CA ASN D 236 13.88 -10.13 12.24
C ASN D 236 12.69 -9.33 11.68
N ILE D 237 12.20 -8.34 12.45
CA ILE D 237 11.12 -7.44 12.06
C ILE D 237 11.64 -6.46 11.01
N LEU D 238 12.81 -5.86 11.28
CA LEU D 238 13.54 -4.91 10.41
C LEU D 238 13.80 -5.56 9.04
N VAL D 239 14.39 -6.78 9.07
CA VAL D 239 14.77 -7.58 7.91
C VAL D 239 13.53 -8.01 7.10
N GLU D 240 12.57 -8.75 7.71
CA GLU D 240 11.33 -9.31 7.16
C GLU D 240 10.98 -8.99 5.69
N THR D 241 10.98 -7.70 5.33
CA THR D 241 10.69 -7.21 3.98
C THR D 241 11.70 -7.77 2.95
N ASN D 242 13.01 -7.76 3.30
CA ASN D 242 14.12 -8.27 2.49
C ASN D 242 14.09 -9.81 2.42
N LEU D 243 13.62 -10.46 3.52
CA LEU D 243 13.49 -11.91 3.69
C LEU D 243 12.36 -12.49 2.79
N PRO D 244 12.62 -13.56 1.99
CA PRO D 244 11.54 -14.12 1.16
C PRO D 244 10.70 -15.13 1.94
N LYS D 245 9.39 -14.89 2.05
CA LYS D 245 8.55 -15.84 2.77
C LYS D 245 7.61 -16.62 1.89
N THR D 246 7.85 -17.93 1.83
CA THR D 246 7.13 -18.90 0.98
C THR D 246 6.47 -20.02 1.80
N PRO D 247 5.48 -20.77 1.25
CA PRO D 247 4.83 -21.85 2.01
C PRO D 247 5.70 -23.08 2.32
N TYR D 248 6.92 -23.16 1.77
CA TYR D 248 7.84 -24.27 2.02
C TYR D 248 8.99 -23.86 2.96
N MET D 249 9.79 -24.84 3.42
CA MET D 249 10.92 -24.59 4.29
C MET D 249 12.14 -24.16 3.49
N THR D 250 12.85 -23.13 3.99
CA THR D 250 14.04 -22.54 3.36
C THR D 250 15.28 -22.72 4.23
N TYR D 251 16.48 -22.55 3.63
CA TYR D 251 17.77 -22.63 4.32
C TYR D 251 17.90 -21.51 5.34
N THR D 252 17.43 -20.30 4.96
CA THR D 252 17.41 -19.11 5.79
C THR D 252 16.42 -19.32 6.95
N GLY D 253 15.22 -19.79 6.63
CA GLY D 253 14.15 -20.09 7.59
C GLY D 253 14.52 -21.20 8.56
N ALA D 254 15.29 -22.20 8.08
CA ALA D 254 15.78 -23.32 8.88
C ALA D 254 16.78 -22.79 9.91
N ILE D 255 17.74 -21.95 9.47
CA ILE D 255 18.73 -21.31 10.34
C ILE D 255 17.99 -20.40 11.34
N ILE D 256 17.04 -19.56 10.85
CA ILE D 256 16.21 -18.66 11.65
C ILE D 256 15.46 -19.41 12.77
N PHE D 257 14.86 -20.56 12.44
CA PHE D 257 14.16 -21.39 13.43
C PHE D 257 15.16 -22.06 14.40
N MET D 258 16.34 -22.48 13.88
CA MET D 258 17.43 -23.08 14.65
C MET D 258 17.93 -22.08 15.72
N ILE D 259 18.05 -20.78 15.35
CA ILE D 259 18.45 -19.68 16.25
C ILE D 259 17.47 -19.58 17.43
N TYR D 260 16.13 -19.69 17.17
CA TYR D 260 15.08 -19.65 18.20
C TYR D 260 15.25 -20.75 19.27
N LEU D 261 15.75 -21.93 18.87
CA LEU D 261 16.02 -23.03 19.78
C LEU D 261 17.25 -22.76 20.61
N PHE D 262 18.35 -22.30 19.96
CA PHE D 262 19.64 -21.93 20.58
C PHE D 262 19.55 -20.84 21.65
N TYR D 263 18.39 -20.14 21.73
CA TYR D 263 18.08 -19.15 22.74
C TYR D 263 17.38 -19.92 23.86
N PHE D 264 16.33 -20.70 23.51
CA PHE D 264 15.55 -21.52 24.42
C PHE D 264 16.42 -22.52 25.17
N VAL D 265 17.36 -23.17 24.47
CA VAL D 265 18.30 -24.14 25.02
C VAL D 265 19.27 -23.45 25.98
N ALA D 266 19.77 -22.25 25.61
CA ALA D 266 20.68 -21.45 26.44
C ALA D 266 20.00 -21.00 27.73
N VAL D 267 18.68 -20.70 27.66
CA VAL D 267 17.84 -20.31 28.80
C VAL D 267 17.83 -21.47 29.79
N ILE D 268 17.65 -22.70 29.26
CA ILE D 268 17.63 -23.96 30.03
C ILE D 268 18.97 -24.13 30.75
N GLU D 269 20.10 -23.98 30.02
CA GLU D 269 21.47 -24.09 30.55
C GLU D 269 21.67 -23.14 31.74
N VAL D 270 21.34 -21.85 31.54
CA VAL D 270 21.45 -20.79 32.55
C VAL D 270 20.61 -21.10 33.80
N THR D 271 19.38 -21.63 33.60
CA THR D 271 18.47 -22.03 34.68
C THR D 271 18.99 -23.29 35.42
N VAL D 272 19.64 -24.21 34.68
CA VAL D 272 20.26 -25.44 35.20
C VAL D 272 21.45 -25.08 36.09
N GLN D 273 22.28 -24.15 35.63
CA GLN D 273 23.44 -23.58 36.34
C GLN D 273 22.98 -23.01 37.68
N HIS D 274 21.79 -22.35 37.69
CA HIS D 274 21.18 -21.76 38.87
C HIS D 274 20.67 -22.81 39.86
N TYR D 275 19.74 -23.69 39.44
CA TYR D 275 19.15 -24.71 40.31
C TYR D 275 20.16 -25.68 40.94
N LEU D 276 21.29 -25.91 40.25
CA LEU D 276 22.37 -26.76 40.76
C LEU D 276 23.09 -26.04 41.92
N LYS D 277 23.35 -24.72 41.78
CA LYS D 277 23.98 -23.88 42.81
C LYS D 277 23.04 -23.74 44.02
N VAL D 278 21.72 -23.68 43.77
CA VAL D 278 20.66 -23.58 44.79
C VAL D 278 20.64 -24.88 45.61
N GLU D 279 20.60 -26.03 44.91
CA GLU D 279 20.56 -27.33 45.56
C GLU D 279 21.97 -27.86 45.88
N SER D 280 22.81 -26.97 46.46
CA SER D 280 24.20 -27.21 46.93
C SER D 280 25.09 -28.14 46.07
N GLN D 281 24.86 -28.14 44.75
CA GLN D 281 25.64 -28.96 43.82
C GLN D 281 26.26 -28.02 42.77
N PRO D 282 27.23 -27.15 43.13
CA PRO D 282 27.79 -26.23 42.13
C PRO D 282 28.89 -26.86 41.29
N ALA D 283 29.41 -28.03 41.69
CA ALA D 283 30.45 -28.77 40.97
C ALA D 283 29.96 -29.12 39.58
N ARG D 284 28.67 -29.53 39.47
CA ARG D 284 28.02 -29.86 38.20
C ARG D 284 27.83 -28.58 37.39
N ALA D 285 27.25 -27.53 38.03
CA ALA D 285 26.99 -26.21 37.42
C ALA D 285 28.24 -25.58 36.83
N ALA D 286 29.41 -25.76 37.50
CA ALA D 286 30.71 -25.25 37.07
C ALA D 286 31.14 -25.88 35.74
N SER D 287 30.99 -27.21 35.63
CA SER D 287 31.35 -27.94 34.42
C SER D 287 30.28 -27.77 33.36
N ILE D 288 28.99 -27.61 33.77
CA ILE D 288 27.84 -27.42 32.89
C ILE D 288 27.99 -26.16 32.05
N THR D 289 28.49 -25.07 32.66
CA THR D 289 28.71 -23.78 32.02
C THR D 289 29.91 -23.87 31.07
N ARG D 290 31.02 -24.46 31.56
CA ARG D 290 32.27 -24.68 30.80
C ARG D 290 32.04 -25.56 29.59
N ALA D 291 31.10 -26.52 29.70
CA ALA D 291 30.74 -27.45 28.64
C ALA D 291 30.08 -26.69 27.49
N SER D 292 28.93 -26.03 27.78
CA SER D 292 28.15 -25.24 26.82
C SER D 292 28.92 -24.05 26.23
N ARG D 293 30.02 -23.65 26.89
CA ARG D 293 30.92 -22.57 26.48
C ARG D 293 31.71 -22.99 25.21
N ILE D 294 31.90 -24.31 25.04
CA ILE D 294 32.61 -24.92 23.90
C ILE D 294 31.61 -25.67 23.01
N ALA D 295 30.60 -26.33 23.63
CA ALA D 295 29.56 -27.11 22.96
C ALA D 295 28.69 -26.28 22.02
N PHE D 296 27.96 -25.26 22.55
CA PHE D 296 27.07 -24.38 21.79
C PHE D 296 27.68 -23.86 20.48
N PRO D 297 28.90 -23.25 20.48
CA PRO D 297 29.48 -22.81 19.19
C PRO D 297 29.82 -23.94 18.21
N VAL D 298 30.21 -25.11 18.73
CA VAL D 298 30.54 -26.31 17.96
C VAL D 298 29.26 -26.92 17.36
N VAL D 299 28.22 -27.10 18.20
CA VAL D 299 26.91 -27.67 17.83
C VAL D 299 26.21 -26.85 16.73
N PHE D 300 26.23 -25.51 16.85
CA PHE D 300 25.64 -24.59 15.87
C PHE D 300 26.39 -24.65 14.54
N LEU D 301 27.72 -24.82 14.59
CA LEU D 301 28.60 -24.94 13.43
C LEU D 301 28.32 -26.26 12.71
N LEU D 302 28.16 -27.37 13.49
CA LEU D 302 27.85 -28.71 12.97
C LEU D 302 26.52 -28.68 12.23
N ALA D 303 25.47 -28.21 12.92
CA ALA D 303 24.11 -28.09 12.41
C ALA D 303 23.97 -27.16 11.20
N ASN D 304 24.77 -26.06 11.13
CA ASN D 304 24.76 -25.13 10.00
C ASN D 304 25.39 -25.80 8.78
N ILE D 305 26.40 -26.67 9.02
CA ILE D 305 27.08 -27.46 8.00
C ILE D 305 26.12 -28.57 7.56
N ILE D 306 25.36 -29.16 8.51
CA ILE D 306 24.35 -30.19 8.26
C ILE D 306 23.28 -29.65 7.32
N LEU D 307 22.72 -28.45 7.62
CA LEU D 307 21.70 -27.79 6.81
C LEU D 307 22.23 -27.51 5.41
N ALA D 308 23.45 -26.93 5.33
CA ALA D 308 24.13 -26.63 4.07
C ALA D 308 24.39 -27.90 3.26
N PHE D 309 24.67 -29.02 3.94
CA PHE D 309 24.92 -30.32 3.30
C PHE D 309 23.64 -30.89 2.68
N LEU D 310 22.47 -30.56 3.28
CA LEU D 310 21.16 -31.00 2.81
C LEU D 310 20.62 -30.15 1.66
N PHE D 311 20.77 -28.82 1.74
CA PHE D 311 20.31 -27.88 0.73
C PHE D 311 21.25 -27.79 -0.47
N PHE D 312 22.53 -28.11 -0.28
CA PHE D 312 23.57 -28.06 -1.31
C PHE D 312 24.42 -29.34 -1.29
N PRO E 1 13.79 14.75 -44.34
CA PRO E 1 13.85 14.89 -42.88
C PRO E 1 13.05 16.08 -42.36
N VAL E 2 11.94 15.79 -41.65
CA VAL E 2 11.05 16.81 -41.10
C VAL E 2 11.64 17.35 -39.80
N ASP E 3 11.92 18.66 -39.75
CA ASP E 3 12.49 19.33 -38.58
C ASP E 3 11.44 19.58 -37.49
N VAL E 4 11.69 19.07 -36.27
CA VAL E 4 10.79 19.18 -35.12
C VAL E 4 11.47 19.96 -33.98
N SER E 5 10.83 21.07 -33.55
CA SER E 5 11.29 21.91 -32.44
C SER E 5 10.60 21.41 -31.16
N VAL E 6 11.38 20.81 -30.25
CA VAL E 6 10.84 20.25 -29.01
C VAL E 6 11.22 21.09 -27.79
N SER E 7 10.20 21.67 -27.13
CA SER E 7 10.37 22.47 -25.93
C SER E 7 9.60 21.80 -24.79
N ILE E 8 10.33 21.29 -23.78
CA ILE E 8 9.74 20.59 -22.64
C ILE E 8 9.81 21.43 -21.37
N PHE E 9 8.66 21.68 -20.76
CA PHE E 9 8.52 22.45 -19.53
C PHE E 9 8.51 21.49 -18.34
N ILE E 10 9.24 21.84 -17.27
CA ILE E 10 9.32 21.01 -16.07
C ILE E 10 8.62 21.72 -14.91
N ASN E 11 7.63 21.06 -14.30
CA ASN E 11 6.86 21.58 -13.18
C ASN E 11 7.25 20.92 -11.86
N LYS E 12 7.25 19.57 -11.82
CA LYS E 12 7.55 18.80 -10.61
C LYS E 12 8.38 17.56 -10.91
N ILE E 13 9.31 17.24 -10.00
CA ILE E 13 10.15 16.04 -10.02
C ILE E 13 9.99 15.53 -8.59
N TYR E 14 8.98 14.68 -8.37
CA TYR E 14 8.61 14.17 -7.04
C TYR E 14 8.62 12.64 -6.92
N GLY E 15 8.71 12.17 -5.68
CA GLY E 15 8.69 10.75 -5.33
C GLY E 15 9.84 9.95 -5.90
N VAL E 16 11.04 10.12 -5.34
CA VAL E 16 12.25 9.42 -5.78
C VAL E 16 12.31 8.07 -5.06
N ASN E 17 12.07 6.97 -5.80
CA ASN E 17 12.13 5.63 -5.22
C ASN E 17 13.56 5.13 -5.13
N THR E 18 13.94 4.70 -3.92
CA THR E 18 15.29 4.22 -3.58
C THR E 18 15.58 2.79 -4.06
N LEU E 19 14.54 2.02 -4.44
CA LEU E 19 14.67 0.63 -4.89
C LEU E 19 14.64 0.49 -6.41
N GLU E 20 13.55 0.93 -7.05
CA GLU E 20 13.33 0.82 -8.49
C GLU E 20 14.06 1.90 -9.31
N GLN E 21 14.68 2.89 -8.63
CA GLN E 21 15.41 4.02 -9.22
C GLN E 21 14.49 4.83 -10.16
N THR E 22 13.24 5.06 -9.70
CA THR E 22 12.18 5.77 -10.40
C THR E 22 11.84 7.12 -9.73
N TYR E 23 11.27 8.05 -10.51
CA TYR E 23 10.84 9.38 -10.08
C TYR E 23 9.76 9.92 -11.00
N LYS E 24 8.69 10.49 -10.43
CA LYS E 24 7.57 11.04 -11.18
C LYS E 24 7.86 12.47 -11.65
N VAL E 25 7.67 12.74 -12.96
CA VAL E 25 7.91 14.05 -13.57
C VAL E 25 6.65 14.59 -14.23
N ASP E 26 6.29 15.83 -13.88
CA ASP E 26 5.13 16.52 -14.45
C ASP E 26 5.56 17.79 -15.17
N GLY E 27 4.84 18.11 -16.24
CA GLY E 27 5.07 19.28 -17.07
C GLY E 27 4.28 19.30 -18.36
N TYR E 28 4.84 19.95 -19.38
CA TYR E 28 4.22 20.08 -20.70
C TYR E 28 5.24 19.80 -21.80
N ILE E 29 4.76 19.27 -22.95
CA ILE E 29 5.60 18.98 -24.11
C ILE E 29 5.11 19.73 -25.35
N VAL E 30 6.01 20.51 -25.99
CA VAL E 30 5.70 21.31 -27.17
C VAL E 30 6.50 20.83 -28.40
N ALA E 31 5.81 20.41 -29.47
CA ALA E 31 6.42 19.94 -30.71
C ALA E 31 5.97 20.78 -31.91
N GLN E 32 6.82 21.75 -32.31
CA GLN E 32 6.56 22.65 -33.45
C GLN E 32 7.32 22.16 -34.70
N TRP E 33 6.60 21.46 -35.59
CA TRP E 33 7.14 20.90 -36.83
C TRP E 33 6.45 21.50 -38.05
N THR E 34 7.22 21.75 -39.11
CA THR E 34 6.70 22.34 -40.34
C THR E 34 6.07 21.27 -41.21
N GLY E 35 4.74 21.28 -41.27
CA GLY E 35 3.95 20.31 -42.02
C GLY E 35 3.75 20.71 -43.48
N LYS E 36 2.48 20.78 -43.90
CA LYS E 36 2.07 21.15 -45.26
C LYS E 36 1.00 22.28 -45.19
N PRO E 37 0.98 23.26 -46.13
CA PRO E 37 -0.02 24.35 -46.03
C PRO E 37 -1.48 23.89 -46.14
N ARG E 38 -2.33 24.34 -45.19
CA ARG E 38 -3.75 24.04 -45.10
C ARG E 38 -4.59 25.31 -44.93
N LYS E 39 -5.91 25.24 -45.18
CA LYS E 39 -6.79 26.40 -45.02
C LYS E 39 -7.55 26.39 -43.70
N THR E 40 -7.27 27.40 -42.87
CA THR E 40 -7.89 27.61 -41.56
C THR E 40 -9.05 28.60 -41.71
N PRO E 41 -10.11 28.56 -40.85
CA PRO E 41 -11.21 29.54 -41.01
C PRO E 41 -10.71 30.99 -40.87
N GLY E 42 -10.53 31.62 -42.04
CA GLY E 42 -10.01 32.97 -42.14
C GLY E 42 -8.49 33.00 -42.16
N ASP E 43 -7.89 33.85 -41.34
CA ASP E 43 -6.45 34.01 -41.22
C ASP E 43 -5.92 33.34 -39.96
N LYS E 44 -6.72 33.39 -38.87
CA LYS E 44 -6.41 32.83 -37.54
C LYS E 44 -6.16 31.32 -37.60
N PRO E 45 -5.11 30.80 -36.91
CA PRO E 45 -4.86 29.34 -36.95
C PRO E 45 -5.88 28.56 -36.13
N LEU E 46 -6.24 27.36 -36.60
CA LEU E 46 -7.21 26.47 -35.96
C LEU E 46 -6.66 25.86 -34.68
N ILE E 47 -7.51 25.80 -33.64
CA ILE E 47 -7.16 25.22 -32.34
C ILE E 47 -7.98 23.93 -32.17
N VAL E 48 -7.29 22.78 -32.18
CA VAL E 48 -7.90 21.45 -32.07
C VAL E 48 -7.60 20.83 -30.70
N GLU E 49 -8.65 20.28 -30.04
CA GLU E 49 -8.56 19.64 -28.73
C GLU E 49 -8.45 18.10 -28.81
N ASN E 50 -8.02 17.47 -27.70
CA ASN E 50 -7.79 16.02 -27.52
C ASN E 50 -8.75 15.02 -28.20
N THR E 51 -10.07 15.22 -28.07
CA THR E 51 -11.07 14.35 -28.66
C THR E 51 -11.11 14.46 -30.19
N GLN E 52 -10.94 15.69 -30.71
CA GLN E 52 -10.97 15.99 -32.14
C GLN E 52 -9.62 15.74 -32.84
N ILE E 53 -8.53 15.53 -32.08
CA ILE E 53 -7.18 15.27 -32.61
C ILE E 53 -7.15 13.99 -33.44
N GLU E 54 -7.78 12.91 -32.94
CA GLU E 54 -7.86 11.62 -33.62
C GLU E 54 -8.71 11.71 -34.90
N ARG E 55 -9.72 12.62 -34.92
CA ARG E 55 -10.60 12.86 -36.07
C ARG E 55 -9.82 13.45 -37.24
N TRP E 56 -8.81 14.27 -36.96
CA TRP E 56 -7.96 14.90 -37.97
C TRP E 56 -7.04 13.91 -38.65
N ILE E 57 -6.44 12.98 -37.89
CA ILE E 57 -5.54 11.93 -38.39
C ILE E 57 -6.25 11.03 -39.42
N ASN E 58 -7.56 10.73 -39.18
CA ASN E 58 -8.40 9.92 -40.06
C ASN E 58 -8.61 10.59 -41.43
N ASN E 59 -8.76 11.93 -41.45
CA ASN E 59 -8.94 12.75 -42.65
C ASN E 59 -7.67 12.82 -43.51
N GLY E 60 -6.51 12.65 -42.89
CA GLY E 60 -5.22 12.67 -43.56
C GLY E 60 -4.22 13.66 -42.98
N LEU E 61 -4.22 13.81 -41.64
CA LEU E 61 -3.32 14.72 -40.92
C LEU E 61 -2.22 13.95 -40.22
N TRP E 62 -0.97 14.38 -40.42
CA TRP E 62 0.22 13.76 -39.82
C TRP E 62 0.34 14.11 -38.34
N VAL E 63 0.70 13.11 -37.52
CA VAL E 63 0.99 13.23 -36.09
C VAL E 63 2.18 12.29 -35.82
N PRO E 64 3.38 12.80 -35.49
CA PRO E 64 4.53 11.90 -35.27
C PRO E 64 4.52 11.22 -33.90
N ALA E 65 4.96 9.95 -33.86
CA ALA E 65 5.01 9.15 -32.65
C ALA E 65 6.25 9.45 -31.81
N LEU E 66 6.15 10.49 -30.96
CA LEU E 66 7.25 10.86 -30.07
C LEU E 66 7.05 10.23 -28.69
N GLU E 67 7.78 9.12 -28.45
CA GLU E 67 7.74 8.32 -27.22
C GLU E 67 8.97 8.56 -26.35
N PHE E 68 8.77 8.58 -25.02
CA PHE E 68 9.85 8.70 -24.05
C PHE E 68 10.52 7.33 -23.98
N ILE E 69 11.85 7.28 -24.14
CA ILE E 69 12.63 6.04 -24.11
C ILE E 69 12.72 5.46 -22.68
N ASN E 70 12.99 6.34 -21.70
CA ASN E 70 13.13 5.96 -20.29
C ASN E 70 11.83 5.99 -19.45
N VAL E 71 10.64 6.01 -20.11
CA VAL E 71 9.37 6.02 -19.39
C VAL E 71 8.96 4.61 -18.88
N VAL E 72 8.60 4.52 -17.60
CA VAL E 72 8.15 3.29 -16.98
C VAL E 72 6.62 3.30 -17.07
N GLY E 73 6.11 2.41 -17.91
CA GLY E 73 4.68 2.30 -18.19
C GLY E 73 4.24 3.45 -19.08
N SER E 74 2.98 3.42 -19.53
CA SER E 74 2.45 4.51 -20.36
C SER E 74 2.20 5.73 -19.47
N PRO E 75 2.82 6.89 -19.79
CA PRO E 75 2.63 8.07 -18.93
C PRO E 75 1.25 8.69 -19.10
N ASP E 76 0.78 9.42 -18.08
CA ASP E 76 -0.53 10.05 -18.11
C ASP E 76 -0.54 11.37 -18.88
N THR E 77 -1.11 11.33 -20.09
CA THR E 77 -1.27 12.51 -20.94
C THR E 77 -2.64 13.10 -20.58
N GLY E 78 -2.62 14.31 -20.03
CA GLY E 78 -3.82 15.02 -19.61
C GLY E 78 -4.63 15.52 -20.79
N ASN E 79 -4.46 16.80 -21.14
CA ASN E 79 -5.13 17.41 -22.27
C ASN E 79 -4.11 17.67 -23.36
N LYS E 80 -4.36 17.15 -24.56
CA LYS E 80 -3.47 17.39 -25.69
C LYS E 80 -4.12 18.33 -26.69
N ARG E 81 -3.33 19.24 -27.27
CA ARG E 81 -3.80 20.27 -28.18
C ARG E 81 -2.92 20.42 -29.43
N LEU E 82 -3.54 20.37 -30.62
CA LEU E 82 -2.88 20.57 -31.90
C LEU E 82 -3.26 21.94 -32.42
N MET E 83 -2.26 22.75 -32.79
CA MET E 83 -2.49 24.08 -33.34
C MET E 83 -2.08 24.11 -34.82
N LEU E 84 -3.07 23.89 -35.71
CA LEU E 84 -2.87 23.88 -37.16
C LEU E 84 -2.79 25.30 -37.71
N PHE E 85 -1.64 25.67 -38.29
CA PHE E 85 -1.41 26.99 -38.86
C PHE E 85 -1.74 27.02 -40.35
N PRO E 86 -2.28 28.14 -40.89
CA PRO E 86 -2.59 28.20 -42.33
C PRO E 86 -1.37 28.10 -43.24
N ASP E 87 -0.20 28.57 -42.74
CA ASP E 87 1.06 28.55 -43.45
C ASP E 87 1.61 27.14 -43.66
N GLY E 88 1.47 26.27 -42.66
CA GLY E 88 1.93 24.88 -42.72
C GLY E 88 2.31 24.22 -41.42
N ARG E 89 3.09 24.93 -40.57
CA ARG E 89 3.56 24.44 -39.26
C ARG E 89 2.46 24.02 -38.31
N VAL E 90 2.75 23.06 -37.41
CA VAL E 90 1.79 22.53 -36.43
C VAL E 90 2.46 22.49 -35.05
N ILE E 91 1.83 23.12 -34.04
CA ILE E 91 2.31 23.15 -32.66
C ILE E 91 1.48 22.19 -31.80
N TYR E 92 2.14 21.17 -31.22
CA TYR E 92 1.52 20.16 -30.38
C TYR E 92 1.88 20.36 -28.91
N ASN E 93 0.87 20.75 -28.09
CA ASN E 93 1.03 20.98 -26.65
C ASN E 93 0.27 19.91 -25.87
N ALA E 94 0.98 19.18 -24.99
CA ALA E 94 0.38 18.11 -24.17
C ALA E 94 0.96 18.05 -22.76
N ARG E 95 0.08 17.97 -21.74
CA ARG E 95 0.47 17.86 -20.34
C ARG E 95 0.76 16.40 -20.03
N PHE E 96 1.90 16.12 -19.38
CA PHE E 96 2.30 14.76 -19.05
C PHE E 96 2.71 14.56 -17.60
N LEU E 97 2.44 13.36 -17.07
CA LEU E 97 2.80 12.94 -15.72
C LEU E 97 3.10 11.45 -15.77
N GLY E 98 4.38 11.11 -15.70
CA GLY E 98 4.81 9.72 -15.77
C GLY E 98 6.04 9.41 -14.94
N SER E 99 6.36 8.11 -14.86
CA SER E 99 7.50 7.59 -14.13
C SER E 99 8.69 7.40 -15.06
N PHE E 100 9.89 7.84 -14.63
CA PHE E 100 11.11 7.74 -15.43
C PHE E 100 12.24 7.02 -14.72
N SER E 101 12.88 6.07 -15.43
CA SER E 101 13.99 5.27 -14.92
C SER E 101 15.34 5.82 -15.35
N ASN E 102 16.28 5.83 -14.41
CA ASN E 102 17.64 6.31 -14.59
C ASN E 102 18.50 5.65 -13.52
N ASP E 103 19.74 5.26 -13.88
CA ASP E 103 20.68 4.63 -12.95
C ASP E 103 21.08 5.61 -11.84
N MET E 104 20.75 5.24 -10.60
CA MET E 104 21.00 6.08 -9.43
C MET E 104 22.01 5.46 -8.49
N ASP E 105 22.88 6.31 -7.93
CA ASP E 105 23.92 5.91 -7.00
C ASP E 105 23.63 6.51 -5.62
N PHE E 106 23.11 5.68 -4.71
CA PHE E 106 22.77 6.06 -3.34
C PHE E 106 23.90 5.74 -2.35
N ARG E 107 25.07 5.30 -2.85
CA ARG E 107 26.27 4.93 -2.08
C ARG E 107 26.61 5.90 -0.95
N LEU E 108 26.42 7.19 -1.19
CA LEU E 108 26.70 8.26 -0.23
C LEU E 108 25.43 9.04 0.01
N PHE E 109 24.48 8.44 0.76
CA PHE E 109 23.18 9.03 1.07
C PHE E 109 23.21 10.37 1.84
N PRO E 110 23.96 10.52 2.96
CA PRO E 110 23.92 11.81 3.70
C PRO E 110 24.25 13.06 2.89
N PHE E 111 25.03 12.88 1.81
CA PHE E 111 25.44 13.95 0.90
C PHE E 111 25.27 13.42 -0.53
N ASP E 112 24.02 13.08 -0.86
CA ASP E 112 23.58 12.49 -2.12
C ASP E 112 23.78 13.38 -3.35
N ARG E 113 24.21 12.77 -4.47
CA ARG E 113 24.41 13.41 -5.78
C ARG E 113 23.60 12.61 -6.79
N GLN E 114 22.57 13.25 -7.39
CA GLN E 114 21.69 12.56 -8.34
C GLN E 114 21.37 13.36 -9.60
N GLN E 115 21.15 12.65 -10.73
CA GLN E 115 20.83 13.22 -12.03
C GLN E 115 19.48 12.67 -12.51
N PHE E 116 18.54 13.56 -12.85
CA PHE E 116 17.21 13.18 -13.33
C PHE E 116 17.21 13.33 -14.85
N VAL E 117 17.19 12.19 -15.57
CA VAL E 117 17.26 12.14 -17.02
C VAL E 117 15.92 11.85 -17.69
N LEU E 118 15.66 12.53 -18.83
CA LEU E 118 14.46 12.36 -19.65
C LEU E 118 14.91 12.25 -21.11
N GLU E 119 14.51 11.16 -21.80
CA GLU E 119 14.87 10.89 -23.18
C GLU E 119 13.66 10.75 -24.10
N LEU E 120 13.71 11.36 -25.29
CA LEU E 120 12.65 11.31 -26.31
C LEU E 120 13.21 10.99 -27.68
N GLU E 121 12.66 9.94 -28.30
CA GLU E 121 13.05 9.47 -29.63
C GLU E 121 11.76 9.09 -30.38
N PRO E 122 11.58 9.55 -31.64
CA PRO E 122 10.36 9.16 -32.39
C PRO E 122 10.33 7.65 -32.58
N PHE E 123 9.28 7.00 -32.04
CA PHE E 123 9.04 5.56 -32.05
C PHE E 123 9.02 4.91 -33.44
N SER E 124 8.61 5.68 -34.46
CA SER E 124 8.46 5.20 -35.83
C SER E 124 9.31 5.90 -36.90
N TYR E 125 9.85 7.09 -36.62
CA TYR E 125 10.59 7.87 -37.63
C TYR E 125 12.07 8.18 -37.30
N ASN E 126 12.99 7.68 -38.17
CA ASN E 126 14.45 7.83 -38.05
C ASN E 126 14.99 9.02 -38.85
N ASN E 127 14.58 9.14 -40.13
CA ASN E 127 14.96 10.24 -41.02
C ASN E 127 13.91 11.35 -40.92
N GLN E 128 13.78 11.84 -39.68
CA GLN E 128 12.90 12.89 -39.20
C GLN E 128 13.64 13.48 -37.99
N GLN E 129 14.49 14.47 -38.29
CA GLN E 129 15.40 15.19 -37.39
C GLN E 129 14.68 15.98 -36.30
N LEU E 130 15.26 16.02 -35.10
CA LEU E 130 14.77 16.81 -33.99
C LEU E 130 15.65 18.06 -33.96
N ARG E 131 15.09 19.21 -34.37
CA ARG E 131 15.75 20.51 -34.51
C ARG E 131 16.46 20.98 -33.24
N PHE E 132 15.73 21.54 -32.25
CA PHE E 132 16.33 22.01 -30.99
C PHE E 132 15.53 21.65 -29.75
N SER E 133 16.24 21.27 -28.67
CA SER E 133 15.69 20.91 -27.37
C SER E 133 15.74 22.10 -26.42
N ASP E 134 14.66 22.33 -25.64
CA ASP E 134 14.57 23.43 -24.68
C ASP E 134 13.94 22.96 -23.38
N ILE E 135 14.66 23.11 -22.26
CA ILE E 135 14.20 22.70 -20.93
C ILE E 135 13.92 23.92 -20.07
N GLN E 136 12.65 24.08 -19.66
CA GLN E 136 12.20 25.22 -18.87
C GLN E 136 11.87 24.84 -17.43
N VAL E 137 12.91 24.48 -16.65
CA VAL E 137 12.76 24.13 -15.23
C VAL E 137 12.73 25.45 -14.41
N TYR E 138 11.71 26.28 -14.72
CA TYR E 138 11.48 27.59 -14.10
C TYR E 138 10.87 27.55 -12.70
N THR E 139 10.73 26.33 -12.13
CA THR E 139 10.26 26.09 -10.77
C THR E 139 11.47 26.39 -9.85
N GLU E 140 11.47 27.61 -9.27
CA GLU E 140 12.52 28.20 -8.44
C GLU E 140 13.03 27.36 -7.26
N ASN E 141 14.34 27.06 -7.31
CA ASN E 141 15.09 26.26 -6.33
C ASN E 141 15.51 27.01 -5.07
N ILE E 142 16.09 28.23 -5.23
CA ILE E 142 16.55 29.10 -4.14
C ILE E 142 15.36 29.77 -3.40
N ASP E 143 14.13 29.63 -3.97
CA ASP E 143 12.87 30.15 -3.43
C ASP E 143 12.58 29.50 -2.07
N ASN E 144 12.57 28.15 -2.01
CA ASN E 144 12.35 27.37 -0.78
C ASN E 144 13.30 26.18 -0.73
N GLU E 145 14.59 26.43 -0.42
CA GLU E 145 15.63 25.40 -0.32
C GLU E 145 15.37 24.40 0.80
N GLU E 146 14.82 24.87 1.95
CA GLU E 146 14.48 24.01 3.08
C GLU E 146 13.25 23.15 2.76
N ILE E 147 12.23 23.74 2.09
CA ILE E 147 10.99 23.05 1.69
C ILE E 147 11.23 22.02 0.57
N ASP E 148 12.06 22.36 -0.43
CA ASP E 148 12.40 21.45 -1.53
C ASP E 148 13.32 20.34 -1.04
N GLU E 149 12.97 19.07 -1.36
CA GLU E 149 13.74 17.89 -0.97
C GLU E 149 15.07 17.86 -1.71
N TRP E 150 15.07 18.26 -2.98
CA TRP E 150 16.26 18.29 -3.82
C TRP E 150 16.57 19.73 -4.24
N TRP E 151 17.84 20.15 -4.08
CA TRP E 151 18.28 21.49 -4.46
C TRP E 151 18.61 21.47 -5.95
N ILE E 152 17.68 21.96 -6.81
CA ILE E 152 17.83 21.99 -8.28
C ILE E 152 19.04 22.85 -8.63
N ARG E 153 20.11 22.23 -9.14
CA ARG E 153 21.33 22.94 -9.53
C ARG E 153 21.49 22.87 -11.04
N GLY E 154 21.48 24.04 -11.67
CA GLY E 154 21.57 24.18 -13.11
C GLY E 154 20.23 24.02 -13.79
N LYS E 155 19.99 24.84 -14.83
CA LYS E 155 18.75 24.82 -15.63
C LYS E 155 18.79 23.69 -16.69
N ALA E 156 19.08 22.45 -16.22
CA ALA E 156 19.17 21.21 -16.99
C ALA E 156 20.26 21.17 -18.06
N SER E 157 20.50 19.98 -18.64
CA SER E 157 21.51 19.77 -19.68
C SER E 157 20.89 19.31 -21.01
N THR E 158 20.87 20.22 -22.00
CA THR E 158 20.36 19.98 -23.34
C THR E 158 21.37 19.12 -24.09
N HIS E 159 20.90 18.04 -24.73
CA HIS E 159 21.75 17.12 -25.47
C HIS E 159 20.95 16.46 -26.59
N ILE E 160 21.33 16.70 -27.86
CA ILE E 160 20.66 16.10 -29.02
C ILE E 160 21.67 15.18 -29.70
N SER E 161 21.30 13.89 -29.86
CA SER E 161 22.18 12.87 -30.43
C SER E 161 21.47 11.89 -31.37
N ASP E 162 22.23 11.33 -32.34
CA ASP E 162 21.75 10.34 -33.30
C ASP E 162 22.07 8.94 -32.79
N ILE E 163 21.05 8.27 -32.21
CA ILE E 163 21.19 6.92 -31.67
C ILE E 163 21.18 5.88 -32.78
N ARG E 164 22.27 5.09 -32.85
CA ARG E 164 22.47 4.05 -33.85
C ARG E 164 21.98 2.70 -33.33
N TYR E 165 21.13 2.02 -34.11
CA TYR E 165 20.58 0.71 -33.77
C TYR E 165 21.25 -0.39 -34.59
N ASP E 166 21.18 -1.64 -34.11
CA ASP E 166 21.78 -2.80 -34.77
C ASP E 166 20.73 -3.74 -35.35
N HIS E 167 19.78 -4.20 -34.51
CA HIS E 167 18.72 -5.13 -34.90
C HIS E 167 17.50 -4.37 -35.42
N LEU E 168 17.37 -4.30 -36.77
CA LEU E 168 16.26 -3.61 -37.44
C LEU E 168 15.71 -4.47 -38.61
N SER E 169 15.09 -3.83 -39.63
CA SER E 169 14.50 -4.49 -40.79
C SER E 169 15.55 -4.95 -41.82
N SER E 170 15.17 -5.00 -43.11
CA SER E 170 16.04 -5.39 -44.21
C SER E 170 16.80 -4.17 -44.76
N VAL E 171 16.08 -3.05 -44.95
CA VAL E 171 16.60 -1.79 -45.46
C VAL E 171 17.17 -0.88 -44.35
N GLN E 172 18.48 -0.98 -44.10
CA GLN E 172 19.15 -0.14 -43.10
C GLN E 172 20.48 0.52 -43.55
N PRO E 173 20.71 0.92 -44.84
CA PRO E 173 22.01 1.53 -45.18
C PRO E 173 22.18 2.92 -44.55
N ASN E 174 21.07 3.52 -44.09
CA ASN E 174 20.95 4.82 -43.44
C ASN E 174 19.54 5.00 -42.84
N GLN E 175 19.04 3.98 -42.12
CA GLN E 175 17.73 3.98 -41.45
C GLN E 175 17.87 3.61 -39.97
N ASN E 176 19.08 3.20 -39.56
CA ASN E 176 19.41 2.84 -38.18
C ASN E 176 19.61 4.07 -37.27
N GLU E 177 19.78 5.27 -37.87
CA GLU E 177 19.99 6.51 -37.12
C GLU E 177 18.73 7.31 -36.80
N PHE E 178 18.35 7.27 -35.51
CA PHE E 178 17.20 7.96 -34.92
C PHE E 178 17.67 9.16 -34.11
N SER E 179 17.00 10.30 -34.29
CA SER E 179 17.29 11.53 -33.55
C SER E 179 16.74 11.36 -32.13
N ARG E 180 17.55 11.71 -31.09
CA ARG E 180 17.12 11.56 -29.70
C ARG E 180 17.51 12.74 -28.81
N ILE E 181 16.52 13.22 -28.03
CA ILE E 181 16.65 14.31 -27.05
C ILE E 181 17.13 13.65 -25.73
N THR E 182 18.14 14.24 -25.07
CA THR E 182 18.70 13.75 -23.81
C THR E 182 18.73 14.88 -22.78
N VAL E 183 17.63 15.02 -22.02
CA VAL E 183 17.45 16.04 -20.99
C VAL E 183 17.94 15.49 -19.65
N ARG E 184 18.87 16.20 -18.98
CA ARG E 184 19.40 15.78 -17.68
C ARG E 184 19.55 16.91 -16.64
N ILE E 185 18.57 17.00 -15.71
CA ILE E 185 18.54 17.98 -14.63
C ILE E 185 19.31 17.41 -13.44
N ASP E 186 20.16 18.23 -12.83
CA ASP E 186 20.97 17.83 -11.67
C ASP E 186 20.40 18.37 -10.37
N ALA E 187 20.58 17.61 -9.27
CA ALA E 187 20.11 17.95 -7.93
C ALA E 187 20.92 17.30 -6.81
N VAL E 188 20.96 17.96 -5.64
CA VAL E 188 21.67 17.48 -4.46
C VAL E 188 20.71 17.49 -3.28
N ARG E 189 20.54 16.32 -2.64
CA ARG E 189 19.67 16.11 -1.49
C ARG E 189 20.16 16.92 -0.29
N ASN E 190 19.23 17.62 0.38
CA ASN E 190 19.56 18.42 1.55
C ASN E 190 19.75 17.56 2.79
N TYR E 191 20.92 17.65 3.40
CA TYR E 191 21.30 16.91 4.61
C TYR E 191 20.62 17.49 5.84
N PHE E 192 20.26 18.80 5.77
CA PHE E 192 19.62 19.64 6.80
C PHE E 192 18.86 18.87 7.90
N SER E 193 17.86 18.05 7.53
CA SER E 193 17.09 17.31 8.52
C SER E 193 17.59 15.89 8.79
N TYR E 194 18.39 15.32 7.88
CA TYR E 194 18.91 13.95 8.04
C TYR E 194 19.91 13.73 9.18
N ILE E 195 20.57 14.80 9.67
CA ILE E 195 21.51 14.69 10.77
C ILE E 195 20.81 14.71 12.14
N PRO E 196 19.94 15.70 12.46
CA PRO E 196 19.29 15.69 13.80
C PRO E 196 18.10 14.73 13.93
N ASN E 197 17.78 14.00 12.88
CA ASN E 197 16.67 13.05 12.94
C ASN E 197 17.13 11.61 12.83
N ILE E 198 18.21 11.34 12.04
CA ILE E 198 18.76 9.99 11.82
C ILE E 198 20.17 9.78 12.40
N ILE E 199 21.17 10.51 11.86
CA ILE E 199 22.58 10.38 12.24
C ILE E 199 22.87 10.63 13.72
N LEU E 200 22.60 11.85 14.22
CA LEU E 200 22.82 12.22 15.62
C LEU E 200 22.17 11.30 16.66
N PRO E 201 20.84 10.97 16.62
CA PRO E 201 20.29 10.07 17.65
C PRO E 201 20.81 8.63 17.58
N MET E 202 21.21 8.15 16.38
CA MET E 202 21.78 6.81 16.20
C MET E 202 23.17 6.72 16.83
N LEU E 203 23.83 7.87 17.00
CA LEU E 203 25.14 7.95 17.59
C LEU E 203 25.07 7.98 19.10
N PHE E 204 24.14 8.79 19.69
CA PHE E 204 23.94 8.90 21.14
C PHE E 204 23.69 7.53 21.78
N ILE E 205 22.81 6.71 21.16
CA ILE E 205 22.46 5.34 21.64
C ILE E 205 23.69 4.45 21.73
N LEU E 206 24.63 4.60 20.77
CA LEU E 206 25.89 3.86 20.70
C LEU E 206 26.87 4.32 21.80
N PHE E 207 26.88 5.62 22.15
CA PHE E 207 27.75 6.17 23.20
C PHE E 207 27.22 5.84 24.60
N ILE E 208 25.89 5.66 24.72
CA ILE E 208 25.22 5.28 25.97
C ILE E 208 25.71 3.87 26.35
N SER E 209 26.02 3.01 25.35
CA SER E 209 26.57 1.67 25.55
C SER E 209 28.00 1.79 26.11
N TRP E 210 28.72 2.85 25.70
CA TRP E 210 30.10 3.10 26.13
C TRP E 210 30.23 3.54 27.58
N THR E 211 29.11 3.86 28.26
CA THR E 211 29.14 4.25 29.68
C THR E 211 29.45 3.08 30.62
N ALA E 212 29.58 1.86 30.07
CA ALA E 212 29.94 0.65 30.80
C ALA E 212 31.47 0.56 30.95
N PHE E 213 32.21 1.52 30.37
CA PHE E 213 33.66 1.61 30.44
C PHE E 213 34.13 2.44 31.65
N TRP E 214 33.22 2.64 32.61
CA TRP E 214 33.45 3.35 33.86
C TRP E 214 32.82 2.52 35.00
N SER E 215 31.66 1.90 34.72
CA SER E 215 30.92 1.07 35.64
C SER E 215 31.67 -0.24 35.92
N THR E 216 31.72 -0.64 37.19
CA THR E 216 32.39 -1.85 37.66
C THR E 216 31.41 -3.04 37.78
N SER E 217 30.11 -2.76 38.00
CA SER E 217 29.02 -3.73 38.15
C SER E 217 28.62 -4.35 36.81
N TYR E 218 28.91 -5.64 36.65
CA TYR E 218 28.60 -6.42 35.45
C TYR E 218 27.09 -6.49 35.17
N GLU E 219 26.27 -6.62 36.24
CA GLU E 219 24.80 -6.68 36.15
C GLU E 219 24.24 -5.40 35.54
N ALA E 220 24.83 -4.24 35.90
CA ALA E 220 24.47 -2.93 35.38
C ALA E 220 25.05 -2.72 33.97
N ASN E 221 26.24 -3.33 33.69
CA ASN E 221 26.96 -3.25 32.41
C ASN E 221 26.19 -3.95 31.28
N VAL E 222 25.64 -5.14 31.58
CA VAL E 222 24.85 -5.97 30.66
C VAL E 222 23.62 -5.17 30.22
N THR E 223 22.87 -4.61 31.19
CA THR E 223 21.68 -3.79 30.97
C THR E 223 21.97 -2.63 29.99
N LEU E 224 23.17 -2.03 30.08
CA LEU E 224 23.61 -0.93 29.20
C LEU E 224 23.78 -1.41 27.77
N VAL E 225 24.81 -2.24 27.50
CA VAL E 225 25.18 -2.76 26.17
C VAL E 225 24.09 -3.57 25.46
N VAL E 226 23.35 -4.43 26.19
CA VAL E 226 22.29 -5.25 25.59
C VAL E 226 21.09 -4.41 25.18
N SER E 227 20.58 -3.56 26.10
CA SER E 227 19.42 -2.70 25.84
C SER E 227 19.64 -1.62 24.79
N THR E 228 20.86 -1.04 24.71
CA THR E 228 21.21 -0.02 23.70
C THR E 228 21.18 -0.60 22.31
N LEU E 229 21.54 -1.89 22.19
CA LEU E 229 21.50 -2.64 20.94
C LEU E 229 20.05 -2.84 20.53
N ILE E 230 19.14 -3.03 21.51
CA ILE E 230 17.71 -3.13 21.27
C ILE E 230 17.21 -1.77 20.75
N ALA E 231 17.61 -0.67 21.42
CA ALA E 231 17.28 0.71 21.06
C ALA E 231 17.77 1.05 19.65
N HIS E 232 18.99 0.60 19.30
CA HIS E 232 19.62 0.80 17.98
C HIS E 232 18.83 0.13 16.87
N ILE E 233 18.41 -1.11 17.11
CA ILE E 233 17.62 -1.88 16.16
C ILE E 233 16.23 -1.23 16.06
N ALA E 234 15.65 -0.83 17.20
CA ALA E 234 14.36 -0.16 17.28
C ALA E 234 14.35 1.14 16.52
N PHE E 235 15.42 1.94 16.68
CA PHE E 235 15.60 3.23 16.01
C PHE E 235 15.85 3.03 14.52
N ASN E 236 16.52 1.93 14.14
CA ASN E 236 16.78 1.58 12.74
C ASN E 236 15.46 1.18 12.05
N ILE E 237 14.48 0.70 12.83
CA ILE E 237 13.15 0.33 12.34
C ILE E 237 12.35 1.60 12.00
N LEU E 238 12.38 2.58 12.92
CA LEU E 238 11.75 3.90 12.80
C LEU E 238 12.28 4.61 11.53
N VAL E 239 13.61 4.68 11.40
CA VAL E 239 14.34 5.32 10.29
C VAL E 239 14.05 4.64 8.95
N GLU E 240 14.37 3.32 8.83
CA GLU E 240 14.23 2.44 7.65
C GLU E 240 13.57 3.01 6.39
N THR E 241 12.38 3.61 6.53
CA THR E 241 11.62 4.24 5.44
C THR E 241 12.41 5.39 4.79
N ASN E 242 13.06 6.24 5.62
CA ASN E 242 13.91 7.38 5.20
C ASN E 242 15.23 6.88 4.60
N LEU E 243 15.76 5.75 5.11
CA LEU E 243 17.00 5.08 4.71
C LEU E 243 16.87 4.46 3.28
N PRO E 244 17.81 4.72 2.34
CA PRO E 244 17.71 4.09 1.01
C PRO E 244 18.34 2.70 0.99
N LYS E 245 17.55 1.69 0.63
CA LYS E 245 18.13 0.35 0.61
C LYS E 245 18.29 -0.21 -0.78
N THR E 246 19.55 -0.41 -1.17
CA THR E 246 19.97 -0.88 -2.49
C THR E 246 20.77 -2.20 -2.44
N PRO E 247 20.92 -2.94 -3.59
CA PRO E 247 21.67 -4.20 -3.56
C PRO E 247 23.18 -4.08 -3.33
N TYR E 248 23.73 -2.86 -3.33
CA TYR E 248 25.16 -2.62 -3.08
C TYR E 248 25.42 -2.06 -1.67
N MET E 249 26.70 -1.98 -1.27
CA MET E 249 27.09 -1.44 0.02
C MET E 249 27.16 0.09 -0.03
N THR E 250 26.63 0.75 1.01
CA THR E 250 26.57 2.20 1.14
C THR E 250 27.41 2.69 2.31
N TYR E 251 27.71 4.01 2.35
CA TYR E 251 28.48 4.65 3.43
C TYR E 251 27.68 4.61 4.71
N THR E 252 26.36 4.83 4.61
CA THR E 252 25.41 4.79 5.72
C THR E 252 25.31 3.35 6.25
N GLY E 253 25.13 2.39 5.32
CA GLY E 253 25.05 0.96 5.61
C GLY E 253 26.33 0.38 6.20
N ALA E 254 27.49 0.92 5.77
CA ALA E 254 28.80 0.52 6.27
C ALA E 254 28.93 0.95 7.72
N ILE E 255 28.55 2.22 8.03
CA ILE E 255 28.54 2.78 9.38
C ILE E 255 27.55 1.98 10.24
N ILE E 256 26.32 1.75 9.72
CA ILE E 256 25.27 0.97 10.37
C ILE E 256 25.74 -0.44 10.76
N PHE E 257 26.44 -1.13 9.84
CA PHE E 257 27.00 -2.47 10.12
C PHE E 257 28.17 -2.38 11.13
N MET E 258 28.99 -1.32 11.02
CA MET E 258 30.11 -1.04 11.93
C MET E 258 29.60 -0.87 13.38
N ILE E 259 28.46 -0.15 13.55
CA ILE E 259 27.79 0.06 14.84
C ILE E 259 27.41 -1.29 15.48
N TYR E 260 26.90 -2.25 14.67
CA TYR E 260 26.52 -3.60 15.14
C TYR E 260 27.71 -4.37 15.75
N LEU E 261 28.93 -4.15 15.23
CA LEU E 261 30.14 -4.78 15.74
C LEU E 261 30.56 -4.12 17.04
N PHE E 262 30.56 -2.77 17.08
CA PHE E 262 30.89 -1.94 18.25
C PHE E 262 30.02 -2.20 19.51
N TYR E 263 28.91 -2.92 19.32
CA TYR E 263 28.04 -3.37 20.39
C TYR E 263 28.55 -4.74 20.81
N PHE E 264 28.73 -5.66 19.83
CA PHE E 264 29.23 -7.01 20.02
C PHE E 264 30.61 -7.02 20.68
N VAL E 265 31.51 -6.13 20.23
CA VAL E 265 32.86 -5.97 20.77
C VAL E 265 32.80 -5.47 22.22
N ALA E 266 31.92 -4.48 22.49
CA ALA E 266 31.72 -3.92 23.83
C ALA E 266 31.20 -4.98 24.80
N VAL E 267 30.33 -5.89 24.31
CA VAL E 267 29.77 -7.01 25.08
C VAL E 267 30.93 -7.91 25.52
N ILE E 268 31.87 -8.18 24.60
CA ILE E 268 33.06 -8.99 24.84
C ILE E 268 33.91 -8.35 25.95
N GLU E 269 34.20 -7.03 25.82
CA GLU E 269 34.96 -6.24 26.79
C GLU E 269 34.38 -6.36 28.20
N VAL E 270 33.05 -6.12 28.33
CA VAL E 270 32.30 -6.17 29.57
C VAL E 270 32.36 -7.57 30.21
N THR E 271 32.26 -8.64 29.37
CA THR E 271 32.34 -10.05 29.79
C THR E 271 33.77 -10.40 30.24
N VAL E 272 34.79 -9.82 29.57
CA VAL E 272 36.22 -10.00 29.86
C VAL E 272 36.54 -9.38 31.22
N GLN E 273 36.02 -8.15 31.46
CA GLN E 273 36.13 -7.38 32.70
C GLN E 273 35.59 -8.24 33.86
N HIS E 274 34.47 -8.97 33.61
CA HIS E 274 33.83 -9.85 34.58
C HIS E 274 34.64 -11.09 34.90
N TYR E 275 34.96 -11.93 33.87
CA TYR E 275 35.73 -13.17 34.08
C TYR E 275 37.09 -13.00 34.71
N LEU E 276 37.73 -11.84 34.48
CA LEU E 276 39.01 -11.50 35.09
C LEU E 276 38.85 -11.26 36.60
N LYS E 277 37.78 -10.54 37.00
CA LYS E 277 37.44 -10.25 38.39
C LYS E 277 37.04 -11.55 39.12
N VAL E 278 36.37 -12.48 38.40
CA VAL E 278 35.93 -13.78 38.89
C VAL E 278 37.16 -14.65 39.17
N GLU E 279 38.08 -14.73 38.20
CA GLU E 279 39.30 -15.51 38.33
C GLU E 279 40.43 -14.72 39.00
N SER E 280 40.10 -14.04 40.11
CA SER E 280 40.98 -13.25 40.98
C SER E 280 42.09 -12.43 40.31
N GLN E 281 41.84 -11.95 39.07
CA GLN E 281 42.80 -11.14 38.33
C GLN E 281 42.11 -9.80 37.96
N PRO E 282 41.82 -8.91 38.94
CA PRO E 282 41.13 -7.67 38.58
C PRO E 282 42.06 -6.56 38.10
N ALA E 283 43.38 -6.74 38.28
CA ALA E 283 44.41 -5.79 37.85
C ALA E 283 44.32 -5.61 36.34
N ARG E 284 44.10 -6.73 35.60
CA ARG E 284 43.94 -6.74 34.15
C ARG E 284 42.62 -6.06 33.79
N ALA E 285 41.52 -6.47 34.44
CA ALA E 285 40.17 -5.95 34.24
C ALA E 285 40.10 -4.44 34.43
N ALA E 286 40.85 -3.90 35.40
CA ALA E 286 40.93 -2.48 35.72
C ALA E 286 41.51 -1.69 34.55
N SER E 287 42.61 -2.19 33.96
CA SER E 287 43.25 -1.55 32.83
C SER E 287 42.49 -1.83 31.54
N ILE E 288 41.83 -3.00 31.44
CA ILE E 288 41.04 -3.42 30.28
C ILE E 288 39.88 -2.45 30.03
N THR E 289 39.22 -2.00 31.11
CA THR E 289 38.09 -1.07 31.08
C THR E 289 38.59 0.34 30.71
N ARG E 290 39.68 0.80 31.40
CA ARG E 290 40.32 2.09 31.16
C ARG E 290 40.83 2.22 29.74
N ALA E 291 41.28 1.09 29.15
CA ALA E 291 41.79 1.04 27.78
C ALA E 291 40.67 1.34 26.80
N SER E 292 39.61 0.50 26.80
CA SER E 292 38.45 0.62 25.94
C SER E 292 37.66 1.92 26.13
N ARG E 293 37.89 2.60 27.27
CA ARG E 293 37.28 3.88 27.61
C ARG E 293 37.84 5.00 26.72
N ILE E 294 39.06 4.81 26.21
CA ILE E 294 39.78 5.74 25.32
C ILE E 294 39.87 5.14 23.91
N ALA E 295 40.08 3.81 23.82
CA ALA E 295 40.21 3.07 22.57
C ALA E 295 38.96 3.11 21.69
N PHE E 296 37.81 2.61 22.19
CA PHE E 296 36.52 2.59 21.48
C PHE E 296 36.17 3.90 20.77
N PRO E 297 36.18 5.07 21.45
CA PRO E 297 35.88 6.33 20.74
C PRO E 297 36.91 6.71 19.67
N VAL E 298 38.19 6.38 19.88
CA VAL E 298 39.29 6.63 18.96
C VAL E 298 39.18 5.71 17.73
N VAL E 299 38.96 4.39 17.96
CA VAL E 299 38.82 3.36 16.93
C VAL E 299 37.65 3.64 15.98
N PHE E 300 36.49 4.03 16.53
CA PHE E 300 35.28 4.36 15.78
C PHE E 300 35.50 5.61 14.92
N LEU E 301 36.26 6.59 15.45
CA LEU E 301 36.61 7.83 14.77
C LEU E 301 37.56 7.54 13.60
N LEU E 302 38.57 6.65 13.82
CA LEU E 302 39.54 6.23 12.82
C LEU E 302 38.82 5.56 11.66
N ALA E 303 38.00 4.53 11.98
CA ALA E 303 37.22 3.74 11.04
C ALA E 303 36.17 4.56 10.27
N ASN E 304 35.57 5.59 10.89
CA ASN E 304 34.59 6.47 10.23
C ASN E 304 35.31 7.37 9.22
N ILE E 305 36.55 7.76 9.54
CA ILE E 305 37.43 8.53 8.67
C ILE E 305 37.92 7.62 7.55
N ILE E 306 38.21 6.34 7.87
CA ILE E 306 38.64 5.31 6.90
C ILE E 306 37.55 5.12 5.84
N LEU E 307 36.27 4.94 6.27
CA LEU E 307 35.12 4.77 5.39
C LEU E 307 34.94 5.99 4.51
N ALA E 308 34.97 7.18 5.12
CA ALA E 308 34.86 8.46 4.42
C ALA E 308 36.00 8.64 3.40
N PHE E 309 37.21 8.15 3.73
CA PHE E 309 38.38 8.21 2.85
C PHE E 309 38.21 7.31 1.62
N LEU E 310 37.45 6.20 1.77
CA LEU E 310 37.18 5.23 0.71
C LEU E 310 36.04 5.69 -0.22
N PHE E 311 34.95 6.22 0.36
CA PHE E 311 33.79 6.70 -0.38
C PHE E 311 34.00 8.06 -1.03
N PHE E 312 34.91 8.88 -0.46
CA PHE E 312 35.20 10.23 -0.91
C PHE E 312 36.72 10.44 -0.99
#